data_1H3H
#
_entry.id   1H3H
#
_cell.length_a   1.000
_cell.length_b   1.000
_cell.length_c   1.000
_cell.angle_alpha   90.00
_cell.angle_beta   90.00
_cell.angle_gamma   90.00
#
_symmetry.space_group_name_H-M   'P 1'
#
loop_
_entity.id
_entity.type
_entity.pdbx_description
1 polymer 'GRB2-RELATED ADAPTOR PROTEIN 2'
2 polymer 'LYMPHOCYTE CYTOSOLIC PROTEIN 2'
#
loop_
_entity_poly.entity_id
_entity_poly.type
_entity_poly.pdbx_seq_one_letter_code
_entity_poly.pdbx_strand_id
1 'polypeptide(L)' GRVRWARALYDFEALEEDELGFRSGEVVEVLDSSNPSWWTGRLHNKLGLFPANYVAPMMR A
2 'polypeptide(L)' APSIDRSTKPA B
#
# COMPACT_ATOMS: atom_id res chain seq x y z
N GLY A 1 -9.62 5.66 -15.71
CA GLY A 1 -9.68 5.96 -14.26
C GLY A 1 -8.32 6.26 -13.67
N ARG A 2 -8.28 6.45 -12.36
CA ARG A 2 -7.03 6.75 -11.68
C ARG A 2 -6.95 6.03 -10.33
N VAL A 3 -6.27 4.90 -10.31
CA VAL A 3 -6.11 4.11 -9.10
C VAL A 3 -5.26 4.87 -8.07
N ARG A 4 -5.78 4.97 -6.84
CA ARG A 4 -5.08 5.68 -5.79
C ARG A 4 -5.55 5.22 -4.40
N TRP A 5 -5.81 3.93 -4.26
CA TRP A 5 -6.27 3.36 -2.99
C TRP A 5 -5.62 2.01 -2.75
N ALA A 6 -5.55 1.60 -1.49
CA ALA A 6 -4.96 0.33 -1.16
C ALA A 6 -5.93 -0.51 -0.34
N ARG A 7 -6.53 -1.51 -0.99
CA ARG A 7 -7.46 -2.39 -0.29
C ARG A 7 -6.78 -3.72 -0.03
N ALA A 8 -6.48 -3.96 1.24
CA ALA A 8 -5.80 -5.17 1.65
C ALA A 8 -6.73 -6.36 1.74
N LEU A 9 -6.45 -7.38 0.92
CA LEU A 9 -7.22 -8.60 0.92
C LEU A 9 -6.64 -9.55 1.96
N TYR A 10 -5.40 -9.25 2.35
CA TYR A 10 -4.67 -10.02 3.33
C TYR A 10 -3.96 -9.07 4.29
N ASP A 11 -3.26 -9.62 5.28
CA ASP A 11 -2.54 -8.81 6.26
C ASP A 11 -1.62 -7.79 5.57
N PHE A 12 -0.86 -7.06 6.37
CA PHE A 12 0.03 -6.04 5.85
C PHE A 12 1.49 -6.50 5.81
N GLU A 13 2.23 -6.03 4.80
CA GLU A 13 3.63 -6.39 4.64
C GLU A 13 4.56 -5.30 5.17
N ALA A 14 3.99 -4.33 5.87
CA ALA A 14 4.79 -3.24 6.41
C ALA A 14 5.69 -3.72 7.54
N LEU A 15 6.98 -3.89 7.23
CA LEU A 15 7.95 -4.34 8.21
C LEU A 15 8.83 -3.18 8.68
N GLU A 16 8.76 -2.08 7.93
CA GLU A 16 9.55 -0.89 8.26
C GLU A 16 8.73 0.09 9.08
N GLU A 17 9.39 1.12 9.61
CA GLU A 17 8.72 2.13 10.42
C GLU A 17 8.13 3.22 9.54
N ASP A 18 8.82 3.52 8.44
CA ASP A 18 8.35 4.55 7.51
C ASP A 18 7.22 4.02 6.63
N GLU A 19 6.73 2.83 6.95
CA GLU A 19 5.67 2.21 6.19
C GLU A 19 4.35 2.25 6.94
N LEU A 20 3.32 1.65 6.34
CA LEU A 20 1.99 1.60 6.92
C LEU A 20 1.42 0.19 6.81
N GLY A 21 0.75 -0.25 7.86
CA GLY A 21 0.19 -1.59 7.87
C GLY A 21 -1.33 -1.62 7.94
N PHE A 22 -1.94 -2.41 7.06
CA PHE A 22 -3.38 -2.57 7.03
C PHE A 22 -3.76 -4.00 7.35
N ARG A 23 -5.05 -4.29 7.36
CA ARG A 23 -5.52 -5.63 7.64
C ARG A 23 -6.52 -6.12 6.60
N SER A 24 -6.92 -7.38 6.71
CA SER A 24 -7.88 -7.99 5.79
C SER A 24 -9.11 -7.11 5.60
N GLY A 25 -9.52 -6.97 4.34
CA GLY A 25 -10.70 -6.17 4.02
C GLY A 25 -10.62 -4.75 4.55
N GLU A 26 -9.59 -4.01 4.15
CA GLU A 26 -9.41 -2.64 4.60
C GLU A 26 -9.23 -1.68 3.42
N VAL A 27 -9.67 -0.44 3.62
CA VAL A 27 -9.55 0.58 2.57
C VAL A 27 -8.54 1.64 2.97
N VAL A 28 -7.63 1.95 2.06
CA VAL A 28 -6.59 2.95 2.32
C VAL A 28 -6.52 3.98 1.20
N GLU A 29 -6.28 5.24 1.57
CA GLU A 29 -6.18 6.32 0.58
C GLU A 29 -4.71 6.53 0.18
N VAL A 30 -4.39 6.22 -1.07
CA VAL A 30 -3.03 6.37 -1.57
C VAL A 30 -2.74 7.82 -1.95
N LEU A 31 -1.56 8.29 -1.57
CA LEU A 31 -1.14 9.66 -1.86
C LEU A 31 -0.18 9.72 -3.04
N ASP A 32 0.51 8.60 -3.29
CA ASP A 32 1.46 8.54 -4.40
C ASP A 32 1.62 7.11 -4.92
N SER A 33 0.84 6.79 -5.95
CA SER A 33 0.88 5.47 -6.57
C SER A 33 1.97 5.41 -7.62
N SER A 34 2.75 6.47 -7.73
CA SER A 34 3.83 6.46 -8.70
C SER A 34 4.98 5.65 -8.13
N ASN A 35 5.23 4.52 -8.78
CA ASN A 35 6.28 3.57 -8.40
C ASN A 35 5.96 2.21 -9.02
N PRO A 36 6.98 1.37 -9.23
CA PRO A 36 6.77 0.06 -9.85
C PRO A 36 6.51 -1.06 -8.84
N SER A 37 6.25 -0.70 -7.58
CA SER A 37 6.00 -1.71 -6.55
C SER A 37 5.50 -1.09 -5.24
N TRP A 38 6.35 -0.30 -4.60
CA TRP A 38 6.00 0.32 -3.33
C TRP A 38 5.49 1.75 -3.52
N TRP A 39 4.24 1.99 -3.09
CA TRP A 39 3.66 3.32 -3.19
C TRP A 39 3.49 3.93 -1.80
N THR A 40 3.60 5.25 -1.71
CA THR A 40 3.43 5.95 -0.44
C THR A 40 1.99 6.39 -0.24
N GLY A 41 1.36 5.88 0.81
CA GLY A 41 -0.02 6.24 1.10
C GLY A 41 -0.28 6.38 2.60
N ARG A 42 -1.55 6.43 2.99
CA ARG A 42 -1.90 6.57 4.40
C ARG A 42 -3.25 5.93 4.71
N LEU A 43 -3.29 5.18 5.82
CA LEU A 43 -4.51 4.52 6.27
C LEU A 43 -5.18 5.34 7.36
N HIS A 44 -6.37 5.87 7.07
CA HIS A 44 -7.11 6.68 8.02
C HIS A 44 -6.36 7.97 8.33
N ASN A 45 -5.42 7.90 9.28
CA ASN A 45 -4.63 9.07 9.65
C ASN A 45 -3.16 8.70 9.84
N LYS A 46 -2.81 7.47 9.49
CA LYS A 46 -1.43 7.00 9.59
C LYS A 46 -0.77 7.04 8.23
N LEU A 47 0.41 7.64 8.16
CA LEU A 47 1.14 7.74 6.89
C LEU A 47 2.29 6.74 6.82
N GLY A 48 2.38 6.06 5.68
CA GLY A 48 3.44 5.08 5.49
C GLY A 48 3.34 4.38 4.14
N LEU A 49 4.43 3.75 3.72
CA LEU A 49 4.46 3.04 2.45
C LEU A 49 3.77 1.68 2.56
N PHE A 50 3.30 1.16 1.44
CA PHE A 50 2.61 -0.13 1.44
C PHE A 50 2.93 -0.93 0.18
N PRO A 51 2.70 -2.27 0.21
CA PRO A 51 2.94 -3.15 -0.93
C PRO A 51 1.83 -3.10 -1.97
N ALA A 52 2.08 -2.44 -3.10
CA ALA A 52 1.08 -2.33 -4.15
C ALA A 52 0.81 -3.69 -4.78
N ASN A 53 1.64 -4.67 -4.45
CA ASN A 53 1.50 -6.02 -4.98
C ASN A 53 0.60 -6.85 -4.07
N TYR A 54 0.69 -6.61 -2.77
CA TYR A 54 -0.11 -7.34 -1.80
C TYR A 54 -1.57 -6.92 -1.87
N VAL A 55 -1.80 -5.62 -2.01
CA VAL A 55 -3.17 -5.10 -2.08
C VAL A 55 -3.39 -4.31 -3.37
N ALA A 56 -4.66 -4.19 -3.77
CA ALA A 56 -5.00 -3.46 -4.99
C ALA A 56 -5.99 -2.33 -4.72
N PRO A 57 -5.95 -1.26 -5.53
CA PRO A 57 -6.84 -0.10 -5.36
C PRO A 57 -8.31 -0.44 -5.44
N MET A 58 -9.13 0.59 -5.32
CA MET A 58 -10.57 0.45 -5.34
C MET A 58 -11.21 1.66 -6.01
N MET A 59 -11.57 1.53 -7.28
CA MET A 59 -12.19 2.62 -8.02
C MET A 59 -13.64 2.81 -7.60
N ARG A 60 -13.89 3.87 -6.84
CA ARG A 60 -15.25 4.17 -6.37
C ARG A 60 -15.74 5.50 -6.93
N ALA B 1 -0.17 -15.82 -3.97
CA ALA B 1 0.54 -15.12 -2.87
C ALA B 1 1.41 -13.98 -3.40
N PRO B 2 0.95 -12.73 -3.27
CA PRO B 2 1.70 -11.56 -3.74
C PRO B 2 2.99 -11.34 -2.97
N SER B 3 4.11 -11.29 -3.69
CA SER B 3 5.42 -11.08 -3.08
C SER B 3 5.93 -9.68 -3.36
N ILE B 4 6.20 -8.96 -2.28
CA ILE B 4 6.71 -7.59 -2.39
C ILE B 4 8.12 -7.48 -1.84
N ASP B 5 8.97 -6.75 -2.56
CA ASP B 5 10.36 -6.55 -2.16
C ASP B 5 10.57 -5.11 -1.71
N ARG B 6 11.09 -4.95 -0.49
CA ARG B 6 11.33 -3.61 0.07
C ARG B 6 12.56 -2.97 -0.57
N SER B 7 13.26 -3.72 -1.42
CA SER B 7 14.44 -3.22 -2.09
C SER B 7 14.09 -2.26 -3.23
N THR B 8 12.79 -2.01 -3.40
CA THR B 8 12.34 -1.11 -4.46
C THR B 8 11.39 -0.04 -3.91
N LYS B 9 11.54 0.28 -2.63
CA LYS B 9 10.71 1.30 -1.98
C LYS B 9 10.80 2.63 -2.72
N PRO B 10 9.82 3.53 -2.51
CA PRO B 10 9.80 4.84 -3.17
C PRO B 10 11.15 5.55 -3.09
N ALA B 11 11.90 5.48 -4.18
CA ALA B 11 13.21 6.11 -4.25
C ALA B 11 13.45 6.74 -5.61
N GLY A 1 -11.42 5.16 -13.13
CA GLY A 1 -10.38 6.10 -13.63
C GLY A 1 -9.53 6.66 -12.51
N ARG A 2 -8.23 6.71 -12.74
CA ARG A 2 -7.28 7.23 -11.76
C ARG A 2 -7.35 6.45 -10.46
N VAL A 3 -6.53 5.42 -10.38
CA VAL A 3 -6.47 4.57 -9.20
C VAL A 3 -5.45 5.11 -8.19
N ARG A 4 -5.85 5.17 -6.93
CA ARG A 4 -4.96 5.69 -5.89
C ARG A 4 -5.41 5.24 -4.50
N TRP A 5 -5.70 3.94 -4.35
CA TRP A 5 -6.14 3.39 -3.07
C TRP A 5 -5.49 2.05 -2.81
N ALA A 6 -5.41 1.65 -1.56
CA ALA A 6 -4.81 0.38 -1.21
C ALA A 6 -5.80 -0.46 -0.41
N ARG A 7 -6.39 -1.46 -1.06
CA ARG A 7 -7.33 -2.33 -0.38
C ARG A 7 -6.66 -3.66 -0.10
N ALA A 8 -6.39 -3.90 1.18
CA ALA A 8 -5.72 -5.11 1.62
C ALA A 8 -6.67 -6.30 1.64
N LEU A 9 -6.33 -7.32 0.87
CA LEU A 9 -7.12 -8.55 0.82
C LEU A 9 -6.58 -9.51 1.87
N TYR A 10 -5.33 -9.26 2.26
CA TYR A 10 -4.64 -10.06 3.26
C TYR A 10 -3.87 -9.13 4.19
N ASP A 11 -3.19 -9.69 5.19
CA ASP A 11 -2.41 -8.91 6.14
C ASP A 11 -1.52 -7.87 5.44
N PHE A 12 -0.80 -7.09 6.24
CA PHE A 12 0.07 -6.05 5.69
C PHE A 12 1.54 -6.48 5.68
N GLU A 13 2.26 -5.99 4.68
CA GLU A 13 3.68 -6.31 4.53
C GLU A 13 4.56 -5.20 5.09
N ALA A 14 3.95 -4.25 5.79
CA ALA A 14 4.70 -3.14 6.36
C ALA A 14 5.56 -3.61 7.52
N LEU A 15 6.85 -3.74 7.28
CA LEU A 15 7.79 -4.18 8.31
C LEU A 15 8.73 -3.04 8.70
N GLU A 16 8.66 -1.94 7.95
CA GLU A 16 9.51 -0.79 8.24
C GLU A 16 8.79 0.24 9.12
N GLU A 17 9.53 1.24 9.59
CA GLU A 17 8.96 2.27 10.45
C GLU A 17 8.23 3.33 9.62
N ASP A 18 8.78 3.66 8.46
CA ASP A 18 8.17 4.65 7.57
C ASP A 18 7.13 4.00 6.69
N GLU A 19 6.63 2.85 7.12
CA GLU A 19 5.63 2.11 6.38
C GLU A 19 4.30 2.08 7.11
N LEU A 20 3.24 1.74 6.39
CA LEU A 20 1.91 1.66 6.97
C LEU A 20 1.36 0.25 6.84
N GLY A 21 0.72 -0.23 7.89
CA GLY A 21 0.17 -1.57 7.87
C GLY A 21 -1.34 -1.61 7.95
N PHE A 22 -1.95 -2.38 7.05
CA PHE A 22 -3.40 -2.53 7.01
C PHE A 22 -3.80 -3.95 7.36
N ARG A 23 -5.09 -4.23 7.29
CA ARG A 23 -5.61 -5.56 7.60
C ARG A 23 -6.52 -6.06 6.47
N SER A 24 -6.86 -7.34 6.52
CA SER A 24 -7.73 -7.94 5.51
C SER A 24 -9.02 -7.14 5.36
N GLY A 25 -9.45 -6.97 4.11
CA GLY A 25 -10.67 -6.23 3.82
C GLY A 25 -10.64 -4.82 4.39
N GLU A 26 -9.67 -4.02 3.94
CA GLU A 26 -9.54 -2.65 4.40
C GLU A 26 -9.29 -1.68 3.25
N VAL A 27 -9.76 -0.45 3.40
CA VAL A 27 -9.60 0.56 2.37
C VAL A 27 -8.61 1.64 2.82
N VAL A 28 -7.66 1.96 1.95
CA VAL A 28 -6.64 2.96 2.24
C VAL A 28 -6.54 3.99 1.12
N GLU A 29 -6.29 5.25 1.48
CA GLU A 29 -6.15 6.30 0.49
C GLU A 29 -4.68 6.48 0.12
N VAL A 30 -4.33 6.14 -1.13
CA VAL A 30 -2.96 6.25 -1.60
C VAL A 30 -2.63 7.69 -1.99
N LEU A 31 -1.44 8.12 -1.63
CA LEU A 31 -0.99 9.48 -1.93
C LEU A 31 -0.05 9.50 -3.13
N ASP A 32 0.66 8.40 -3.35
CA ASP A 32 1.59 8.30 -4.46
C ASP A 32 1.68 6.87 -4.98
N SER A 33 0.88 6.56 -6.00
CA SER A 33 0.87 5.24 -6.61
C SER A 33 1.93 5.12 -7.68
N SER A 34 2.69 6.19 -7.88
CA SER A 34 3.75 6.12 -8.86
C SER A 34 4.91 5.35 -8.27
N ASN A 35 5.17 4.19 -8.84
CA ASN A 35 6.23 3.29 -8.41
C ASN A 35 5.97 1.91 -9.02
N PRO A 36 6.98 1.04 -9.08
CA PRO A 36 6.82 -0.29 -9.67
C PRO A 36 6.48 -1.38 -8.66
N SER A 37 6.27 -1.03 -7.39
CA SER A 37 5.94 -2.04 -6.39
C SER A 37 5.54 -1.43 -5.05
N TRP A 38 6.25 -0.41 -4.61
CA TRP A 38 5.96 0.23 -3.32
C TRP A 38 5.41 1.64 -3.50
N TRP A 39 4.14 1.83 -3.12
CA TRP A 39 3.52 3.14 -3.23
C TRP A 39 3.32 3.76 -1.85
N THR A 40 3.38 5.09 -1.78
CA THR A 40 3.19 5.80 -0.52
C THR A 40 1.72 6.13 -0.28
N GLY A 41 1.16 5.60 0.80
CA GLY A 41 -0.24 5.85 1.11
C GLY A 41 -0.47 6.02 2.61
N ARG A 42 -1.70 6.31 2.98
CA ARG A 42 -2.02 6.50 4.40
C ARG A 42 -3.40 5.92 4.75
N LEU A 43 -3.45 5.19 5.86
CA LEU A 43 -4.68 4.57 6.35
C LEU A 43 -5.30 5.43 7.44
N HIS A 44 -6.47 5.99 7.16
CA HIS A 44 -7.18 6.83 8.12
C HIS A 44 -6.38 8.11 8.39
N ASN A 45 -5.43 8.04 9.31
CA ASN A 45 -4.60 9.20 9.65
C ASN A 45 -3.14 8.81 9.81
N LYS A 46 -2.84 7.56 9.51
CA LYS A 46 -1.47 7.06 9.60
C LYS A 46 -0.83 7.02 8.22
N LEU A 47 0.35 7.62 8.09
CA LEU A 47 1.04 7.65 6.81
C LEU A 47 2.19 6.63 6.78
N GLY A 48 2.35 5.98 5.63
CA GLY A 48 3.40 4.99 5.49
C GLY A 48 3.32 4.24 4.17
N LEU A 49 4.46 3.80 3.67
CA LEU A 49 4.52 3.06 2.41
C LEU A 49 3.83 1.71 2.55
N PHE A 50 3.35 1.16 1.43
CA PHE A 50 2.66 -0.13 1.45
C PHE A 50 3.01 -0.96 0.21
N PRO A 51 2.75 -2.28 0.26
CA PRO A 51 3.02 -3.18 -0.87
C PRO A 51 1.93 -3.12 -1.95
N ALA A 52 2.25 -2.51 -3.08
CA ALA A 52 1.30 -2.41 -4.18
C ALA A 52 1.03 -3.77 -4.80
N ASN A 53 1.87 -4.74 -4.45
CA ASN A 53 1.73 -6.09 -4.98
C ASN A 53 0.82 -6.93 -4.09
N TYR A 54 0.78 -6.61 -2.80
CA TYR A 54 -0.04 -7.35 -1.86
C TYR A 54 -1.50 -6.90 -1.95
N VAL A 55 -1.72 -5.59 -2.06
CA VAL A 55 -3.08 -5.05 -2.15
C VAL A 55 -3.28 -4.24 -3.43
N ALA A 56 -4.53 -4.09 -3.84
CA ALA A 56 -4.85 -3.35 -5.07
C ALA A 56 -5.85 -2.21 -4.80
N PRO A 57 -5.81 -1.15 -5.64
CA PRO A 57 -6.70 0.01 -5.49
C PRO A 57 -8.18 -0.31 -5.59
N MET A 58 -8.99 0.73 -5.49
CA MET A 58 -10.43 0.60 -5.55
C MET A 58 -11.08 1.90 -6.02
N MET A 59 -11.50 1.93 -7.27
CA MET A 59 -12.13 3.12 -7.84
C MET A 59 -13.51 3.34 -7.23
N ARG A 60 -13.65 4.44 -6.48
CA ARG A 60 -14.93 4.77 -5.85
C ARG A 60 -15.96 5.20 -6.88
N ALA B 1 0.23 -16.03 -3.08
CA ALA B 1 0.88 -15.14 -2.08
C ALA B 1 1.77 -14.11 -2.78
N PRO B 2 1.27 -12.87 -2.96
CA PRO B 2 2.02 -11.80 -3.61
C PRO B 2 3.33 -11.50 -2.89
N SER B 3 4.44 -11.56 -3.63
CA SER B 3 5.76 -11.29 -3.07
C SER B 3 6.19 -9.86 -3.36
N ILE B 4 6.53 -9.14 -2.29
CA ILE B 4 6.96 -7.76 -2.41
C ILE B 4 8.42 -7.59 -1.98
N ASP B 5 9.17 -6.83 -2.77
CA ASP B 5 10.58 -6.58 -2.48
C ASP B 5 10.76 -5.19 -1.87
N ARG B 6 11.26 -5.16 -0.63
CA ARG B 6 11.47 -3.91 0.08
C ARG B 6 12.59 -3.09 -0.57
N SER B 7 13.25 -3.66 -1.57
CA SER B 7 14.33 -2.98 -2.27
C SER B 7 13.78 -2.05 -3.34
N THR B 8 12.47 -1.95 -3.42
CA THR B 8 11.82 -1.11 -4.42
C THR B 8 10.95 -0.03 -3.77
N LYS B 9 11.23 0.29 -2.51
CA LYS B 9 10.48 1.32 -1.79
C LYS B 9 10.56 2.65 -2.51
N PRO B 10 9.56 3.55 -2.32
CA PRO B 10 9.54 4.86 -2.96
C PRO B 10 10.89 5.58 -2.88
N ALA B 11 11.62 5.58 -3.99
CA ALA B 11 12.93 6.21 -4.05
C ALA B 11 13.06 7.06 -5.32
N GLY A 1 -8.34 7.09 -15.86
CA GLY A 1 -7.97 6.23 -14.71
C GLY A 1 -7.58 7.04 -13.49
N ARG A 2 -8.18 6.71 -12.35
CA ARG A 2 -7.90 7.42 -11.10
C ARG A 2 -7.65 6.42 -9.98
N VAL A 3 -6.96 5.35 -10.31
CA VAL A 3 -6.64 4.32 -9.34
C VAL A 3 -5.55 4.78 -8.37
N ARG A 4 -5.93 5.01 -7.12
CA ARG A 4 -4.97 5.46 -6.11
C ARG A 4 -5.46 5.11 -4.71
N TRP A 5 -5.76 3.84 -4.49
CA TRP A 5 -6.23 3.37 -3.19
C TRP A 5 -5.60 2.01 -2.88
N ALA A 6 -5.54 1.66 -1.60
CA ALA A 6 -4.96 0.39 -1.21
C ALA A 6 -5.94 -0.40 -0.37
N ARG A 7 -6.55 -1.41 -0.97
CA ARG A 7 -7.48 -2.25 -0.25
C ARG A 7 -6.82 -3.58 0.02
N ALA A 8 -6.51 -3.80 1.29
CA ALA A 8 -5.84 -5.02 1.71
C ALA A 8 -6.78 -6.21 1.72
N LEU A 9 -6.34 -7.28 1.09
CA LEU A 9 -7.12 -8.52 1.04
C LEU A 9 -6.55 -9.48 2.08
N TYR A 10 -5.30 -9.23 2.45
CA TYR A 10 -4.58 -10.02 3.45
C TYR A 10 -3.84 -9.08 4.38
N ASP A 11 -3.16 -9.64 5.37
CA ASP A 11 -2.40 -8.84 6.34
C ASP A 11 -1.46 -7.87 5.63
N PHE A 12 -0.70 -7.10 6.41
CA PHE A 12 0.23 -6.12 5.86
C PHE A 12 1.67 -6.60 5.88
N GLU A 13 2.45 -6.19 4.87
CA GLU A 13 3.85 -6.56 4.77
C GLU A 13 4.77 -5.46 5.28
N ALA A 14 4.19 -4.44 5.89
CA ALA A 14 4.99 -3.32 6.40
C ALA A 14 5.82 -3.75 7.60
N LEU A 15 7.11 -3.95 7.36
CA LEU A 15 8.04 -4.34 8.43
C LEU A 15 8.95 -3.18 8.77
N GLU A 16 8.94 -2.16 7.93
CA GLU A 16 9.78 -0.97 8.14
C GLU A 16 8.99 0.13 8.85
N GLU A 17 9.71 1.07 9.45
CA GLU A 17 9.09 2.17 10.16
C GLU A 17 8.63 3.26 9.19
N ASP A 18 9.22 3.29 8.01
CA ASP A 18 8.88 4.27 7.00
C ASP A 18 7.64 3.87 6.22
N GLU A 19 7.07 2.72 6.57
CA GLU A 19 5.88 2.22 5.90
C GLU A 19 4.67 2.25 6.82
N LEU A 20 3.59 1.61 6.37
CA LEU A 20 2.35 1.55 7.14
C LEU A 20 1.71 0.17 6.99
N GLY A 21 1.12 -0.32 8.07
CA GLY A 21 0.51 -1.64 8.04
C GLY A 21 -1.00 -1.62 8.20
N PHE A 22 -1.68 -2.39 7.34
CA PHE A 22 -3.13 -2.48 7.37
C PHE A 22 -3.57 -3.91 7.67
N ARG A 23 -4.87 -4.15 7.60
CA ARG A 23 -5.42 -5.48 7.85
C ARG A 23 -6.35 -5.91 6.73
N SER A 24 -6.74 -7.18 6.72
CA SER A 24 -7.64 -7.70 5.71
C SER A 24 -8.89 -6.84 5.57
N GLY A 25 -9.38 -6.70 4.34
CA GLY A 25 -10.57 -5.91 4.09
C GLY A 25 -10.44 -4.50 4.64
N GLU A 26 -9.45 -3.75 4.16
CA GLU A 26 -9.25 -2.38 4.62
C GLU A 26 -8.94 -1.44 3.47
N VAL A 27 -9.74 -0.38 3.35
CA VAL A 27 -9.56 0.60 2.29
C VAL A 27 -8.57 1.67 2.70
N VAL A 28 -7.64 2.00 1.80
CA VAL A 28 -6.62 3.01 2.08
C VAL A 28 -6.52 4.03 0.95
N GLU A 29 -6.26 5.28 1.31
CA GLU A 29 -6.12 6.34 0.31
C GLU A 29 -4.65 6.50 -0.05
N VAL A 30 -4.32 6.26 -1.32
CA VAL A 30 -2.94 6.36 -1.78
C VAL A 30 -2.54 7.82 -2.01
N LEU A 31 -1.40 8.19 -1.45
CA LEU A 31 -0.88 9.55 -1.59
C LEU A 31 0.03 9.66 -2.80
N ASP A 32 0.54 8.53 -3.26
CA ASP A 32 1.43 8.52 -4.43
C ASP A 32 1.61 7.10 -4.97
N SER A 33 0.82 6.76 -5.99
CA SER A 33 0.91 5.44 -6.62
C SER A 33 2.07 5.38 -7.59
N SER A 34 2.83 6.46 -7.68
CA SER A 34 3.97 6.45 -8.56
C SER A 34 5.07 5.62 -7.92
N ASN A 35 5.37 4.50 -8.56
CA ASN A 35 6.37 3.55 -8.11
C ASN A 35 6.10 2.20 -8.78
N PRO A 36 7.09 1.29 -8.80
CA PRO A 36 6.93 -0.01 -9.44
C PRO A 36 6.39 -1.10 -8.53
N SER A 37 6.27 -0.82 -7.23
CA SER A 37 5.77 -1.82 -6.30
C SER A 37 5.36 -1.22 -4.96
N TRP A 38 6.17 -0.30 -4.44
CA TRP A 38 5.86 0.34 -3.16
C TRP A 38 5.35 1.76 -3.34
N TRP A 39 4.08 1.97 -3.01
CA TRP A 39 3.49 3.30 -3.12
C TRP A 39 3.25 3.91 -1.74
N THR A 40 3.37 5.23 -1.65
CA THR A 40 3.16 5.92 -0.38
C THR A 40 1.69 6.26 -0.17
N GLY A 41 1.08 5.70 0.86
CA GLY A 41 -0.31 5.96 1.15
C GLY A 41 -0.58 6.11 2.64
N ARG A 42 -1.85 6.19 3.02
CA ARG A 42 -2.21 6.33 4.42
C ARG A 42 -3.54 5.67 4.74
N LEU A 43 -3.57 4.90 5.82
CA LEU A 43 -4.77 4.21 6.27
C LEU A 43 -5.42 4.98 7.41
N HIS A 44 -6.67 5.41 7.21
CA HIS A 44 -7.38 6.17 8.22
C HIS A 44 -6.69 7.52 8.44
N ASN A 45 -5.75 7.55 9.38
CA ASN A 45 -5.02 8.78 9.67
C ASN A 45 -3.52 8.51 9.81
N LYS A 46 -3.12 7.26 9.58
CA LYS A 46 -1.72 6.87 9.66
C LYS A 46 -1.09 6.88 8.28
N LEU A 47 0.08 7.49 8.15
CA LEU A 47 0.77 7.57 6.87
C LEU A 47 1.92 6.57 6.80
N GLY A 48 2.21 6.10 5.60
CA GLY A 48 3.29 5.14 5.41
C GLY A 48 3.15 4.36 4.12
N LEU A 49 4.27 3.90 3.59
CA LEU A 49 4.28 3.13 2.35
C LEU A 49 3.55 1.80 2.52
N PHE A 50 3.26 1.14 1.41
CA PHE A 50 2.56 -0.14 1.44
C PHE A 50 2.88 -0.97 0.20
N PRO A 51 2.65 -2.30 0.26
CA PRO A 51 2.92 -3.19 -0.88
C PRO A 51 1.80 -3.18 -1.91
N ALA A 52 2.03 -2.49 -3.03
CA ALA A 52 1.04 -2.39 -4.08
C ALA A 52 0.75 -3.77 -4.70
N ASN A 53 1.57 -4.75 -4.35
CA ASN A 53 1.40 -6.10 -4.87
C ASN A 53 0.51 -6.93 -3.94
N TYR A 54 0.57 -6.63 -2.65
CA TYR A 54 -0.24 -7.35 -1.66
C TYR A 54 -1.69 -6.90 -1.73
N VAL A 55 -1.89 -5.59 -1.90
CA VAL A 55 -3.25 -5.05 -2.00
C VAL A 55 -3.45 -4.29 -3.31
N ALA A 56 -4.71 -4.13 -3.72
CA ALA A 56 -5.02 -3.42 -4.97
C ALA A 56 -6.00 -2.28 -4.75
N PRO A 57 -5.95 -1.23 -5.60
CA PRO A 57 -6.83 -0.07 -5.48
C PRO A 57 -8.30 -0.41 -5.61
N MET A 58 -9.11 0.63 -5.54
CA MET A 58 -10.55 0.49 -5.62
C MET A 58 -11.16 1.72 -6.27
N MET A 59 -11.47 1.62 -7.56
CA MET A 59 -12.05 2.73 -8.29
C MET A 59 -13.52 2.91 -7.94
N ARG A 60 -13.81 3.94 -7.15
CA ARG A 60 -15.19 4.23 -6.74
C ARG A 60 -15.80 5.32 -7.62
N ALA B 1 0.23 -16.24 -2.73
CA ALA B 1 0.66 -15.13 -1.84
C ALA B 1 1.48 -14.10 -2.62
N PRO B 2 1.00 -12.84 -2.67
CA PRO B 2 1.69 -11.75 -3.38
C PRO B 2 3.05 -11.43 -2.75
N SER B 3 4.08 -11.40 -3.59
CA SER B 3 5.43 -11.11 -3.12
C SER B 3 5.84 -9.68 -3.46
N ILE B 4 6.21 -8.92 -2.43
CA ILE B 4 6.63 -7.55 -2.61
C ILE B 4 8.10 -7.37 -2.22
N ASP B 5 8.84 -6.65 -3.06
CA ASP B 5 10.27 -6.41 -2.82
C ASP B 5 10.48 -5.06 -2.16
N ARG B 6 11.05 -5.08 -0.95
CA ARG B 6 11.32 -3.86 -0.21
C ARG B 6 12.43 -3.05 -0.87
N SER B 7 13.04 -3.61 -1.91
CA SER B 7 14.11 -2.94 -2.63
C SER B 7 13.54 -1.98 -3.67
N THR B 8 12.21 -1.87 -3.70
CA THR B 8 11.54 -1.01 -4.65
C THR B 8 10.80 0.12 -3.95
N LYS B 9 11.08 0.31 -2.66
CA LYS B 9 10.44 1.36 -1.88
C LYS B 9 10.63 2.73 -2.55
N PRO B 10 9.68 3.67 -2.33
CA PRO B 10 9.75 5.01 -2.91
C PRO B 10 11.15 5.61 -2.85
N ALA B 11 11.86 5.55 -3.98
CA ALA B 11 13.20 6.09 -4.06
C ALA B 11 13.32 7.13 -5.17
N GLY A 1 -11.13 7.02 -13.69
CA GLY A 1 -9.65 7.01 -13.64
C GLY A 1 -9.10 7.63 -12.36
N ARG A 2 -9.51 7.09 -11.22
CA ARG A 2 -9.06 7.58 -9.93
C ARG A 2 -8.40 6.48 -9.12
N VAL A 3 -7.62 5.66 -9.82
CA VAL A 3 -6.91 4.55 -9.19
C VAL A 3 -5.82 5.05 -8.26
N ARG A 4 -6.15 5.20 -6.99
CA ARG A 4 -5.20 5.68 -5.98
C ARG A 4 -5.60 5.23 -4.59
N TRP A 5 -5.83 3.94 -4.41
CA TRP A 5 -6.23 3.38 -3.13
C TRP A 5 -5.58 2.03 -2.89
N ALA A 6 -5.44 1.64 -1.63
CA ALA A 6 -4.84 0.36 -1.30
C ALA A 6 -5.81 -0.48 -0.49
N ARG A 7 -6.42 -1.46 -1.15
CA ARG A 7 -7.35 -2.34 -0.46
C ARG A 7 -6.66 -3.67 -0.18
N ALA A 8 -6.39 -3.90 1.09
CA ALA A 8 -5.70 -5.11 1.52
C ALA A 8 -6.63 -6.31 1.61
N LEU A 9 -6.31 -7.35 0.85
CA LEU A 9 -7.08 -8.58 0.87
C LEU A 9 -6.48 -9.52 1.91
N TYR A 10 -5.26 -9.17 2.31
CA TYR A 10 -4.51 -9.93 3.32
C TYR A 10 -3.80 -8.96 4.24
N ASP A 11 -3.10 -9.50 5.24
CA ASP A 11 -2.36 -8.67 6.20
C ASP A 11 -1.46 -7.64 5.49
N PHE A 12 -0.70 -6.90 6.28
CA PHE A 12 0.20 -5.88 5.76
C PHE A 12 1.65 -6.36 5.73
N GLU A 13 2.39 -5.88 4.72
CA GLU A 13 3.79 -6.24 4.56
C GLU A 13 4.71 -5.15 5.07
N ALA A 14 4.15 -4.19 5.79
CA ALA A 14 4.94 -3.09 6.33
C ALA A 14 5.85 -3.55 7.46
N LEU A 15 7.13 -3.70 7.14
CA LEU A 15 8.12 -4.14 8.13
C LEU A 15 8.98 -2.96 8.57
N GLU A 16 8.84 -1.83 7.87
CA GLU A 16 9.62 -0.64 8.20
C GLU A 16 8.76 0.39 8.93
N GLU A 17 9.39 1.22 9.76
CA GLU A 17 8.68 2.25 10.50
C GLU A 17 8.18 3.35 9.58
N ASP A 18 8.88 3.54 8.46
CA ASP A 18 8.51 4.55 7.48
C ASP A 18 7.35 4.07 6.61
N GLU A 19 6.91 2.84 6.86
CA GLU A 19 5.82 2.25 6.10
C GLU A 19 4.53 2.23 6.92
N LEU A 20 3.45 1.80 6.28
CA LEU A 20 2.15 1.71 6.93
C LEU A 20 1.60 0.30 6.85
N GLY A 21 0.99 -0.15 7.94
CA GLY A 21 0.44 -1.49 7.96
C GLY A 21 -1.08 -1.52 8.07
N PHE A 22 -1.72 -2.24 7.15
CA PHE A 22 -3.17 -2.37 7.14
C PHE A 22 -3.58 -3.80 7.47
N ARG A 23 -4.88 -4.06 7.36
CA ARG A 23 -5.41 -5.39 7.63
C ARG A 23 -6.31 -5.86 6.49
N SER A 24 -6.69 -7.13 6.53
CA SER A 24 -7.55 -7.71 5.50
C SER A 24 -8.85 -6.94 5.38
N GLY A 25 -9.39 -6.86 4.16
CA GLY A 25 -10.63 -6.15 3.92
C GLY A 25 -10.59 -4.71 4.42
N GLU A 26 -9.54 -3.97 4.03
CA GLU A 26 -9.40 -2.59 4.45
C GLU A 26 -9.15 -1.66 3.26
N VAL A 27 -9.62 -0.42 3.37
CA VAL A 27 -9.45 0.57 2.31
C VAL A 27 -8.45 1.63 2.73
N VAL A 28 -7.54 1.98 1.82
CA VAL A 28 -6.52 2.98 2.09
C VAL A 28 -6.46 4.04 0.98
N GLU A 29 -6.29 5.29 1.36
CA GLU A 29 -6.19 6.37 0.38
C GLU A 29 -4.74 6.58 -0.03
N VAL A 30 -4.42 6.22 -1.27
CA VAL A 30 -3.06 6.35 -1.78
C VAL A 30 -2.78 7.79 -2.19
N LEU A 31 -1.59 8.26 -1.86
CA LEU A 31 -1.18 9.63 -2.19
C LEU A 31 -0.11 9.65 -3.28
N ASP A 32 0.57 8.52 -3.45
CA ASP A 32 1.62 8.43 -4.47
C ASP A 32 1.75 7.02 -5.03
N SER A 33 0.95 6.72 -6.05
CA SER A 33 0.97 5.41 -6.69
C SER A 33 2.10 5.32 -7.69
N SER A 34 2.87 6.39 -7.83
CA SER A 34 3.99 6.35 -8.75
C SER A 34 5.10 5.52 -8.11
N ASN A 35 5.36 4.38 -8.72
CA ASN A 35 6.36 3.42 -8.28
C ASN A 35 6.06 2.06 -8.91
N PRO A 36 7.05 1.17 -9.01
CA PRO A 36 6.84 -0.14 -9.61
C PRO A 36 6.45 -1.24 -8.63
N SER A 37 6.27 -0.91 -7.35
CA SER A 37 5.90 -1.92 -6.37
C SER A 37 5.51 -1.32 -5.02
N TRP A 38 6.21 -0.29 -4.59
CA TRP A 38 5.91 0.33 -3.29
C TRP A 38 5.39 1.75 -3.45
N TRP A 39 4.12 1.96 -3.09
CA TRP A 39 3.52 3.28 -3.17
C TRP A 39 3.27 3.86 -1.79
N THR A 40 3.48 5.16 -1.63
CA THR A 40 3.28 5.82 -0.35
C THR A 40 1.82 6.25 -0.17
N GLY A 41 1.16 5.67 0.81
CA GLY A 41 -0.23 6.01 1.08
C GLY A 41 -0.53 6.08 2.56
N ARG A 42 -1.77 6.37 2.92
CA ARG A 42 -2.14 6.47 4.33
C ARG A 42 -3.51 5.85 4.61
N LEU A 43 -3.57 5.04 5.66
CA LEU A 43 -4.81 4.38 6.06
C LEU A 43 -5.46 5.13 7.22
N HIS A 44 -6.65 5.66 6.99
CA HIS A 44 -7.36 6.43 8.02
C HIS A 44 -6.60 7.70 8.35
N ASN A 45 -5.62 7.60 9.26
CA ASN A 45 -4.82 8.74 9.66
C ASN A 45 -3.35 8.36 9.83
N LYS A 46 -3.02 7.14 9.37
CA LYS A 46 -1.66 6.65 9.46
C LYS A 46 -0.99 6.69 8.09
N LEU A 47 0.17 7.34 8.01
CA LEU A 47 0.89 7.46 6.75
C LEU A 47 2.08 6.51 6.68
N GLY A 48 2.37 6.03 5.48
CA GLY A 48 3.48 5.11 5.30
C GLY A 48 3.43 4.39 3.97
N LEU A 49 4.53 3.73 3.60
CA LEU A 49 4.60 2.99 2.34
C LEU A 49 3.94 1.63 2.49
N PHE A 50 3.35 1.13 1.39
CA PHE A 50 2.67 -0.15 1.40
C PHE A 50 3.01 -0.98 0.15
N PRO A 51 2.78 -2.31 0.20
CA PRO A 51 3.05 -3.19 -0.93
C PRO A 51 1.94 -3.16 -1.99
N ALA A 52 2.22 -2.54 -3.12
CA ALA A 52 1.25 -2.44 -4.20
C ALA A 52 0.94 -3.81 -4.80
N ASN A 53 1.81 -4.77 -4.54
CA ASN A 53 1.63 -6.13 -5.05
C ASN A 53 0.74 -6.95 -4.12
N TYR A 54 0.81 -6.65 -2.84
CA TYR A 54 0.00 -7.37 -1.85
C TYR A 54 -1.46 -6.95 -1.92
N VAL A 55 -1.69 -5.65 -2.06
CA VAL A 55 -3.06 -5.13 -2.12
C VAL A 55 -3.31 -4.34 -3.41
N ALA A 56 -4.56 -4.33 -3.85
CA ALA A 56 -4.95 -3.62 -5.07
C ALA A 56 -5.94 -2.49 -4.77
N PRO A 57 -5.92 -1.42 -5.59
CA PRO A 57 -6.81 -0.25 -5.38
C PRO A 57 -8.29 -0.56 -5.51
N MET A 58 -9.08 0.48 -5.35
CA MET A 58 -10.52 0.40 -5.42
C MET A 58 -11.07 1.60 -6.19
N MET A 59 -11.36 1.41 -7.46
CA MET A 59 -11.87 2.49 -8.31
C MET A 59 -13.29 2.87 -7.91
N ARG A 60 -13.44 4.07 -7.36
CA ARG A 60 -14.74 4.57 -6.93
C ARG A 60 -15.63 4.90 -8.14
N ALA B 1 -0.27 -15.93 -3.31
CA ALA B 1 0.42 -15.20 -2.21
C ALA B 1 1.39 -14.15 -2.78
N PRO B 2 0.91 -12.91 -2.97
CA PRO B 2 1.72 -11.82 -3.51
C PRO B 2 2.98 -11.57 -2.67
N SER B 3 4.12 -11.50 -3.35
CA SER B 3 5.39 -11.27 -2.68
C SER B 3 5.97 -9.92 -3.06
N ILE B 4 6.23 -9.09 -2.05
CA ILE B 4 6.76 -7.76 -2.27
C ILE B 4 8.16 -7.64 -1.66
N ASP B 5 9.04 -6.97 -2.39
CA ASP B 5 10.40 -6.75 -1.94
C ASP B 5 10.61 -5.30 -1.53
N ARG B 6 11.10 -5.09 -0.31
CA ARG B 6 11.34 -3.73 0.19
C ARG B 6 12.52 -3.08 -0.51
N SER B 7 13.21 -3.85 -1.35
CA SER B 7 14.37 -3.34 -2.08
C SER B 7 13.95 -2.39 -3.20
N THR B 8 12.65 -2.15 -3.33
CA THR B 8 12.13 -1.27 -4.37
C THR B 8 11.20 -0.20 -3.81
N LYS B 9 11.39 0.14 -2.53
CA LYS B 9 10.56 1.16 -1.88
C LYS B 9 10.71 2.51 -2.58
N PRO B 10 9.78 3.46 -2.34
CA PRO B 10 9.82 4.78 -2.96
C PRO B 10 11.22 5.40 -2.91
N ALA B 11 11.93 5.35 -4.02
CA ALA B 11 13.28 5.89 -4.10
C ALA B 11 13.51 6.58 -5.44
N GLY A 1 -6.90 3.90 -14.64
CA GLY A 1 -6.04 5.07 -14.98
C GLY A 1 -5.87 6.01 -13.81
N ARG A 2 -6.67 5.81 -12.77
CA ARG A 2 -6.62 6.65 -11.57
C ARG A 2 -6.66 5.81 -10.32
N VAL A 3 -5.96 4.69 -10.36
CA VAL A 3 -5.89 3.77 -9.23
C VAL A 3 -4.96 4.30 -8.16
N ARG A 4 -5.54 4.95 -7.15
CA ARG A 4 -4.75 5.51 -6.05
C ARG A 4 -5.34 5.12 -4.70
N TRP A 5 -5.58 3.83 -4.52
CA TRP A 5 -6.15 3.30 -3.30
C TRP A 5 -5.52 1.96 -2.95
N ALA A 6 -5.57 1.58 -1.68
CA ALA A 6 -4.99 0.33 -1.26
C ALA A 6 -5.99 -0.47 -0.44
N ARG A 7 -6.56 -1.50 -1.04
CA ARG A 7 -7.51 -2.34 -0.33
C ARG A 7 -6.85 -3.66 0.01
N ALA A 8 -6.59 -3.84 1.29
CA ALA A 8 -5.93 -5.04 1.78
C ALA A 8 -6.83 -6.27 1.76
N LEU A 9 -6.41 -7.28 1.01
CA LEU A 9 -7.15 -8.53 0.94
C LEU A 9 -6.51 -9.52 1.91
N TYR A 10 -5.31 -9.14 2.34
CA TYR A 10 -4.53 -9.93 3.30
C TYR A 10 -3.87 -8.98 4.29
N ASP A 11 -3.14 -9.53 5.26
CA ASP A 11 -2.46 -8.72 6.27
C ASP A 11 -1.55 -7.67 5.61
N PHE A 12 -0.76 -6.98 6.42
CA PHE A 12 0.14 -5.95 5.92
C PHE A 12 1.59 -6.44 5.83
N GLU A 13 2.31 -5.92 4.83
CA GLU A 13 3.71 -6.29 4.62
C GLU A 13 4.66 -5.23 5.12
N ALA A 14 4.14 -4.26 5.88
CA ALA A 14 4.99 -3.19 6.39
C ALA A 14 5.95 -3.72 7.45
N LEU A 15 7.20 -3.92 7.05
CA LEU A 15 8.23 -4.41 7.95
C LEU A 15 9.08 -3.26 8.48
N GLU A 16 8.95 -2.11 7.85
CA GLU A 16 9.69 -0.92 8.25
C GLU A 16 8.81 0.04 9.05
N GLU A 17 9.44 1.06 9.61
CA GLU A 17 8.70 2.05 10.39
C GLU A 17 8.22 3.20 9.51
N ASP A 18 8.90 3.39 8.37
CA ASP A 18 8.54 4.44 7.44
C ASP A 18 7.40 3.99 6.54
N GLU A 19 6.83 2.83 6.84
CA GLU A 19 5.73 2.30 6.06
C GLU A 19 4.42 2.33 6.84
N LEU A 20 3.41 1.66 6.30
CA LEU A 20 2.09 1.61 6.94
C LEU A 20 1.53 0.19 6.88
N GLY A 21 0.90 -0.23 7.98
CA GLY A 21 0.34 -1.57 8.03
C GLY A 21 -1.17 -1.58 8.16
N PHE A 22 -1.82 -2.37 7.31
CA PHE A 22 -3.27 -2.51 7.33
C PHE A 22 -3.68 -3.94 7.67
N ARG A 23 -4.97 -4.20 7.63
CA ARG A 23 -5.49 -5.54 7.90
C ARG A 23 -6.44 -5.98 6.80
N SER A 24 -6.74 -7.27 6.78
CA SER A 24 -7.62 -7.85 5.77
C SER A 24 -8.92 -7.04 5.64
N GLY A 25 -9.40 -6.92 4.40
CA GLY A 25 -10.63 -6.19 4.13
C GLY A 25 -10.58 -4.75 4.62
N GLU A 26 -9.66 -3.96 4.07
CA GLU A 26 -9.54 -2.55 4.45
C GLU A 26 -9.33 -1.67 3.24
N VAL A 27 -9.58 -0.38 3.41
CA VAL A 27 -9.42 0.60 2.32
C VAL A 27 -8.43 1.70 2.72
N VAL A 28 -7.53 2.02 1.81
CA VAL A 28 -6.52 3.06 2.05
C VAL A 28 -6.47 4.06 0.91
N GLU A 29 -6.28 5.34 1.25
CA GLU A 29 -6.18 6.39 0.24
C GLU A 29 -4.72 6.63 -0.11
N VAL A 30 -4.35 6.27 -1.34
CA VAL A 30 -2.97 6.43 -1.79
C VAL A 30 -2.68 7.88 -2.19
N LEU A 31 -1.61 8.43 -1.64
CA LEU A 31 -1.21 9.80 -1.94
C LEU A 31 -0.07 9.84 -2.94
N ASP A 32 0.54 8.67 -3.17
CA ASP A 32 1.65 8.58 -4.11
C ASP A 32 1.73 7.19 -4.74
N SER A 33 0.86 6.95 -5.72
CA SER A 33 0.82 5.66 -6.42
C SER A 33 1.92 5.59 -7.45
N SER A 34 2.67 6.67 -7.61
CA SER A 34 3.75 6.64 -8.57
C SER A 34 4.88 5.79 -7.99
N ASN A 35 5.12 4.66 -8.63
CA ASN A 35 6.13 3.70 -8.24
C ASN A 35 5.84 2.36 -8.91
N PRO A 36 6.80 1.41 -8.93
CA PRO A 36 6.60 0.12 -9.57
C PRO A 36 6.09 -0.98 -8.64
N SER A 37 6.02 -0.72 -7.34
CA SER A 37 5.55 -1.73 -6.41
C SER A 37 5.22 -1.15 -5.03
N TRP A 38 5.95 -0.13 -4.60
CA TRP A 38 5.71 0.48 -3.30
C TRP A 38 5.17 1.88 -3.44
N TRP A 39 3.92 2.10 -3.03
CA TRP A 39 3.31 3.42 -3.11
C TRP A 39 3.10 3.99 -1.71
N THR A 40 3.32 5.29 -1.56
CA THR A 40 3.14 5.94 -0.28
C THR A 40 1.69 6.39 -0.08
N GLY A 41 1.04 5.82 0.92
CA GLY A 41 -0.35 6.16 1.20
C GLY A 41 -0.63 6.17 2.70
N ARG A 42 -1.87 6.44 3.08
CA ARG A 42 -2.24 6.49 4.48
C ARG A 42 -3.59 5.83 4.74
N LEU A 43 -3.62 4.98 5.78
CA LEU A 43 -4.84 4.28 6.16
C LEU A 43 -5.52 4.98 7.33
N HIS A 44 -6.71 5.51 7.09
CA HIS A 44 -7.47 6.22 8.12
C HIS A 44 -6.76 7.51 8.52
N ASN A 45 -5.77 7.39 9.41
CA ASN A 45 -5.02 8.55 9.88
C ASN A 45 -3.53 8.23 10.03
N LYS A 46 -3.13 7.07 9.53
CA LYS A 46 -1.74 6.65 9.60
C LYS A 46 -1.12 6.63 8.21
N LEU A 47 0.01 7.31 8.05
CA LEU A 47 0.68 7.38 6.76
C LEU A 47 1.89 6.46 6.70
N GLY A 48 2.23 6.01 5.49
CA GLY A 48 3.36 5.13 5.31
C GLY A 48 3.30 4.36 4.02
N LEU A 49 4.43 3.79 3.62
CA LEU A 49 4.52 3.02 2.37
C LEU A 49 3.80 1.68 2.51
N PHE A 50 3.21 1.20 1.42
CA PHE A 50 2.49 -0.07 1.44
C PHE A 50 2.80 -0.90 0.19
N PRO A 51 2.58 -2.23 0.26
CA PRO A 51 2.83 -3.13 -0.88
C PRO A 51 1.72 -3.08 -1.92
N ALA A 52 2.00 -2.45 -3.06
CA ALA A 52 1.02 -2.34 -4.14
C ALA A 52 0.75 -3.70 -4.75
N ASN A 53 1.56 -4.69 -4.39
CA ASN A 53 1.41 -6.05 -4.90
C ASN A 53 0.54 -6.89 -3.97
N TYR A 54 0.59 -6.59 -2.69
CA TYR A 54 -0.20 -7.31 -1.70
C TYR A 54 -1.66 -6.89 -1.74
N VAL A 55 -1.90 -5.60 -1.92
CA VAL A 55 -3.27 -5.09 -1.97
C VAL A 55 -3.54 -4.35 -3.29
N ALA A 56 -4.81 -4.35 -3.71
CA ALA A 56 -5.20 -3.70 -4.96
C ALA A 56 -6.06 -2.46 -4.68
N PRO A 57 -5.98 -1.44 -5.55
CA PRO A 57 -6.74 -0.20 -5.38
C PRO A 57 -8.24 -0.40 -5.27
N MET A 58 -8.94 0.72 -5.12
CA MET A 58 -10.38 0.71 -4.97
C MET A 58 -10.97 2.02 -5.49
N MET A 59 -11.49 2.00 -6.71
CA MET A 59 -12.07 3.19 -7.29
C MET A 59 -13.48 3.43 -6.76
N ARG A 60 -13.62 4.41 -5.88
CA ARG A 60 -14.91 4.74 -5.28
C ARG A 60 -15.92 5.10 -6.36
N ALA B 1 -0.42 -15.93 -3.12
CA ALA B 1 0.53 -15.32 -2.15
C ALA B 1 1.40 -14.26 -2.82
N PRO B 2 0.93 -13.00 -2.87
CA PRO B 2 1.67 -11.90 -3.48
C PRO B 2 2.90 -11.52 -2.67
N SER B 3 4.03 -11.37 -3.36
CA SER B 3 5.27 -11.01 -2.70
C SER B 3 5.75 -9.64 -3.16
N ILE B 4 6.06 -8.79 -2.18
CA ILE B 4 6.53 -7.45 -2.46
C ILE B 4 8.01 -7.29 -2.13
N ASP B 5 8.74 -6.66 -3.04
CA ASP B 5 10.17 -6.43 -2.86
C ASP B 5 10.45 -5.07 -2.22
N ARG B 6 11.29 -5.06 -1.20
CA ARG B 6 11.63 -3.84 -0.49
C ARG B 6 12.64 -3.01 -1.30
N SER B 7 13.11 -3.57 -2.41
CA SER B 7 14.08 -2.89 -3.26
C SER B 7 13.40 -1.94 -4.24
N THR B 8 12.08 -1.81 -4.12
CA THR B 8 11.31 -0.95 -5.01
C THR B 8 10.64 0.19 -4.25
N LYS B 9 10.93 0.31 -2.97
CA LYS B 9 10.34 1.36 -2.13
C LYS B 9 10.48 2.73 -2.79
N PRO B 10 9.57 3.67 -2.47
CA PRO B 10 9.59 5.03 -3.04
C PRO B 10 10.98 5.65 -3.01
N ALA B 11 11.64 5.66 -4.16
CA ALA B 11 12.97 6.23 -4.28
C ALA B 11 13.22 6.76 -5.69
N GLY A 1 -7.75 6.95 -15.99
CA GLY A 1 -8.35 6.54 -14.70
C GLY A 1 -7.76 7.28 -13.51
N ARG A 2 -8.24 6.97 -12.31
CA ARG A 2 -7.75 7.60 -11.10
C ARG A 2 -7.57 6.57 -9.98
N VAL A 3 -6.98 5.43 -10.34
CA VAL A 3 -6.75 4.36 -9.38
C VAL A 3 -5.61 4.72 -8.44
N ARG A 4 -5.95 5.00 -7.18
CA ARG A 4 -4.95 5.36 -6.18
C ARG A 4 -5.42 5.00 -4.77
N TRP A 5 -5.69 3.72 -4.56
CA TRP A 5 -6.16 3.24 -3.26
C TRP A 5 -5.52 1.89 -2.94
N ALA A 6 -5.46 1.55 -1.66
CA ALA A 6 -4.88 0.30 -1.26
C ALA A 6 -5.86 -0.50 -0.43
N ARG A 7 -6.47 -1.51 -1.03
CA ARG A 7 -7.41 -2.34 -0.31
C ARG A 7 -6.75 -3.67 0.01
N ALA A 8 -6.44 -3.86 1.28
CA ALA A 8 -5.77 -5.07 1.73
C ALA A 8 -6.70 -6.27 1.74
N LEU A 9 -6.29 -7.32 1.02
CA LEU A 9 -7.06 -8.55 0.95
C LEU A 9 -6.49 -9.51 1.99
N TYR A 10 -5.25 -9.23 2.39
CA TYR A 10 -4.54 -10.02 3.38
C TYR A 10 -3.81 -9.08 4.33
N ASP A 11 -3.12 -9.64 5.32
CA ASP A 11 -2.38 -8.83 6.30
C ASP A 11 -1.45 -7.83 5.60
N PHE A 12 -0.72 -7.06 6.39
CA PHE A 12 0.20 -6.05 5.87
C PHE A 12 1.65 -6.52 5.89
N GLU A 13 2.42 -6.08 4.89
CA GLU A 13 3.83 -6.44 4.78
C GLU A 13 4.74 -5.33 5.30
N ALA A 14 4.16 -4.33 5.97
CA ALA A 14 4.96 -3.23 6.49
C ALA A 14 5.83 -3.69 7.65
N LEU A 15 7.11 -3.89 7.38
CA LEU A 15 8.07 -4.32 8.39
C LEU A 15 8.94 -3.16 8.82
N GLU A 16 8.89 -2.08 8.05
CA GLU A 16 9.67 -0.89 8.34
C GLU A 16 8.86 0.12 9.14
N GLU A 17 9.50 1.23 9.53
CA GLU A 17 8.84 2.27 10.30
C GLU A 17 8.32 3.38 9.40
N ASP A 18 8.93 3.52 8.23
CA ASP A 18 8.53 4.54 7.28
C ASP A 18 7.35 4.06 6.43
N GLU A 19 6.89 2.84 6.72
CA GLU A 19 5.78 2.26 5.98
C GLU A 19 4.49 2.32 6.79
N LEU A 20 3.46 1.62 6.31
CA LEU A 20 2.17 1.58 6.97
C LEU A 20 1.59 0.17 6.93
N GLY A 21 0.98 -0.25 8.03
CA GLY A 21 0.41 -1.57 8.09
C GLY A 21 -1.10 -1.60 8.20
N PHE A 22 -1.73 -2.36 7.32
CA PHE A 22 -3.19 -2.50 7.31
C PHE A 22 -3.60 -3.94 7.60
N ARG A 23 -4.90 -4.21 7.52
CA ARG A 23 -5.42 -5.55 7.75
C ARG A 23 -6.35 -5.97 6.62
N SER A 24 -6.75 -7.24 6.63
CA SER A 24 -7.65 -7.76 5.62
C SER A 24 -8.92 -6.92 5.50
N GLY A 25 -9.43 -6.80 4.28
CA GLY A 25 -10.64 -6.02 4.05
C GLY A 25 -10.53 -4.60 4.57
N GLU A 26 -9.50 -3.87 4.14
CA GLU A 26 -9.31 -2.49 4.57
C GLU A 26 -9.01 -1.56 3.40
N VAL A 27 -9.80 -0.48 3.31
CA VAL A 27 -9.62 0.50 2.24
C VAL A 27 -8.65 1.60 2.66
N VAL A 28 -7.70 1.91 1.77
CA VAL A 28 -6.70 2.93 2.06
C VAL A 28 -6.58 3.93 0.91
N GLU A 29 -6.33 5.19 1.24
CA GLU A 29 -6.18 6.24 0.23
C GLU A 29 -4.70 6.41 -0.10
N VAL A 30 -4.35 6.19 -1.38
CA VAL A 30 -2.96 6.31 -1.81
C VAL A 30 -2.57 7.76 -2.03
N LEU A 31 -1.39 8.13 -1.56
CA LEU A 31 -0.88 9.48 -1.69
C LEU A 31 0.15 9.58 -2.81
N ASP A 32 0.65 8.44 -3.25
CA ASP A 32 1.66 8.39 -4.31
C ASP A 32 1.76 7.00 -4.92
N SER A 33 0.90 6.72 -5.90
CA SER A 33 0.90 5.43 -6.58
C SER A 33 1.99 5.37 -7.62
N SER A 34 2.77 6.44 -7.75
CA SER A 34 3.85 6.42 -8.69
C SER A 34 4.99 5.62 -8.09
N ASN A 35 5.26 4.49 -8.72
CA ASN A 35 6.30 3.55 -8.32
C ASN A 35 6.02 2.19 -8.94
N PRO A 36 7.04 1.32 -9.06
CA PRO A 36 6.86 0.02 -9.68
C PRO A 36 6.50 -1.09 -8.68
N SER A 37 6.23 -0.72 -7.44
CA SER A 37 5.87 -1.73 -6.42
C SER A 37 5.42 -1.09 -5.11
N TRP A 38 6.28 -0.28 -4.51
CA TRP A 38 5.96 0.36 -3.24
C TRP A 38 5.43 1.78 -3.43
N TRP A 39 4.16 2.00 -3.06
CA TRP A 39 3.54 3.31 -3.17
C TRP A 39 3.32 3.92 -1.80
N THR A 40 3.51 5.23 -1.69
CA THR A 40 3.30 5.94 -0.43
C THR A 40 1.84 6.33 -0.23
N GLY A 41 1.21 5.78 0.79
CA GLY A 41 -0.20 6.09 1.06
C GLY A 41 -0.48 6.23 2.55
N ARG A 42 -1.75 6.30 2.92
CA ARG A 42 -2.14 6.43 4.32
C ARG A 42 -3.50 5.80 4.61
N LEU A 43 -3.57 5.05 5.70
CA LEU A 43 -4.80 4.39 6.12
C LEU A 43 -5.49 5.20 7.22
N HIS A 44 -6.68 5.71 6.92
CA HIS A 44 -7.43 6.52 7.88
C HIS A 44 -6.68 7.81 8.18
N ASN A 45 -5.78 7.76 9.17
CA ASN A 45 -5.00 8.93 9.54
C ASN A 45 -3.52 8.57 9.73
N LYS A 46 -3.18 7.32 9.46
CA LYS A 46 -1.80 6.86 9.58
C LYS A 46 -1.12 6.86 8.22
N LEU A 47 0.06 7.45 8.14
CA LEU A 47 0.78 7.52 6.87
C LEU A 47 1.92 6.50 6.82
N GLY A 48 2.26 6.07 5.61
CA GLY A 48 3.32 5.10 5.43
C GLY A 48 3.21 4.35 4.12
N LEU A 49 4.33 3.85 3.64
CA LEU A 49 4.37 3.10 2.38
C LEU A 49 3.64 1.77 2.53
N PHE A 50 3.29 1.14 1.40
CA PHE A 50 2.59 -0.13 1.42
C PHE A 50 2.92 -0.96 0.17
N PRO A 51 2.67 -2.29 0.22
CA PRO A 51 2.91 -3.19 -0.91
C PRO A 51 1.79 -3.14 -1.94
N ALA A 52 2.05 -2.51 -3.08
CA ALA A 52 1.04 -2.42 -4.14
C ALA A 52 0.77 -3.79 -4.75
N ASN A 53 1.57 -4.77 -4.36
CA ASN A 53 1.41 -6.13 -4.87
C ASN A 53 0.54 -6.95 -3.93
N TYR A 54 0.63 -6.68 -2.63
CA TYR A 54 -0.16 -7.41 -1.64
C TYR A 54 -1.62 -6.97 -1.69
N VAL A 55 -1.83 -5.67 -1.92
CA VAL A 55 -3.20 -5.15 -1.99
C VAL A 55 -3.45 -4.45 -3.33
N ALA A 56 -4.73 -4.39 -3.72
CA ALA A 56 -5.12 -3.75 -4.99
C ALA A 56 -6.05 -2.56 -4.75
N PRO A 57 -5.97 -1.53 -5.62
CA PRO A 57 -6.80 -0.32 -5.51
C PRO A 57 -8.30 -0.60 -5.54
N MET A 58 -9.05 0.48 -5.48
CA MET A 58 -10.51 0.42 -5.49
C MET A 58 -11.08 1.70 -6.09
N MET A 59 -12.04 1.55 -6.99
CA MET A 59 -12.67 2.70 -7.63
C MET A 59 -13.96 3.10 -6.93
N ARG A 60 -13.93 4.23 -6.25
CA ARG A 60 -15.09 4.74 -5.53
C ARG A 60 -16.21 5.12 -6.50
N ALA B 1 0.00 -15.92 -3.78
CA ALA B 1 0.65 -15.25 -2.62
C ALA B 1 1.53 -14.10 -3.08
N PRO B 2 0.97 -12.87 -3.15
CA PRO B 2 1.72 -11.68 -3.58
C PRO B 2 3.03 -11.49 -2.82
N SER B 3 4.11 -11.34 -3.57
CA SER B 3 5.42 -11.13 -2.97
C SER B 3 5.95 -9.75 -3.30
N ILE B 4 6.11 -8.92 -2.26
CA ILE B 4 6.60 -7.57 -2.43
C ILE B 4 8.05 -7.44 -1.97
N ASP B 5 8.84 -6.71 -2.77
CA ASP B 5 10.25 -6.50 -2.46
C ASP B 5 10.46 -5.11 -1.87
N ARG B 6 11.01 -5.06 -0.66
CA ARG B 6 11.27 -3.80 0.02
C ARG B 6 12.48 -3.08 -0.56
N SER B 7 13.17 -3.76 -1.49
CA SER B 7 14.36 -3.19 -2.11
C SER B 7 13.98 -2.23 -3.24
N THR B 8 12.69 -1.99 -3.42
CA THR B 8 12.22 -1.10 -4.47
C THR B 8 11.29 -0.02 -3.92
N LYS B 9 11.46 0.31 -2.64
CA LYS B 9 10.64 1.34 -2.00
C LYS B 9 10.77 2.68 -2.73
N PRO B 10 9.83 3.62 -2.50
CA PRO B 10 9.86 4.94 -3.15
C PRO B 10 11.23 5.58 -3.11
N ALA B 11 11.95 5.49 -4.22
CA ALA B 11 13.29 6.07 -4.31
C ALA B 11 13.31 7.26 -5.25
N GLY A 1 -9.61 6.38 -15.14
CA GLY A 1 -9.82 6.80 -13.73
C GLY A 1 -8.53 6.99 -12.97
N ARG A 2 -8.64 7.23 -11.67
CA ARG A 2 -7.47 7.44 -10.83
C ARG A 2 -7.36 6.36 -9.77
N VAL A 3 -6.51 5.38 -10.03
CA VAL A 3 -6.31 4.27 -9.10
C VAL A 3 -5.22 4.57 -8.08
N ARG A 4 -5.58 5.29 -7.02
CA ARG A 4 -4.64 5.64 -5.97
C ARG A 4 -5.18 5.21 -4.62
N TRP A 5 -5.46 3.91 -4.49
CA TRP A 5 -5.99 3.34 -3.26
C TRP A 5 -5.35 2.00 -2.97
N ALA A 6 -5.36 1.58 -1.71
CA ALA A 6 -4.77 0.32 -1.33
C ALA A 6 -5.74 -0.48 -0.47
N ARG A 7 -6.36 -1.49 -1.07
CA ARG A 7 -7.30 -2.34 -0.34
C ARG A 7 -6.63 -3.67 -0.06
N ALA A 8 -6.31 -3.88 1.21
CA ALA A 8 -5.64 -5.10 1.63
C ALA A 8 -6.58 -6.27 1.73
N LEU A 9 -6.32 -7.30 0.93
CA LEU A 9 -7.11 -8.53 0.94
C LEU A 9 -6.46 -9.50 1.91
N TYR A 10 -5.19 -9.20 2.21
CA TYR A 10 -4.40 -10.00 3.14
C TYR A 10 -3.68 -9.06 4.10
N ASP A 11 -2.94 -9.63 5.06
CA ASP A 11 -2.21 -8.83 6.04
C ASP A 11 -1.29 -7.81 5.36
N PHE A 12 -0.60 -7.02 6.16
CA PHE A 12 0.30 -5.98 5.65
C PHE A 12 1.77 -6.38 5.71
N GLU A 13 2.54 -5.93 4.74
CA GLU A 13 3.97 -6.22 4.66
C GLU A 13 4.80 -5.07 5.24
N ALA A 14 4.14 -4.11 5.85
CA ALA A 14 4.84 -2.97 6.43
C ALA A 14 5.64 -3.37 7.66
N LEU A 15 6.95 -3.51 7.48
CA LEU A 15 7.83 -3.89 8.57
C LEU A 15 8.66 -2.69 9.01
N GLU A 16 8.68 -1.66 8.18
CA GLU A 16 9.43 -0.45 8.47
C GLU A 16 8.56 0.58 9.16
N GLU A 17 9.20 1.63 9.69
CA GLU A 17 8.47 2.69 10.39
C GLU A 17 7.95 3.73 9.40
N ASP A 18 8.66 3.89 8.29
CA ASP A 18 8.27 4.85 7.25
C ASP A 18 7.14 4.29 6.40
N GLU A 19 6.68 3.09 6.75
CA GLU A 19 5.61 2.44 6.01
C GLU A 19 4.30 2.47 6.78
N LEU A 20 3.29 1.82 6.23
CA LEU A 20 1.97 1.75 6.85
C LEU A 20 1.41 0.33 6.75
N GLY A 21 0.79 -0.14 7.83
CA GLY A 21 0.25 -1.48 7.82
C GLY A 21 -1.26 -1.52 7.91
N PHE A 22 -1.86 -2.35 7.05
CA PHE A 22 -3.29 -2.52 7.01
C PHE A 22 -3.69 -3.97 7.30
N ARG A 23 -4.98 -4.25 7.25
CA ARG A 23 -5.48 -5.60 7.49
C ARG A 23 -6.43 -6.02 6.37
N SER A 24 -6.73 -7.31 6.31
CA SER A 24 -7.62 -7.84 5.28
C SER A 24 -8.93 -7.06 5.24
N GLY A 25 -9.49 -6.90 4.05
CA GLY A 25 -10.73 -6.17 3.88
C GLY A 25 -10.66 -4.75 4.41
N GLU A 26 -9.65 -3.99 3.98
CA GLU A 26 -9.49 -2.62 4.42
C GLU A 26 -9.12 -1.70 3.27
N VAL A 27 -9.84 -0.58 3.17
CA VAL A 27 -9.60 0.41 2.12
C VAL A 27 -8.65 1.51 2.60
N VAL A 28 -7.69 1.86 1.76
CA VAL A 28 -6.71 2.90 2.09
C VAL A 28 -6.58 3.91 0.96
N GLU A 29 -6.36 5.18 1.32
CA GLU A 29 -6.20 6.24 0.33
C GLU A 29 -4.72 6.45 0.04
N VAL A 30 -4.30 6.10 -1.18
CA VAL A 30 -2.91 6.25 -1.57
C VAL A 30 -2.59 7.68 -1.96
N LEU A 31 -1.43 8.16 -1.53
CA LEU A 31 -1.01 9.52 -1.83
C LEU A 31 -0.08 9.56 -3.04
N ASP A 32 0.50 8.41 -3.38
CA ASP A 32 1.40 8.32 -4.52
C ASP A 32 1.55 6.88 -5.00
N SER A 33 0.85 6.55 -6.09
CA SER A 33 0.91 5.21 -6.68
C SER A 33 2.04 5.11 -7.68
N SER A 34 2.81 6.18 -7.82
CA SER A 34 3.91 6.14 -8.75
C SER A 34 5.04 5.33 -8.12
N ASN A 35 5.30 4.18 -8.72
CA ASN A 35 6.33 3.24 -8.27
C ASN A 35 6.05 1.89 -8.91
N PRO A 36 7.05 0.99 -8.95
CA PRO A 36 6.89 -0.32 -9.57
C PRO A 36 6.47 -1.41 -8.61
N SER A 37 6.27 -1.08 -7.33
CA SER A 37 5.87 -2.10 -6.36
C SER A 37 5.44 -1.50 -5.02
N TRP A 38 6.18 -0.51 -4.54
CA TRP A 38 5.87 0.11 -3.25
C TRP A 38 5.35 1.53 -3.43
N TRP A 39 4.07 1.75 -3.08
CA TRP A 39 3.47 3.07 -3.19
C TRP A 39 3.24 3.67 -1.80
N THR A 40 3.33 4.99 -1.72
CA THR A 40 3.11 5.70 -0.47
C THR A 40 1.64 6.08 -0.29
N GLY A 41 1.05 5.64 0.82
CA GLY A 41 -0.36 5.94 1.10
C GLY A 41 -0.64 6.03 2.59
N ARG A 42 -1.86 6.40 2.95
CA ARG A 42 -2.21 6.51 4.37
C ARG A 42 -3.56 5.86 4.68
N LEU A 43 -3.58 5.07 5.75
CA LEU A 43 -4.79 4.37 6.19
C LEU A 43 -5.44 5.13 7.35
N HIS A 44 -6.64 5.64 7.12
CA HIS A 44 -7.37 6.40 8.13
C HIS A 44 -6.64 7.69 8.47
N ASN A 45 -5.64 7.60 9.34
CA ASN A 45 -4.86 8.77 9.74
C ASN A 45 -3.38 8.43 9.87
N LYS A 46 -3.01 7.24 9.44
CA LYS A 46 -1.62 6.80 9.50
C LYS A 46 -1.01 6.79 8.11
N LEU A 47 0.13 7.46 7.94
CA LEU A 47 0.78 7.54 6.64
C LEU A 47 1.98 6.61 6.57
N GLY A 48 2.22 6.05 5.38
CA GLY A 48 3.35 5.15 5.19
C GLY A 48 3.23 4.33 3.93
N LEU A 49 4.38 3.82 3.46
CA LEU A 49 4.42 3.02 2.23
C LEU A 49 3.68 1.70 2.41
N PHE A 50 3.39 1.02 1.31
CA PHE A 50 2.68 -0.26 1.34
C PHE A 50 3.01 -1.11 0.12
N PRO A 51 2.73 -2.43 0.17
CA PRO A 51 2.99 -3.35 -0.94
C PRO A 51 1.89 -3.31 -1.99
N ALA A 52 2.16 -2.68 -3.12
CA ALA A 52 1.19 -2.58 -4.20
C ALA A 52 0.91 -3.95 -4.83
N ASN A 53 1.70 -4.94 -4.44
CA ASN A 53 1.54 -6.29 -4.97
C ASN A 53 0.62 -7.12 -4.08
N TYR A 54 0.60 -6.81 -2.79
CA TYR A 54 -0.24 -7.54 -1.85
C TYR A 54 -1.67 -7.02 -1.88
N VAL A 55 -1.83 -5.72 -2.04
CA VAL A 55 -3.16 -5.12 -2.08
C VAL A 55 -3.38 -4.36 -3.39
N ALA A 56 -4.64 -4.27 -3.80
CA ALA A 56 -5.00 -3.58 -5.05
C ALA A 56 -5.86 -2.35 -4.76
N PRO A 57 -5.78 -1.32 -5.63
CA PRO A 57 -6.55 -0.09 -5.46
C PRO A 57 -8.06 -0.30 -5.39
N MET A 58 -8.77 0.80 -5.24
CA MET A 58 -10.22 0.78 -5.16
C MET A 58 -10.80 2.10 -5.65
N MET A 59 -11.26 2.11 -6.89
CA MET A 59 -11.82 3.33 -7.47
C MET A 59 -13.16 3.67 -6.83
N ARG A 60 -13.16 4.69 -5.98
CA ARG A 60 -14.38 5.12 -5.30
C ARG A 60 -15.34 5.79 -6.28
N ALA B 1 0.37 -16.36 -3.38
CA ALA B 1 0.75 -15.38 -2.33
C ALA B 1 1.61 -14.26 -2.90
N PRO B 2 1.06 -13.03 -2.96
CA PRO B 2 1.79 -11.87 -3.49
C PRO B 2 3.15 -11.68 -2.82
N SER B 3 4.17 -11.50 -3.64
CA SER B 3 5.54 -11.30 -3.12
C SER B 3 6.01 -9.87 -3.35
N ILE B 4 6.25 -9.16 -2.26
CA ILE B 4 6.70 -7.77 -2.34
C ILE B 4 8.10 -7.63 -1.77
N ASP B 5 8.93 -6.86 -2.47
CA ASP B 5 10.31 -6.63 -2.04
C ASP B 5 10.51 -5.17 -1.65
N ARG B 6 11.00 -4.94 -0.44
CA ARG B 6 11.23 -3.59 0.06
C ARG B 6 12.44 -2.96 -0.62
N SER B 7 13.13 -3.74 -1.43
CA SER B 7 14.32 -3.26 -2.14
C SER B 7 13.94 -2.31 -3.28
N THR B 8 12.63 -2.12 -3.48
CA THR B 8 12.14 -1.24 -4.54
C THR B 8 11.18 -0.19 -3.98
N LYS B 9 11.35 0.14 -2.71
CA LYS B 9 10.51 1.12 -2.05
C LYS B 9 10.61 2.48 -2.75
N PRO B 10 9.64 3.38 -2.52
CA PRO B 10 9.62 4.72 -3.14
C PRO B 10 10.99 5.41 -3.10
N ALA B 11 11.45 5.87 -4.24
CA ALA B 11 12.73 6.55 -4.34
C ALA B 11 12.56 7.97 -4.87
N GLY A 1 -12.08 7.55 -11.45
CA GLY A 1 -10.79 7.02 -11.94
C GLY A 1 -9.67 7.19 -10.95
N ARG A 2 -8.45 7.36 -11.45
CA ARG A 2 -7.27 7.54 -10.62
C ARG A 2 -7.05 6.34 -9.73
N VAL A 3 -6.21 5.43 -10.20
CA VAL A 3 -5.89 4.21 -9.47
C VAL A 3 -4.86 4.48 -8.38
N ARG A 4 -5.30 5.05 -7.26
CA ARG A 4 -4.41 5.35 -6.15
C ARG A 4 -5.07 4.96 -4.82
N TRP A 5 -5.34 3.67 -4.66
CA TRP A 5 -5.96 3.15 -3.45
C TRP A 5 -5.37 1.79 -3.10
N ALA A 6 -5.48 1.40 -1.83
CA ALA A 6 -4.95 0.14 -1.39
C ALA A 6 -5.99 -0.63 -0.59
N ARG A 7 -6.56 -1.65 -1.20
CA ARG A 7 -7.55 -2.46 -0.51
C ARG A 7 -6.91 -3.80 -0.16
N ALA A 8 -6.69 -3.99 1.12
CA ALA A 8 -6.06 -5.20 1.62
C ALA A 8 -7.01 -6.38 1.66
N LEU A 9 -6.54 -7.51 1.18
CA LEU A 9 -7.30 -8.76 1.18
C LEU A 9 -6.67 -9.70 2.19
N TYR A 10 -5.42 -9.38 2.52
CA TYR A 10 -4.63 -10.12 3.49
C TYR A 10 -3.91 -9.14 4.40
N ASP A 11 -3.17 -9.64 5.38
CA ASP A 11 -2.44 -8.79 6.31
C ASP A 11 -1.56 -7.77 5.57
N PHE A 12 -0.83 -6.96 6.33
CA PHE A 12 0.03 -5.92 5.75
C PHE A 12 1.50 -6.33 5.72
N GLU A 13 2.21 -5.86 4.69
CA GLU A 13 3.63 -6.16 4.52
C GLU A 13 4.51 -5.06 5.08
N ALA A 14 3.92 -4.12 5.81
CA ALA A 14 4.69 -3.02 6.38
C ALA A 14 5.60 -3.52 7.50
N LEU A 15 6.88 -3.64 7.18
CA LEU A 15 7.87 -4.10 8.15
C LEU A 15 8.74 -2.94 8.64
N GLU A 16 8.63 -1.80 7.94
CA GLU A 16 9.41 -0.63 8.30
C GLU A 16 8.54 0.42 9.02
N GLU A 17 9.17 1.50 9.45
CA GLU A 17 8.45 2.56 10.16
C GLU A 17 7.91 3.60 9.17
N ASP A 18 8.64 3.83 8.08
CA ASP A 18 8.22 4.79 7.07
C ASP A 18 7.10 4.23 6.21
N GLU A 19 6.60 3.06 6.58
CA GLU A 19 5.53 2.41 5.83
C GLU A 19 4.21 2.48 6.59
N LEU A 20 3.23 1.74 6.11
CA LEU A 20 1.91 1.72 6.74
C LEU A 20 1.34 0.30 6.69
N GLY A 21 0.69 -0.10 7.78
CA GLY A 21 0.12 -1.44 7.84
C GLY A 21 -1.39 -1.45 7.92
N PHE A 22 -2.01 -2.26 7.06
CA PHE A 22 -3.46 -2.40 7.03
C PHE A 22 -3.87 -3.81 7.40
N ARG A 23 -5.18 -4.07 7.37
CA ARG A 23 -5.71 -5.39 7.66
C ARG A 23 -6.66 -5.84 6.56
N SER A 24 -6.92 -7.15 6.51
CA SER A 24 -7.82 -7.71 5.49
C SER A 24 -9.12 -6.90 5.39
N GLY A 25 -9.63 -6.80 4.17
CA GLY A 25 -10.86 -6.06 3.92
C GLY A 25 -10.78 -4.63 4.40
N GLU A 26 -9.86 -3.86 3.83
CA GLU A 26 -9.69 -2.46 4.20
C GLU A 26 -9.42 -1.59 2.98
N VAL A 27 -9.63 -0.28 3.14
CA VAL A 27 -9.40 0.66 2.04
C VAL A 27 -8.38 1.73 2.45
N VAL A 28 -7.44 2.01 1.56
CA VAL A 28 -6.40 3.00 1.83
C VAL A 28 -6.28 4.01 0.69
N GLU A 29 -6.12 5.28 1.03
CA GLU A 29 -5.97 6.33 0.03
C GLU A 29 -4.48 6.54 -0.27
N VAL A 30 -4.10 6.24 -1.51
CA VAL A 30 -2.70 6.38 -1.91
C VAL A 30 -2.35 7.83 -2.23
N LEU A 31 -1.20 8.26 -1.74
CA LEU A 31 -0.74 9.64 -1.95
C LEU A 31 0.29 9.70 -3.07
N ASP A 32 0.94 8.58 -3.35
CA ASP A 32 1.95 8.52 -4.40
C ASP A 32 2.01 7.14 -5.04
N SER A 33 1.03 6.86 -5.91
CA SER A 33 0.98 5.57 -6.61
C SER A 33 2.08 5.47 -7.63
N SER A 34 2.82 6.56 -7.85
CA SER A 34 3.90 6.49 -8.80
C SER A 34 5.03 5.69 -8.18
N ASN A 35 5.27 4.54 -8.79
CA ASN A 35 6.31 3.60 -8.36
C ASN A 35 6.01 2.23 -8.97
N PRO A 36 7.02 1.36 -9.13
CA PRO A 36 6.82 0.05 -9.73
C PRO A 36 6.47 -1.04 -8.72
N SER A 37 6.18 -0.66 -7.47
CA SER A 37 5.84 -1.66 -6.45
C SER A 37 5.36 -1.01 -5.16
N TRP A 38 6.22 -0.22 -4.53
CA TRP A 38 5.87 0.43 -3.26
C TRP A 38 5.38 1.86 -3.46
N TRP A 39 4.13 2.10 -3.04
CA TRP A 39 3.54 3.44 -3.16
C TRP A 39 3.30 4.03 -1.76
N THR A 40 3.60 5.31 -1.61
CA THR A 40 3.40 5.99 -0.33
C THR A 40 1.97 6.50 -0.19
N GLY A 41 1.26 5.99 0.83
CA GLY A 41 -0.11 6.41 1.07
C GLY A 41 -0.43 6.42 2.56
N ARG A 42 -1.72 6.53 2.90
CA ARG A 42 -2.12 6.54 4.31
C ARG A 42 -3.47 5.86 4.52
N LEU A 43 -3.52 5.00 5.55
CA LEU A 43 -4.73 4.26 5.89
C LEU A 43 -5.41 4.90 7.11
N HIS A 44 -6.61 5.41 6.92
CA HIS A 44 -7.35 6.06 8.00
C HIS A 44 -6.64 7.33 8.43
N ASN A 45 -5.67 7.19 9.33
CA ASN A 45 -4.91 8.34 9.83
C ASN A 45 -3.43 7.99 9.97
N LYS A 46 -3.04 6.83 9.47
CA LYS A 46 -1.66 6.38 9.51
C LYS A 46 -0.99 6.58 8.16
N LEU A 47 0.17 7.23 8.15
CA LEU A 47 0.87 7.49 6.91
C LEU A 47 2.04 6.53 6.73
N GLY A 48 2.32 6.18 5.49
CA GLY A 48 3.42 5.27 5.19
C GLY A 48 3.21 4.49 3.91
N LEU A 49 4.30 4.02 3.32
CA LEU A 49 4.25 3.26 2.08
C LEU A 49 3.63 1.87 2.31
N PHE A 50 3.20 1.24 1.22
CA PHE A 50 2.60 -0.10 1.31
C PHE A 50 2.92 -0.93 0.07
N PRO A 51 2.66 -2.25 0.12
CA PRO A 51 2.91 -3.16 -1.01
C PRO A 51 1.78 -3.13 -2.04
N ALA A 52 2.01 -2.48 -3.17
CA ALA A 52 1.00 -2.41 -4.21
C ALA A 52 0.76 -3.79 -4.83
N ASN A 53 1.59 -4.75 -4.45
CA ASN A 53 1.48 -6.11 -4.96
C ASN A 53 0.63 -6.98 -4.02
N TYR A 54 0.72 -6.71 -2.73
CA TYR A 54 -0.03 -7.48 -1.74
C TYR A 54 -1.51 -7.11 -1.77
N VAL A 55 -1.80 -5.82 -1.95
CA VAL A 55 -3.19 -5.36 -1.99
C VAL A 55 -3.51 -4.65 -3.30
N ALA A 56 -4.77 -4.76 -3.72
CA ALA A 56 -5.23 -4.14 -4.97
C ALA A 56 -6.03 -2.87 -4.67
N PRO A 57 -5.89 -1.83 -5.52
CA PRO A 57 -6.59 -0.56 -5.32
C PRO A 57 -8.11 -0.70 -5.18
N MET A 58 -8.75 0.43 -4.99
CA MET A 58 -10.19 0.49 -4.82
C MET A 58 -10.78 1.65 -5.59
N MET A 59 -11.32 1.37 -6.77
CA MET A 59 -11.91 2.42 -7.60
C MET A 59 -13.23 2.89 -7.00
N ARG A 60 -13.20 4.09 -6.40
CA ARG A 60 -14.39 4.66 -5.79
C ARG A 60 -15.21 5.44 -6.82
N ALA B 1 0.30 -16.01 -3.94
CA ALA B 1 0.74 -15.25 -2.74
C ALA B 1 1.66 -14.10 -3.13
N PRO B 2 1.12 -12.87 -3.23
CA PRO B 2 1.91 -11.69 -3.59
C PRO B 2 3.16 -11.52 -2.74
N SER B 3 4.30 -11.37 -3.40
CA SER B 3 5.57 -11.20 -2.70
C SER B 3 6.15 -9.81 -2.98
N ILE B 4 6.33 -9.04 -1.92
CA ILE B 4 6.85 -7.68 -2.06
C ILE B 4 8.22 -7.57 -1.40
N ASP B 5 9.15 -6.91 -2.10
CA ASP B 5 10.50 -6.71 -1.59
C ASP B 5 10.75 -5.23 -1.27
N ARG B 6 11.35 -4.98 -0.11
CA ARG B 6 11.65 -3.62 0.32
C ARG B 6 12.76 -2.99 -0.53
N SER B 7 13.35 -3.79 -1.41
CA SER B 7 14.43 -3.31 -2.27
C SER B 7 13.90 -2.47 -3.43
N THR B 8 12.59 -2.24 -3.44
CA THR B 8 11.96 -1.45 -4.50
C THR B 8 11.08 -0.35 -3.92
N LYS B 9 11.39 0.08 -2.70
CA LYS B 9 10.63 1.13 -2.03
C LYS B 9 10.77 2.45 -2.78
N PRO B 10 9.88 3.42 -2.50
CA PRO B 10 9.91 4.74 -3.17
C PRO B 10 11.31 5.36 -3.14
N ALA B 11 11.92 5.47 -4.32
CA ALA B 11 13.25 6.05 -4.42
C ALA B 11 13.26 7.24 -5.37
N GLY A 1 -11.12 6.64 -13.72
CA GLY A 1 -9.80 6.45 -14.38
C GLY A 1 -8.64 6.88 -13.51
N ARG A 2 -8.88 6.92 -12.19
CA ARG A 2 -7.85 7.31 -11.25
C ARG A 2 -7.73 6.31 -10.11
N VAL A 3 -6.79 5.39 -10.25
CA VAL A 3 -6.56 4.37 -9.22
C VAL A 3 -5.47 4.80 -8.26
N ARG A 4 -5.87 5.13 -7.03
CA ARG A 4 -4.93 5.56 -6.01
C ARG A 4 -5.40 5.16 -4.62
N TRP A 5 -5.70 3.87 -4.45
CA TRP A 5 -6.17 3.35 -3.17
C TRP A 5 -5.57 1.98 -2.90
N ALA A 6 -5.52 1.59 -1.63
CA ALA A 6 -4.97 0.31 -1.28
C ALA A 6 -5.98 -0.50 -0.48
N ARG A 7 -6.60 -1.48 -1.13
CA ARG A 7 -7.57 -2.32 -0.46
C ARG A 7 -6.93 -3.66 -0.16
N ALA A 8 -6.68 -3.89 1.11
CA ALA A 8 -6.05 -5.11 1.56
C ALA A 8 -7.01 -6.29 1.56
N LEU A 9 -6.52 -7.43 1.11
CA LEU A 9 -7.30 -8.67 1.08
C LEU A 9 -6.66 -9.65 2.05
N TYR A 10 -5.47 -9.27 2.49
CA TYR A 10 -4.68 -10.03 3.44
C TYR A 10 -3.99 -9.08 4.41
N ASP A 11 -3.26 -9.61 5.38
CA ASP A 11 -2.55 -8.78 6.35
C ASP A 11 -1.66 -7.75 5.66
N PHE A 12 -0.91 -6.99 6.45
CA PHE A 12 -0.03 -5.95 5.93
C PHE A 12 1.42 -6.41 5.89
N GLU A 13 2.16 -5.93 4.88
CA GLU A 13 3.58 -6.29 4.72
C GLU A 13 4.49 -5.20 5.25
N ALA A 14 3.93 -4.25 5.97
CA ALA A 14 4.72 -3.15 6.52
C ALA A 14 5.64 -3.64 7.63
N LEU A 15 6.91 -3.79 7.30
CA LEU A 15 7.90 -4.25 8.27
C LEU A 15 8.86 -3.13 8.64
N GLU A 16 8.70 -1.98 7.99
CA GLU A 16 9.55 -0.83 8.26
C GLU A 16 8.79 0.27 9.00
N GLU A 17 9.52 1.22 9.57
CA GLU A 17 8.92 2.32 10.30
C GLU A 17 8.30 3.34 9.34
N ASP A 18 8.99 3.59 8.24
CA ASP A 18 8.51 4.54 7.24
C ASP A 18 7.32 3.97 6.49
N GLU A 19 6.99 2.71 6.78
CA GLU A 19 5.87 2.03 6.15
C GLU A 19 4.67 1.98 7.07
N LEU A 20 3.49 1.81 6.48
CA LEU A 20 2.25 1.74 7.24
C LEU A 20 1.61 0.36 7.08
N GLY A 21 0.98 -0.13 8.15
CA GLY A 21 0.37 -1.44 8.09
C GLY A 21 -1.14 -1.41 8.23
N PHE A 22 -1.81 -2.16 7.37
CA PHE A 22 -3.27 -2.25 7.39
C PHE A 22 -3.70 -3.66 7.78
N ARG A 23 -4.99 -3.94 7.62
CA ARG A 23 -5.52 -5.26 7.95
C ARG A 23 -6.35 -5.83 6.80
N SER A 24 -6.60 -7.12 6.85
CA SER A 24 -7.38 -7.80 5.82
C SER A 24 -8.74 -7.14 5.64
N GLY A 25 -9.07 -6.80 4.39
CA GLY A 25 -10.34 -6.15 4.09
C GLY A 25 -10.40 -4.72 4.59
N GLU A 26 -9.49 -3.88 4.09
CA GLU A 26 -9.46 -2.48 4.48
C GLU A 26 -9.13 -1.58 3.30
N VAL A 27 -9.71 -0.38 3.30
CA VAL A 27 -9.47 0.59 2.22
C VAL A 27 -8.45 1.63 2.65
N VAL A 28 -7.54 1.97 1.74
CA VAL A 28 -6.50 2.94 2.02
C VAL A 28 -6.41 3.99 0.91
N GLU A 29 -6.13 5.23 1.30
CA GLU A 29 -6.00 6.32 0.33
C GLU A 29 -4.54 6.50 -0.07
N VAL A 30 -4.22 6.18 -1.32
CA VAL A 30 -2.85 6.30 -1.82
C VAL A 30 -2.53 7.75 -2.18
N LEU A 31 -1.32 8.17 -1.82
CA LEU A 31 -0.88 9.53 -2.11
C LEU A 31 0.10 9.56 -3.27
N ASP A 32 0.84 8.48 -3.47
CA ASP A 32 1.82 8.41 -4.54
C ASP A 32 1.91 6.99 -5.12
N SER A 33 1.02 6.68 -6.06
CA SER A 33 1.01 5.37 -6.70
C SER A 33 2.13 5.26 -7.71
N SER A 34 2.91 6.32 -7.86
CA SER A 34 4.02 6.27 -8.78
C SER A 34 5.14 5.47 -8.14
N ASN A 35 5.41 4.32 -8.73
CA ASN A 35 6.43 3.37 -8.27
C ASN A 35 6.14 2.01 -8.87
N PRO A 36 7.15 1.14 -9.01
CA PRO A 36 6.96 -0.17 -9.59
C PRO A 36 6.66 -1.26 -8.57
N SER A 37 6.33 -0.87 -7.34
CA SER A 37 6.02 -1.84 -6.30
C SER A 37 5.54 -1.20 -5.01
N TRP A 38 6.35 -0.32 -4.44
CA TRP A 38 6.00 0.34 -3.18
C TRP A 38 5.46 1.75 -3.40
N TRP A 39 4.21 1.97 -3.02
CA TRP A 39 3.60 3.30 -3.14
C TRP A 39 3.36 3.89 -1.76
N THR A 40 3.55 5.20 -1.63
CA THR A 40 3.33 5.88 -0.35
C THR A 40 1.88 6.33 -0.19
N GLY A 41 1.28 5.97 0.93
CA GLY A 41 -0.10 6.33 1.19
C GLY A 41 -0.43 6.33 2.67
N ARG A 42 -1.71 6.41 3.00
CA ARG A 42 -2.13 6.41 4.40
C ARG A 42 -3.50 5.77 4.57
N LEU A 43 -3.65 4.99 5.64
CA LEU A 43 -4.90 4.30 5.94
C LEU A 43 -5.53 4.90 7.20
N HIS A 44 -6.70 5.49 7.04
CA HIS A 44 -7.42 6.11 8.16
C HIS A 44 -6.63 7.29 8.70
N ASN A 45 -5.58 7.02 9.47
CA ASN A 45 -4.75 8.08 10.03
C ASN A 45 -3.29 7.66 10.16
N LYS A 46 -2.95 6.54 9.52
CA LYS A 46 -1.57 6.04 9.55
C LYS A 46 -0.89 6.37 8.23
N LEU A 47 0.25 7.04 8.29
CA LEU A 47 0.98 7.40 7.08
C LEU A 47 2.22 6.53 6.90
N GLY A 48 2.43 6.08 5.67
CA GLY A 48 3.59 5.25 5.37
C GLY A 48 3.49 4.56 4.02
N LEU A 49 4.45 3.71 3.73
CA LEU A 49 4.48 2.99 2.47
C LEU A 49 3.78 1.63 2.61
N PHE A 50 3.26 1.12 1.50
CA PHE A 50 2.57 -0.17 1.51
C PHE A 50 2.90 -0.98 0.25
N PRO A 51 2.63 -2.31 0.28
CA PRO A 51 2.89 -3.20 -0.86
C PRO A 51 1.79 -3.12 -1.90
N ALA A 52 2.10 -2.53 -3.06
CA ALA A 52 1.13 -2.40 -4.14
C ALA A 52 0.80 -3.75 -4.76
N ASN A 53 1.56 -4.78 -4.38
CA ASN A 53 1.34 -6.12 -4.90
C ASN A 53 0.45 -6.93 -3.97
N TYR A 54 0.53 -6.64 -2.67
CA TYR A 54 -0.29 -7.35 -1.68
C TYR A 54 -1.74 -6.91 -1.77
N VAL A 55 -1.96 -5.60 -1.94
CA VAL A 55 -3.31 -5.06 -2.04
C VAL A 55 -3.51 -4.30 -3.36
N ALA A 56 -4.76 -4.22 -3.81
CA ALA A 56 -5.07 -3.52 -5.06
C ALA A 56 -6.04 -2.36 -4.82
N PRO A 57 -5.97 -1.30 -5.66
CA PRO A 57 -6.82 -0.12 -5.52
C PRO A 57 -8.31 -0.43 -5.60
N MET A 58 -9.11 0.62 -5.51
CA MET A 58 -10.55 0.52 -5.55
C MET A 58 -11.15 1.76 -6.21
N MET A 59 -11.50 1.63 -7.48
CA MET A 59 -12.08 2.75 -8.22
C MET A 59 -13.51 3.01 -7.76
N ARG A 60 -13.70 4.10 -7.04
CA ARG A 60 -15.02 4.47 -6.54
C ARG A 60 -15.63 5.58 -7.40
N ALA B 1 0.44 -16.18 -3.35
CA ALA B 1 0.60 -15.12 -2.34
C ALA B 1 1.45 -13.97 -2.89
N PRO B 2 0.89 -12.75 -2.94
CA PRO B 2 1.59 -11.57 -3.45
C PRO B 2 2.93 -11.36 -2.75
N SER B 3 3.98 -11.19 -3.54
CA SER B 3 5.32 -10.98 -3.01
C SER B 3 5.84 -9.58 -3.33
N ILE B 4 6.14 -8.82 -2.28
CA ILE B 4 6.64 -7.47 -2.44
C ILE B 4 8.06 -7.34 -1.90
N ASP B 5 8.92 -6.66 -2.66
CA ASP B 5 10.31 -6.46 -2.28
C ASP B 5 10.53 -5.02 -1.82
N ARG B 6 11.11 -4.86 -0.63
CA ARG B 6 11.38 -3.53 -0.08
C ARG B 6 12.61 -2.90 -0.74
N SER B 7 13.29 -3.67 -1.58
CA SER B 7 14.48 -3.17 -2.27
C SER B 7 14.12 -2.20 -3.39
N THR B 8 12.83 -1.93 -3.56
CA THR B 8 12.37 -1.03 -4.61
C THR B 8 11.41 0.02 -4.04
N LYS B 9 11.56 0.32 -2.75
CA LYS B 9 10.73 1.31 -2.09
C LYS B 9 10.82 2.66 -2.78
N PRO B 10 9.86 3.58 -2.52
CA PRO B 10 9.86 4.91 -3.14
C PRO B 10 11.22 5.59 -3.10
N ALA B 11 11.73 5.95 -4.27
CA ALA B 11 13.03 6.60 -4.38
C ALA B 11 13.06 7.58 -5.53
N GLY A 1 -6.81 5.92 -15.75
CA GLY A 1 -6.37 5.09 -14.60
C GLY A 1 -5.88 5.91 -13.42
N ARG A 2 -6.80 6.30 -12.56
CA ARG A 2 -6.46 7.10 -11.39
C ARG A 2 -6.45 6.26 -10.12
N VAL A 3 -5.96 5.04 -10.25
CA VAL A 3 -5.88 4.11 -9.12
C VAL A 3 -4.99 4.70 -8.02
N ARG A 4 -5.61 5.18 -6.95
CA ARG A 4 -4.87 5.76 -5.84
C ARG A 4 -5.43 5.31 -4.49
N TRP A 5 -5.74 4.02 -4.38
CA TRP A 5 -6.28 3.46 -3.16
C TRP A 5 -5.66 2.10 -2.88
N ALA A 6 -5.69 1.67 -1.63
CA ALA A 6 -5.11 0.39 -1.28
C ALA A 6 -6.10 -0.41 -0.43
N ARG A 7 -6.72 -1.41 -1.05
CA ARG A 7 -7.65 -2.25 -0.32
C ARG A 7 -6.99 -3.60 -0.08
N ALA A 8 -6.66 -3.84 1.17
CA ALA A 8 -5.99 -5.06 1.56
C ALA A 8 -6.93 -6.27 1.56
N LEU A 9 -6.51 -7.31 0.87
CA LEU A 9 -7.27 -8.55 0.79
C LEU A 9 -6.66 -9.54 1.78
N TYR A 10 -5.42 -9.22 2.15
CA TYR A 10 -4.65 -10.01 3.10
C TYR A 10 -3.96 -9.06 4.08
N ASP A 11 -3.24 -9.63 5.05
CA ASP A 11 -2.53 -8.82 6.04
C ASP A 11 -1.63 -7.77 5.37
N PHE A 12 -0.85 -7.08 6.18
CA PHE A 12 0.05 -6.04 5.67
C PHE A 12 1.50 -6.52 5.58
N GLU A 13 2.22 -6.02 4.58
CA GLU A 13 3.62 -6.39 4.37
C GLU A 13 4.58 -5.33 4.91
N ALA A 14 4.06 -4.40 5.70
CA ALA A 14 4.90 -3.34 6.25
C ALA A 14 5.85 -3.90 7.30
N LEU A 15 7.11 -4.05 6.91
CA LEU A 15 8.14 -4.58 7.82
C LEU A 15 9.06 -3.46 8.27
N GLU A 16 8.93 -2.30 7.63
CA GLU A 16 9.76 -1.14 7.97
C GLU A 16 8.97 -0.15 8.82
N GLU A 17 9.67 0.89 9.30
CA GLU A 17 9.04 1.91 10.13
C GLU A 17 8.48 3.05 9.27
N ASP A 18 9.10 3.29 8.13
CA ASP A 18 8.67 4.34 7.22
C ASP A 18 7.48 3.89 6.38
N GLU A 19 6.98 2.69 6.67
CA GLU A 19 5.85 2.14 5.94
C GLU A 19 4.57 2.20 6.77
N LEU A 20 3.53 1.55 6.27
CA LEU A 20 2.24 1.52 6.95
C LEU A 20 1.63 0.12 6.85
N GLY A 21 1.02 -0.33 7.94
CA GLY A 21 0.43 -1.65 7.95
C GLY A 21 -1.08 -1.65 8.11
N PHE A 22 -1.76 -2.37 7.24
CA PHE A 22 -3.21 -2.48 7.28
C PHE A 22 -3.63 -3.90 7.63
N ARG A 23 -4.93 -4.16 7.59
CA ARG A 23 -5.47 -5.48 7.89
C ARG A 23 -6.40 -5.95 6.78
N SER A 24 -6.67 -7.26 6.75
CA SER A 24 -7.54 -7.85 5.74
C SER A 24 -8.83 -7.05 5.57
N GLY A 25 -9.28 -6.91 4.34
CA GLY A 25 -10.50 -6.18 4.04
C GLY A 25 -10.50 -4.77 4.59
N GLU A 26 -9.60 -3.93 4.10
CA GLU A 26 -9.52 -2.54 4.55
C GLU A 26 -9.35 -1.59 3.38
N VAL A 27 -9.58 -0.31 3.64
CA VAL A 27 -9.46 0.72 2.61
C VAL A 27 -8.40 1.75 2.97
N VAL A 28 -7.53 2.06 2.01
CA VAL A 28 -6.46 3.03 2.23
C VAL A 28 -6.42 4.06 1.10
N GLU A 29 -6.14 5.30 1.45
CA GLU A 29 -6.05 6.37 0.47
C GLU A 29 -4.59 6.59 0.05
N VAL A 30 -4.28 6.26 -1.20
CA VAL A 30 -2.92 6.40 -1.70
C VAL A 30 -2.62 7.85 -2.08
N LEU A 31 -1.56 8.39 -1.50
CA LEU A 31 -1.16 9.76 -1.76
C LEU A 31 -0.01 9.84 -2.76
N ASP A 32 0.43 8.67 -3.24
CA ASP A 32 1.52 8.61 -4.21
C ASP A 32 1.61 7.23 -4.86
N SER A 33 0.66 6.94 -5.76
CA SER A 33 0.63 5.67 -6.47
C SER A 33 1.72 5.62 -7.52
N SER A 34 2.45 6.71 -7.68
CA SER A 34 3.52 6.70 -8.65
C SER A 34 4.68 5.91 -8.08
N ASN A 35 4.95 4.78 -8.73
CA ASN A 35 6.00 3.85 -8.35
C ASN A 35 5.74 2.51 -9.02
N PRO A 36 6.74 1.62 -9.12
CA PRO A 36 6.57 0.33 -9.77
C PRO A 36 6.18 -0.80 -8.83
N SER A 37 5.98 -0.50 -7.55
CA SER A 37 5.61 -1.54 -6.58
C SER A 37 5.16 -0.96 -5.25
N TRP A 38 6.00 -0.12 -4.65
CA TRP A 38 5.68 0.47 -3.35
C TRP A 38 5.17 1.91 -3.50
N TRP A 39 3.92 2.13 -3.11
CA TRP A 39 3.33 3.46 -3.19
C TRP A 39 3.16 4.06 -1.79
N THR A 40 3.33 5.38 -1.69
CA THR A 40 3.19 6.07 -0.42
C THR A 40 1.74 6.53 -0.19
N GLY A 41 1.11 5.97 0.84
CA GLY A 41 -0.26 6.33 1.15
C GLY A 41 -0.50 6.43 2.64
N ARG A 42 -1.77 6.47 3.06
CA ARG A 42 -2.10 6.56 4.47
C ARG A 42 -3.42 5.87 4.80
N LEU A 43 -3.41 5.04 5.83
CA LEU A 43 -4.59 4.32 6.26
C LEU A 43 -5.24 5.01 7.46
N HIS A 44 -6.47 5.50 7.27
CA HIS A 44 -7.20 6.20 8.32
C HIS A 44 -6.51 7.52 8.65
N ASN A 45 -5.51 7.47 9.53
CA ASN A 45 -4.78 8.67 9.93
C ASN A 45 -3.29 8.38 10.07
N LYS A 46 -2.88 7.20 9.62
CA LYS A 46 -1.47 6.80 9.69
C LYS A 46 -0.86 6.88 8.29
N LEU A 47 0.29 7.54 8.19
CA LEU A 47 0.96 7.68 6.89
C LEU A 47 2.14 6.74 6.77
N GLY A 48 2.24 6.08 5.62
CA GLY A 48 3.32 5.17 5.36
C GLY A 48 3.20 4.46 4.02
N LEU A 49 4.26 3.76 3.63
CA LEU A 49 4.27 3.04 2.35
C LEU A 49 3.54 1.70 2.47
N PHE A 50 3.15 1.13 1.33
CA PHE A 50 2.45 -0.15 1.33
C PHE A 50 2.75 -0.93 0.05
N PRO A 51 2.50 -2.26 0.05
CA PRO A 51 2.73 -3.12 -1.12
C PRO A 51 1.60 -3.04 -2.13
N ALA A 52 1.86 -2.43 -3.28
CA ALA A 52 0.85 -2.31 -4.32
C ALA A 52 0.60 -3.65 -4.98
N ASN A 53 1.42 -4.64 -4.63
CA ASN A 53 1.28 -5.98 -5.17
C ASN A 53 0.42 -6.85 -4.26
N TYR A 54 0.41 -6.51 -2.97
CA TYR A 54 -0.37 -7.25 -1.99
C TYR A 54 -1.83 -6.82 -2.02
N VAL A 55 -2.06 -5.52 -2.18
CA VAL A 55 -3.42 -4.99 -2.22
C VAL A 55 -3.69 -4.24 -3.52
N ALA A 56 -4.97 -4.15 -3.90
CA ALA A 56 -5.36 -3.46 -5.14
C ALA A 56 -6.22 -2.24 -4.83
N PRO A 57 -6.12 -1.18 -5.66
CA PRO A 57 -6.87 0.06 -5.44
C PRO A 57 -8.38 -0.10 -5.56
N MET A 58 -9.07 0.55 -4.64
CA MET A 58 -10.52 0.54 -4.58
C MET A 58 -11.08 1.65 -5.46
N MET A 59 -11.52 1.29 -6.66
CA MET A 59 -12.08 2.27 -7.59
C MET A 59 -13.56 2.51 -7.32
N ARG A 60 -13.88 3.70 -6.80
CA ARG A 60 -15.25 4.06 -6.49
C ARG A 60 -16.10 4.13 -7.76
N ALA B 1 -0.01 -15.70 -2.41
CA ALA B 1 0.80 -14.90 -1.46
C ALA B 1 1.76 -13.98 -2.20
N PRO B 2 1.22 -12.88 -2.79
CA PRO B 2 2.03 -11.91 -3.53
C PRO B 2 3.19 -11.37 -2.69
N SER B 3 4.39 -11.89 -2.92
CA SER B 3 5.57 -11.46 -2.18
C SER B 3 6.09 -10.13 -2.72
N ILE B 4 6.14 -9.15 -1.83
CA ILE B 4 6.60 -7.81 -2.19
C ILE B 4 8.00 -7.56 -1.66
N ASP B 5 8.84 -6.95 -2.49
CA ASP B 5 10.22 -6.64 -2.12
C ASP B 5 10.35 -5.19 -1.69
N ARG B 6 10.92 -4.97 -0.50
CA ARG B 6 11.11 -3.62 0.03
C ARG B 6 12.29 -2.92 -0.65
N SER B 7 12.99 -3.66 -1.50
CA SER B 7 14.15 -3.12 -2.21
C SER B 7 13.71 -2.21 -3.37
N THR B 8 12.41 -2.01 -3.50
CA THR B 8 11.87 -1.17 -4.57
C THR B 8 10.94 -0.08 -4.00
N LYS B 9 11.18 0.29 -2.75
CA LYS B 9 10.37 1.31 -2.09
C LYS B 9 10.52 2.66 -2.81
N PRO B 10 9.57 3.59 -2.59
CA PRO B 10 9.60 4.91 -3.22
C PRO B 10 11.00 5.52 -3.25
N ALA B 11 11.43 5.98 -4.42
CA ALA B 11 12.74 6.58 -4.57
C ALA B 11 12.70 7.75 -5.55
N GLY A 1 -8.48 5.37 -15.65
CA GLY A 1 -9.23 5.69 -14.41
C GLY A 1 -8.36 6.31 -13.34
N ARG A 2 -8.81 6.24 -12.10
CA ARG A 2 -8.06 6.80 -10.99
C ARG A 2 -7.76 5.75 -9.92
N VAL A 3 -6.56 5.18 -9.99
CA VAL A 3 -6.15 4.16 -9.03
C VAL A 3 -5.19 4.74 -8.00
N ARG A 4 -5.74 5.21 -6.89
CA ARG A 4 -4.94 5.80 -5.82
C ARG A 4 -5.43 5.34 -4.45
N TRP A 5 -5.69 4.05 -4.31
CA TRP A 5 -6.17 3.49 -3.05
C TRP A 5 -5.55 2.13 -2.80
N ALA A 6 -5.52 1.70 -1.54
CA ALA A 6 -4.94 0.42 -1.21
C ALA A 6 -5.92 -0.41 -0.39
N ARG A 7 -6.53 -1.40 -1.03
CA ARG A 7 -7.47 -2.26 -0.34
C ARG A 7 -6.80 -3.59 -0.06
N ALA A 8 -6.51 -3.82 1.21
CA ALA A 8 -5.84 -5.02 1.65
C ALA A 8 -6.78 -6.21 1.73
N LEU A 9 -6.50 -7.24 0.94
CA LEU A 9 -7.30 -8.46 0.95
C LEU A 9 -6.70 -9.43 1.95
N TYR A 10 -5.45 -9.14 2.33
CA TYR A 10 -4.72 -9.95 3.29
C TYR A 10 -4.01 -9.05 4.28
N ASP A 11 -3.34 -9.64 5.26
CA ASP A 11 -2.61 -8.88 6.27
C ASP A 11 -1.63 -7.90 5.63
N PHE A 12 -0.90 -7.17 6.47
CA PHE A 12 0.07 -6.19 6.00
C PHE A 12 1.50 -6.71 6.09
N GLU A 13 2.35 -6.30 5.14
CA GLU A 13 3.75 -6.72 5.13
C GLU A 13 4.68 -5.60 5.57
N ALA A 14 4.13 -4.55 6.16
CA ALA A 14 4.96 -3.43 6.58
C ALA A 14 5.86 -3.82 7.75
N LEU A 15 7.12 -4.06 7.44
CA LEU A 15 8.11 -4.43 8.45
C LEU A 15 8.98 -3.23 8.78
N GLU A 16 8.85 -2.18 7.99
CA GLU A 16 9.63 -0.96 8.20
C GLU A 16 8.81 0.10 8.90
N GLU A 17 9.49 0.99 9.63
CA GLU A 17 8.83 2.05 10.35
C GLU A 17 8.31 3.13 9.40
N ASP A 18 9.00 3.31 8.27
CA ASP A 18 8.61 4.30 7.28
C ASP A 18 7.42 3.82 6.46
N GLU A 19 6.92 2.63 6.76
CA GLU A 19 5.80 2.06 6.05
C GLU A 19 4.53 2.06 6.90
N LEU A 20 3.45 1.53 6.33
CA LEU A 20 2.18 1.46 7.03
C LEU A 20 1.60 0.05 6.95
N GLY A 21 0.91 -0.36 8.01
CA GLY A 21 0.33 -1.67 8.04
C GLY A 21 -1.18 -1.65 8.15
N PHE A 22 -1.83 -2.41 7.28
CA PHE A 22 -3.29 -2.50 7.27
C PHE A 22 -3.75 -3.91 7.65
N ARG A 23 -5.05 -4.14 7.54
CA ARG A 23 -5.62 -5.44 7.85
C ARG A 23 -6.51 -5.93 6.72
N SER A 24 -6.83 -7.23 6.72
CA SER A 24 -7.67 -7.82 5.69
C SER A 24 -8.97 -7.02 5.51
N GLY A 25 -9.42 -6.92 4.27
CA GLY A 25 -10.65 -6.20 3.97
C GLY A 25 -10.61 -4.75 4.44
N GLU A 26 -9.59 -4.01 4.01
CA GLU A 26 -9.45 -2.61 4.40
C GLU A 26 -9.31 -1.71 3.19
N VAL A 27 -9.47 -0.41 3.40
CA VAL A 27 -9.35 0.59 2.34
C VAL A 27 -8.38 1.69 2.75
N VAL A 28 -7.47 2.04 1.87
CA VAL A 28 -6.48 3.07 2.15
C VAL A 28 -6.43 4.12 1.04
N GLU A 29 -6.21 5.38 1.43
CA GLU A 29 -6.12 6.46 0.45
C GLU A 29 -4.67 6.69 0.08
N VAL A 30 -4.32 6.33 -1.15
CA VAL A 30 -2.94 6.47 -1.62
C VAL A 30 -2.64 7.90 -2.05
N LEU A 31 -1.45 8.37 -1.70
CA LEU A 31 -1.02 9.72 -2.02
C LEU A 31 0.00 9.72 -3.16
N ASP A 32 0.68 8.59 -3.34
CA ASP A 32 1.68 8.47 -4.40
C ASP A 32 1.77 7.04 -4.94
N SER A 33 0.86 6.71 -5.86
CA SER A 33 0.84 5.39 -6.48
C SER A 33 1.91 5.29 -7.54
N SER A 34 2.64 6.36 -7.76
CA SER A 34 3.70 6.31 -8.74
C SER A 34 4.88 5.56 -8.13
N ASN A 35 5.14 4.39 -8.71
CA ASN A 35 6.20 3.50 -8.28
C ASN A 35 5.95 2.13 -8.90
N PRO A 36 6.94 1.23 -8.91
CA PRO A 36 6.78 -0.08 -9.52
C PRO A 36 6.36 -1.18 -8.55
N SER A 37 6.20 -0.85 -7.26
CA SER A 37 5.80 -1.86 -6.29
C SER A 37 5.41 -1.25 -4.95
N TRP A 38 6.14 -0.24 -4.49
CA TRP A 38 5.85 0.37 -3.19
C TRP A 38 5.30 1.79 -3.37
N TRP A 39 4.05 1.98 -3.00
CA TRP A 39 3.41 3.30 -3.10
C TRP A 39 3.18 3.89 -1.72
N THR A 40 3.35 5.21 -1.60
CA THR A 40 3.14 5.90 -0.34
C THR A 40 1.68 6.29 -0.15
N GLY A 41 1.04 5.72 0.86
CA GLY A 41 -0.35 6.02 1.14
C GLY A 41 -0.64 6.02 2.63
N ARG A 42 -1.82 6.51 3.03
CA ARG A 42 -2.17 6.57 4.43
C ARG A 42 -3.52 5.90 4.72
N LEU A 43 -3.53 5.05 5.74
CA LEU A 43 -4.75 4.33 6.15
C LEU A 43 -5.37 5.02 7.35
N HIS A 44 -6.59 5.53 7.18
CA HIS A 44 -7.30 6.21 8.25
C HIS A 44 -6.57 7.51 8.63
N ASN A 45 -5.56 7.39 9.49
CA ASN A 45 -4.78 8.55 9.91
C ASN A 45 -3.30 8.22 10.00
N LYS A 46 -2.92 7.04 9.50
CA LYS A 46 -1.52 6.62 9.51
C LYS A 46 -0.93 6.70 8.11
N LEU A 47 0.18 7.42 7.97
CA LEU A 47 0.83 7.57 6.68
C LEU A 47 2.07 6.68 6.57
N GLY A 48 2.35 6.22 5.35
CA GLY A 48 3.51 5.37 5.13
C GLY A 48 3.47 4.68 3.79
N LEU A 49 4.37 3.72 3.58
CA LEU A 49 4.42 2.98 2.32
C LEU A 49 3.77 1.61 2.48
N PHE A 50 3.18 1.11 1.40
CA PHE A 50 2.51 -0.20 1.44
C PHE A 50 2.85 -1.02 0.20
N PRO A 51 2.63 -2.36 0.25
CA PRO A 51 2.91 -3.25 -0.87
C PRO A 51 1.82 -3.20 -1.94
N ALA A 52 2.11 -2.56 -3.06
CA ALA A 52 1.15 -2.46 -4.16
C ALA A 52 0.87 -3.83 -4.76
N ASN A 53 1.70 -4.81 -4.42
CA ASN A 53 1.55 -6.16 -4.93
C ASN A 53 0.63 -6.98 -4.04
N TYR A 54 0.63 -6.66 -2.74
CA TYR A 54 -0.21 -7.39 -1.79
C TYR A 54 -1.66 -6.93 -1.88
N VAL A 55 -1.86 -5.62 -2.04
CA VAL A 55 -3.22 -5.07 -2.14
C VAL A 55 -3.39 -4.27 -3.42
N ALA A 56 -4.65 -4.02 -3.80
CA ALA A 56 -4.94 -3.28 -5.03
C ALA A 56 -5.92 -2.14 -4.78
N PRO A 57 -5.87 -1.07 -5.61
CA PRO A 57 -6.73 0.11 -5.47
C PRO A 57 -8.21 -0.20 -5.64
N MET A 58 -9.01 0.86 -5.54
CA MET A 58 -10.45 0.78 -5.66
C MET A 58 -10.99 2.03 -6.32
N MET A 59 -11.28 1.95 -7.62
CA MET A 59 -11.78 3.09 -8.38
C MET A 59 -13.22 3.42 -7.96
N ARG A 60 -13.38 4.54 -7.26
CA ARG A 60 -14.68 4.98 -6.80
C ARG A 60 -15.61 5.26 -7.99
N ALA B 1 0.54 -16.30 -2.97
CA ALA B 1 0.81 -15.20 -2.00
C ALA B 1 1.68 -14.13 -2.64
N PRO B 2 1.10 -12.94 -2.92
CA PRO B 2 1.84 -11.83 -3.52
C PRO B 2 3.11 -11.49 -2.75
N SER B 3 4.23 -11.41 -3.47
CA SER B 3 5.51 -11.11 -2.85
C SER B 3 5.97 -9.70 -3.18
N ILE B 4 6.26 -8.93 -2.14
CA ILE B 4 6.71 -7.55 -2.30
C ILE B 4 8.14 -7.38 -1.78
N ASP B 5 8.96 -6.67 -2.55
CA ASP B 5 10.35 -6.44 -2.18
C ASP B 5 10.57 -4.99 -1.76
N ARG B 6 11.27 -4.81 -0.64
CA ARG B 6 11.56 -3.47 -0.13
C ARG B 6 12.70 -2.81 -0.89
N SER B 7 13.32 -3.55 -1.80
CA SER B 7 14.44 -3.04 -2.58
C SER B 7 13.95 -2.10 -3.69
N THR B 8 12.64 -1.88 -3.75
CA THR B 8 12.06 -1.02 -4.77
C THR B 8 11.12 0.03 -4.16
N LYS B 9 11.37 0.36 -2.89
CA LYS B 9 10.57 1.35 -2.19
C LYS B 9 10.67 2.72 -2.88
N PRO B 10 9.71 3.63 -2.61
CA PRO B 10 9.72 4.97 -3.21
C PRO B 10 11.10 5.60 -3.25
N ALA B 11 11.51 6.07 -4.41
CA ALA B 11 12.81 6.69 -4.58
C ALA B 11 12.67 8.16 -4.96
N GLY A 1 -5.74 7.65 -14.90
CA GLY A 1 -6.93 7.20 -14.12
C GLY A 1 -6.90 7.71 -12.69
N ARG A 2 -7.77 7.15 -11.85
CA ARG A 2 -7.85 7.54 -10.45
C ARG A 2 -7.70 6.33 -9.55
N VAL A 3 -6.76 5.47 -9.89
CA VAL A 3 -6.50 4.26 -9.11
C VAL A 3 -5.40 4.51 -8.07
N ARG A 4 -5.73 5.27 -7.04
CA ARG A 4 -4.80 5.58 -5.98
C ARG A 4 -5.34 5.15 -4.62
N TRP A 5 -5.64 3.86 -4.51
CA TRP A 5 -6.19 3.29 -3.28
C TRP A 5 -5.53 1.96 -2.99
N ALA A 6 -5.56 1.55 -1.73
CA ALA A 6 -4.95 0.29 -1.35
C ALA A 6 -5.90 -0.52 -0.48
N ARG A 7 -6.51 -1.54 -1.07
CA ARG A 7 -7.41 -2.39 -0.33
C ARG A 7 -6.73 -3.73 -0.09
N ALA A 8 -6.36 -3.96 1.15
CA ALA A 8 -5.66 -5.18 1.52
C ALA A 8 -6.59 -6.37 1.60
N LEU A 9 -6.33 -7.36 0.76
CA LEU A 9 -7.11 -8.58 0.74
C LEU A 9 -6.53 -9.53 1.80
N TYR A 10 -5.34 -9.17 2.25
CA TYR A 10 -4.62 -9.91 3.27
C TYR A 10 -3.95 -8.92 4.23
N ASP A 11 -3.28 -9.44 5.25
CA ASP A 11 -2.60 -8.58 6.22
C ASP A 11 -1.65 -7.60 5.54
N PHE A 12 -0.89 -6.86 6.34
CA PHE A 12 0.05 -5.86 5.82
C PHE A 12 1.48 -6.38 5.78
N GLU A 13 2.24 -5.90 4.80
CA GLU A 13 3.64 -6.28 4.62
C GLU A 13 4.58 -5.18 5.11
N ALA A 14 4.03 -4.19 5.81
CA ALA A 14 4.85 -3.08 6.30
C ALA A 14 5.78 -3.54 7.40
N LEU A 15 7.06 -3.70 7.05
CA LEU A 15 8.06 -4.12 8.01
C LEU A 15 8.91 -2.94 8.45
N GLU A 16 8.69 -1.80 7.81
CA GLU A 16 9.44 -0.58 8.14
C GLU A 16 8.55 0.43 8.86
N GLU A 17 9.20 1.40 9.51
CA GLU A 17 8.48 2.44 10.24
C GLU A 17 7.93 3.49 9.29
N ASP A 18 8.65 3.75 8.20
CA ASP A 18 8.23 4.73 7.20
C ASP A 18 7.07 4.18 6.38
N GLU A 19 6.67 2.96 6.67
CA GLU A 19 5.57 2.31 5.95
C GLU A 19 4.33 2.27 6.82
N LEU A 20 3.23 1.80 6.23
CA LEU A 20 1.96 1.71 6.95
C LEU A 20 1.47 0.26 6.98
N GLY A 21 0.93 -0.16 8.11
CA GLY A 21 0.44 -1.51 8.25
C GLY A 21 -1.06 -1.60 8.35
N PHE A 22 -1.69 -2.22 7.35
CA PHE A 22 -3.13 -2.39 7.33
C PHE A 22 -3.50 -3.85 7.54
N ARG A 23 -4.79 -4.16 7.44
CA ARG A 23 -5.25 -5.52 7.62
C ARG A 23 -6.15 -5.98 6.48
N SER A 24 -6.64 -7.21 6.56
CA SER A 24 -7.51 -7.76 5.54
C SER A 24 -8.79 -6.95 5.40
N GLY A 25 -9.32 -6.89 4.18
CA GLY A 25 -10.54 -6.15 3.92
C GLY A 25 -10.47 -4.71 4.42
N GLU A 26 -9.32 -4.07 4.23
CA GLU A 26 -9.15 -2.68 4.68
C GLU A 26 -8.91 -1.75 3.50
N VAL A 27 -9.67 -0.66 3.46
CA VAL A 27 -9.55 0.33 2.39
C VAL A 27 -8.58 1.43 2.78
N VAL A 28 -7.68 1.78 1.86
CA VAL A 28 -6.69 2.81 2.11
C VAL A 28 -6.63 3.84 0.98
N GLU A 29 -6.44 5.10 1.35
CA GLU A 29 -6.35 6.17 0.37
C GLU A 29 -4.88 6.42 0.02
N VAL A 30 -4.48 6.05 -1.20
CA VAL A 30 -3.10 6.23 -1.61
C VAL A 30 -2.83 7.66 -2.04
N LEU A 31 -1.71 8.20 -1.57
CA LEU A 31 -1.32 9.57 -1.89
C LEU A 31 -0.24 9.60 -2.96
N ASP A 32 0.33 8.43 -3.26
CA ASP A 32 1.39 8.33 -4.27
C ASP A 32 1.51 6.91 -4.82
N SER A 33 0.77 6.64 -5.89
CA SER A 33 0.80 5.32 -6.53
C SER A 33 1.87 5.27 -7.59
N SER A 34 2.57 6.36 -7.81
CA SER A 34 3.63 6.35 -8.78
C SER A 34 4.82 5.59 -8.20
N ASN A 35 5.09 4.45 -8.82
CA ASN A 35 6.17 3.55 -8.41
C ASN A 35 5.94 2.18 -9.04
N PRO A 36 6.97 1.32 -9.13
CA PRO A 36 6.84 0.00 -9.74
C PRO A 36 6.49 -1.11 -8.77
N SER A 37 6.31 -0.80 -7.48
CA SER A 37 5.98 -1.84 -6.51
C SER A 37 5.53 -1.26 -5.17
N TRP A 38 6.25 -0.27 -4.66
CA TRP A 38 5.91 0.32 -3.37
C TRP A 38 5.34 1.73 -3.54
N TRP A 39 4.08 1.92 -3.15
CA TRP A 39 3.43 3.22 -3.25
C TRP A 39 3.21 3.82 -1.86
N THR A 40 3.41 5.12 -1.73
CA THR A 40 3.22 5.82 -0.47
C THR A 40 1.75 6.19 -0.28
N GLY A 41 1.11 5.61 0.73
CA GLY A 41 -0.29 5.91 1.00
C GLY A 41 -0.57 6.00 2.49
N ARG A 42 -1.82 6.21 2.85
CA ARG A 42 -2.20 6.32 4.27
C ARG A 42 -3.55 5.67 4.55
N LEU A 43 -3.59 4.87 5.61
CA LEU A 43 -4.82 4.19 6.03
C LEU A 43 -5.47 4.96 7.18
N HIS A 44 -6.67 5.47 6.94
CA HIS A 44 -7.39 6.25 7.95
C HIS A 44 -6.66 7.54 8.26
N ASN A 45 -5.70 7.49 9.18
CA ASN A 45 -4.92 8.66 9.55
C ASN A 45 -3.44 8.34 9.68
N LYS A 46 -3.07 7.09 9.38
CA LYS A 46 -1.68 6.67 9.46
C LYS A 46 -1.04 6.70 8.08
N LEU A 47 0.11 7.36 7.97
CA LEU A 47 0.80 7.47 6.69
C LEU A 47 1.99 6.53 6.62
N GLY A 48 2.21 5.95 5.45
CA GLY A 48 3.32 5.04 5.25
C GLY A 48 3.21 4.26 3.95
N LEU A 49 4.35 3.81 3.45
CA LEU A 49 4.39 3.04 2.20
C LEU A 49 3.72 1.68 2.37
N PHE A 50 3.19 1.13 1.27
CA PHE A 50 2.52 -0.16 1.32
C PHE A 50 2.87 -1.00 0.09
N PRO A 51 2.66 -2.34 0.16
CA PRO A 51 2.95 -3.24 -0.96
C PRO A 51 1.86 -3.22 -2.03
N ALA A 52 2.16 -2.59 -3.17
CA ALA A 52 1.19 -2.50 -4.26
C ALA A 52 0.92 -3.87 -4.86
N ASN A 53 1.71 -4.86 -4.45
CA ASN A 53 1.55 -6.22 -4.95
C ASN A 53 0.63 -7.02 -4.04
N TYR A 54 0.66 -6.71 -2.75
CA TYR A 54 -0.16 -7.42 -1.77
C TYR A 54 -1.62 -6.97 -1.88
N VAL A 55 -1.83 -5.67 -2.07
CA VAL A 55 -3.19 -5.14 -2.17
C VAL A 55 -3.39 -4.39 -3.49
N ALA A 56 -4.66 -4.23 -3.86
CA ALA A 56 -5.01 -3.53 -5.11
C ALA A 56 -5.92 -2.34 -4.85
N PRO A 57 -5.87 -1.30 -5.70
CA PRO A 57 -6.69 -0.09 -5.54
C PRO A 57 -8.18 -0.37 -5.48
N MET A 58 -8.95 0.71 -5.32
CA MET A 58 -10.40 0.63 -5.21
C MET A 58 -11.04 1.93 -5.67
N MET A 59 -11.54 1.95 -6.90
CA MET A 59 -12.17 3.15 -7.44
C MET A 59 -13.51 3.39 -6.75
N ARG A 60 -13.54 4.39 -5.88
CA ARG A 60 -14.77 4.73 -5.15
C ARG A 60 -15.87 5.15 -6.12
N ALA B 1 0.32 -16.18 -2.97
CA ALA B 1 0.69 -15.18 -1.95
C ALA B 1 1.60 -14.10 -2.54
N PRO B 2 1.07 -12.90 -2.80
CA PRO B 2 1.83 -11.79 -3.37
C PRO B 2 3.13 -11.53 -2.60
N SER B 3 4.23 -11.49 -3.33
CA SER B 3 5.54 -11.24 -2.72
C SER B 3 6.04 -9.85 -3.06
N ILE B 4 6.28 -9.05 -2.03
CA ILE B 4 6.76 -7.69 -2.21
C ILE B 4 8.17 -7.52 -1.63
N ASP B 5 9.03 -6.83 -2.38
CA ASP B 5 10.40 -6.59 -1.95
C ASP B 5 10.58 -5.14 -1.50
N ARG B 6 11.14 -4.96 -0.30
CA ARG B 6 11.38 -3.64 0.24
C ARG B 6 12.52 -2.94 -0.48
N SER B 7 13.17 -3.65 -1.39
CA SER B 7 14.28 -3.09 -2.16
C SER B 7 13.75 -2.28 -3.33
N THR B 8 12.43 -2.17 -3.41
CA THR B 8 11.78 -1.42 -4.48
C THR B 8 10.97 -0.26 -3.92
N LYS B 9 11.26 0.12 -2.69
CA LYS B 9 10.57 1.22 -2.03
C LYS B 9 10.69 2.52 -2.84
N PRO B 10 9.77 3.47 -2.65
CA PRO B 10 9.78 4.75 -3.38
C PRO B 10 11.18 5.36 -3.48
N ALA B 11 11.72 5.39 -4.69
CA ALA B 11 13.04 5.94 -4.93
C ALA B 11 13.04 6.85 -6.15
N GLY A 1 -7.95 6.06 -15.82
CA GLY A 1 -8.53 5.74 -14.48
C GLY A 1 -7.98 6.64 -13.39
N ARG A 2 -8.34 6.33 -12.15
CA ARG A 2 -7.87 7.11 -11.00
C ARG A 2 -7.55 6.20 -9.82
N VAL A 3 -6.83 5.13 -10.09
CA VAL A 3 -6.46 4.18 -9.04
C VAL A 3 -5.44 4.78 -8.09
N ARG A 4 -5.91 5.15 -6.89
CA ARG A 4 -5.03 5.74 -5.88
C ARG A 4 -5.48 5.33 -4.48
N TRP A 5 -5.83 4.05 -4.33
CA TRP A 5 -6.28 3.51 -3.06
C TRP A 5 -5.68 2.14 -2.83
N ALA A 6 -5.61 1.70 -1.59
CA ALA A 6 -5.05 0.41 -1.28
C ALA A 6 -6.00 -0.39 -0.41
N ARG A 7 -6.68 -1.36 -1.01
CA ARG A 7 -7.59 -2.20 -0.26
C ARG A 7 -6.93 -3.54 -0.02
N ALA A 8 -6.56 -3.78 1.23
CA ALA A 8 -5.89 -5.00 1.61
C ALA A 8 -6.84 -6.18 1.72
N LEU A 9 -6.60 -7.19 0.89
CA LEU A 9 -7.41 -8.41 0.91
C LEU A 9 -6.80 -9.37 1.91
N TYR A 10 -5.53 -9.12 2.22
CA TYR A 10 -4.76 -9.92 3.17
C TYR A 10 -4.04 -8.97 4.13
N ASP A 11 -3.31 -9.54 5.09
CA ASP A 11 -2.57 -8.74 6.07
C ASP A 11 -1.68 -7.71 5.40
N PHE A 12 -0.90 -6.99 6.22
CA PHE A 12 0.00 -5.95 5.73
C PHE A 12 1.45 -6.43 5.65
N GLU A 13 2.17 -5.90 4.66
CA GLU A 13 3.59 -6.26 4.45
C GLU A 13 4.52 -5.19 4.99
N ALA A 14 3.96 -4.25 5.75
CA ALA A 14 4.76 -3.16 6.31
C ALA A 14 5.70 -3.65 7.40
N LEU A 15 6.98 -3.77 7.05
CA LEU A 15 7.99 -4.23 8.00
C LEU A 15 8.92 -3.09 8.40
N GLU A 16 8.73 -1.93 7.81
CA GLU A 16 9.57 -0.78 8.11
C GLU A 16 8.81 0.29 8.89
N GLU A 17 9.54 1.19 9.55
CA GLU A 17 8.94 2.26 10.33
C GLU A 17 8.26 3.28 9.42
N ASP A 18 8.89 3.61 8.31
CA ASP A 18 8.35 4.56 7.35
C ASP A 18 7.21 3.94 6.56
N GLU A 19 6.88 2.70 6.89
CA GLU A 19 5.81 1.98 6.21
C GLU A 19 4.56 1.90 7.09
N LEU A 20 3.41 1.76 6.45
CA LEU A 20 2.14 1.67 7.16
C LEU A 20 1.55 0.27 7.00
N GLY A 21 0.96 -0.25 8.07
CA GLY A 21 0.39 -1.57 8.03
C GLY A 21 -1.12 -1.58 8.17
N PHE A 22 -1.78 -2.28 7.25
CA PHE A 22 -3.23 -2.41 7.25
C PHE A 22 -3.64 -3.84 7.53
N ARG A 23 -4.94 -4.11 7.46
CA ARG A 23 -5.45 -5.45 7.70
C ARG A 23 -6.40 -5.88 6.58
N SER A 24 -6.80 -7.15 6.59
CA SER A 24 -7.70 -7.69 5.58
C SER A 24 -8.99 -6.87 5.49
N GLY A 25 -9.53 -6.77 4.29
CA GLY A 25 -10.75 -6.02 4.08
C GLY A 25 -10.70 -4.61 4.62
N GLU A 26 -9.66 -3.86 4.22
CA GLU A 26 -9.50 -2.48 4.69
C GLU A 26 -9.27 -1.53 3.52
N VAL A 27 -9.82 -0.32 3.65
CA VAL A 27 -9.68 0.70 2.61
C VAL A 27 -8.60 1.71 2.98
N VAL A 28 -7.73 2.01 2.02
CA VAL A 28 -6.64 2.96 2.24
C VAL A 28 -6.59 4.01 1.12
N GLU A 29 -6.27 5.24 1.50
CA GLU A 29 -6.16 6.34 0.54
C GLU A 29 -4.70 6.53 0.14
N VAL A 30 -4.38 6.20 -1.12
CA VAL A 30 -3.01 6.33 -1.60
C VAL A 30 -2.68 7.77 -1.96
N LEU A 31 -1.53 8.24 -1.52
CA LEU A 31 -1.10 9.61 -1.79
C LEU A 31 -0.22 9.67 -3.04
N ASP A 32 0.41 8.55 -3.37
CA ASP A 32 1.27 8.49 -4.55
C ASP A 32 1.49 7.06 -5.02
N SER A 33 0.68 6.63 -6.00
CA SER A 33 0.79 5.29 -6.56
C SER A 33 1.90 5.23 -7.58
N SER A 34 2.64 6.32 -7.72
CA SER A 34 3.74 6.31 -8.66
C SER A 34 4.90 5.54 -8.04
N ASN A 35 5.18 4.40 -8.66
CA ASN A 35 6.24 3.49 -8.23
C ASN A 35 5.98 2.11 -8.84
N PRO A 36 7.00 1.26 -8.95
CA PRO A 36 6.86 -0.06 -9.55
C PRO A 36 6.51 -1.16 -8.54
N SER A 37 6.25 -0.79 -7.29
CA SER A 37 5.91 -1.78 -6.27
C SER A 37 5.47 -1.15 -4.96
N TRP A 38 6.31 -0.30 -4.38
CA TRP A 38 5.99 0.34 -3.11
C TRP A 38 5.43 1.75 -3.33
N TRP A 39 4.16 1.95 -2.99
CA TRP A 39 3.54 3.26 -3.12
C TRP A 39 3.33 3.91 -1.76
N THR A 40 3.52 5.22 -1.68
CA THR A 40 3.33 5.95 -0.45
C THR A 40 1.87 6.31 -0.24
N GLY A 41 1.26 5.77 0.81
CA GLY A 41 -0.14 6.03 1.09
C GLY A 41 -0.43 6.06 2.58
N ARG A 42 -1.70 6.23 2.95
CA ARG A 42 -2.08 6.28 4.36
C ARG A 42 -3.45 5.65 4.60
N LEU A 43 -3.53 4.87 5.68
CA LEU A 43 -4.78 4.19 6.06
C LEU A 43 -5.41 4.91 7.26
N HIS A 44 -6.57 5.51 7.03
CA HIS A 44 -7.28 6.24 8.09
C HIS A 44 -6.48 7.46 8.52
N ASN A 45 -5.46 7.26 9.35
CA ASN A 45 -4.64 8.37 9.82
C ASN A 45 -3.17 7.97 9.94
N LYS A 46 -2.84 6.78 9.43
CA LYS A 46 -1.45 6.31 9.48
C LYS A 46 -0.80 6.52 8.12
N LEU A 47 0.34 7.21 8.10
CA LEU A 47 1.05 7.48 6.86
C LEU A 47 2.27 6.58 6.71
N GLY A 48 2.55 6.18 5.48
CA GLY A 48 3.68 5.33 5.21
C GLY A 48 3.63 4.68 3.84
N LEU A 49 4.35 3.59 3.68
CA LEU A 49 4.37 2.87 2.41
C LEU A 49 3.67 1.52 2.52
N PHE A 50 3.16 1.02 1.40
CA PHE A 50 2.46 -0.27 1.39
C PHE A 50 2.79 -1.07 0.13
N PRO A 51 2.52 -2.39 0.15
CA PRO A 51 2.77 -3.28 -0.99
C PRO A 51 1.69 -3.19 -2.07
N ALA A 52 2.06 -2.71 -3.25
CA ALA A 52 1.11 -2.59 -4.34
C ALA A 52 0.77 -3.96 -4.93
N ASN A 53 1.55 -4.97 -4.56
CA ASN A 53 1.34 -6.32 -5.06
C ASN A 53 0.43 -7.12 -4.12
N TYR A 54 0.38 -6.71 -2.85
CA TYR A 54 -0.45 -7.40 -1.87
C TYR A 54 -1.89 -6.92 -1.95
N VAL A 55 -2.08 -5.61 -2.12
CA VAL A 55 -3.43 -5.06 -2.19
C VAL A 55 -3.65 -4.29 -3.50
N ALA A 56 -4.92 -4.07 -3.85
CA ALA A 56 -5.27 -3.37 -5.08
C ALA A 56 -6.21 -2.19 -4.80
N PRO A 57 -6.13 -1.12 -5.61
CA PRO A 57 -6.97 0.07 -5.44
C PRO A 57 -8.45 -0.21 -5.55
N MET A 58 -9.23 0.86 -5.44
CA MET A 58 -10.68 0.78 -5.50
C MET A 58 -11.25 2.05 -6.13
N MET A 59 -11.58 1.98 -7.41
CA MET A 59 -12.13 3.13 -8.12
C MET A 59 -13.57 3.41 -7.69
N ARG A 60 -13.75 4.50 -6.93
CA ARG A 60 -15.07 4.88 -6.45
C ARG A 60 -15.92 5.45 -7.57
N ALA B 1 0.57 -16.09 -2.77
CA ALA B 1 0.97 -15.01 -1.82
C ALA B 1 2.00 -14.08 -2.45
N PRO B 2 1.55 -12.96 -3.03
CA PRO B 2 2.43 -11.98 -3.68
C PRO B 2 3.59 -11.55 -2.78
N SER B 3 4.81 -11.71 -3.29
CA SER B 3 6.01 -11.34 -2.53
C SER B 3 6.34 -9.88 -2.74
N ILE B 4 6.85 -9.26 -1.68
CA ILE B 4 7.20 -7.86 -1.74
C ILE B 4 8.70 -7.64 -1.66
N ASP B 5 9.18 -6.73 -2.49
CA ASP B 5 10.60 -6.39 -2.52
C ASP B 5 10.83 -4.99 -1.96
N ARG B 6 11.34 -4.94 -0.72
CA ARG B 6 11.60 -3.66 -0.06
C ARG B 6 12.74 -2.91 -0.73
N SER B 7 13.38 -3.56 -1.70
CA SER B 7 14.49 -2.95 -2.41
C SER B 7 13.99 -2.04 -3.53
N THR B 8 12.67 -1.90 -3.61
CA THR B 8 12.05 -1.07 -4.64
C THR B 8 11.20 0.04 -4.02
N LYS B 9 11.41 0.32 -2.74
CA LYS B 9 10.67 1.36 -2.04
C LYS B 9 10.77 2.69 -2.77
N PRO B 10 9.82 3.62 -2.52
CA PRO B 10 9.82 4.94 -3.17
C PRO B 10 11.18 5.62 -3.12
N ALA B 11 11.91 5.56 -4.24
CA ALA B 11 13.22 6.17 -4.32
C ALA B 11 13.37 6.98 -5.61
N GLY A 1 -9.11 5.04 -14.70
CA GLY A 1 -8.43 6.35 -14.49
C GLY A 1 -7.12 6.22 -13.74
N ARG A 2 -6.97 7.02 -12.69
CA ARG A 2 -5.75 6.99 -11.89
C ARG A 2 -6.01 6.33 -10.54
N VAL A 3 -5.73 5.04 -10.47
CA VAL A 3 -5.93 4.27 -9.25
C VAL A 3 -4.99 4.76 -8.15
N ARG A 4 -5.56 5.15 -7.02
CA ARG A 4 -4.78 5.64 -5.89
C ARG A 4 -5.38 5.16 -4.56
N TRP A 5 -5.60 3.86 -4.46
CA TRP A 5 -6.17 3.27 -3.26
C TRP A 5 -5.53 1.92 -2.97
N ALA A 6 -5.57 1.50 -1.71
CA ALA A 6 -4.99 0.24 -1.31
C ALA A 6 -5.98 -0.56 -0.46
N ARG A 7 -6.58 -1.58 -1.06
CA ARG A 7 -7.51 -2.42 -0.34
C ARG A 7 -6.88 -3.77 -0.10
N ALA A 8 -6.55 -4.03 1.15
CA ALA A 8 -5.90 -5.27 1.53
C ALA A 8 -6.88 -6.44 1.60
N LEU A 9 -6.51 -7.53 0.94
CA LEU A 9 -7.31 -8.74 0.96
C LEU A 9 -6.74 -9.69 2.02
N TYR A 10 -5.51 -9.39 2.40
CA TYR A 10 -4.78 -10.14 3.40
C TYR A 10 -4.04 -9.16 4.31
N ASP A 11 -3.33 -9.70 5.31
CA ASP A 11 -2.58 -8.86 6.25
C ASP A 11 -1.69 -7.85 5.53
N PHE A 12 -0.91 -7.11 6.30
CA PHE A 12 -0.03 -6.08 5.75
C PHE A 12 1.42 -6.54 5.67
N GLU A 13 2.14 -6.07 4.65
CA GLU A 13 3.54 -6.42 4.44
C GLU A 13 4.47 -5.34 4.98
N ALA A 14 3.91 -4.40 5.74
CA ALA A 14 4.71 -3.31 6.30
C ALA A 14 5.65 -3.81 7.39
N LEU A 15 6.93 -3.91 7.06
CA LEU A 15 7.94 -4.37 8.01
C LEU A 15 8.89 -3.24 8.38
N GLU A 16 8.75 -2.11 7.68
CA GLU A 16 9.61 -0.95 7.93
C GLU A 16 8.90 0.10 8.76
N GLU A 17 9.68 1.03 9.33
CA GLU A 17 9.14 2.09 10.17
C GLU A 17 8.47 3.19 9.33
N ASP A 18 9.01 3.42 8.13
CA ASP A 18 8.46 4.46 7.25
C ASP A 18 7.31 3.92 6.42
N GLU A 19 6.76 2.77 6.83
CA GLU A 19 5.65 2.16 6.11
C GLU A 19 4.38 2.17 6.94
N LEU A 20 3.31 1.61 6.38
CA LEU A 20 2.02 1.54 7.06
C LEU A 20 1.44 0.14 6.94
N GLY A 21 0.85 -0.36 8.02
CA GLY A 21 0.29 -1.69 8.01
C GLY A 21 -1.22 -1.69 8.14
N PHE A 22 -1.88 -2.41 7.23
CA PHE A 22 -3.33 -2.53 7.23
C PHE A 22 -3.76 -3.95 7.58
N ARG A 23 -5.05 -4.22 7.47
CA ARG A 23 -5.58 -5.54 7.76
C ARG A 23 -6.48 -6.04 6.64
N SER A 24 -6.86 -7.31 6.70
CA SER A 24 -7.73 -7.91 5.69
C SER A 24 -9.00 -7.10 5.51
N GLY A 25 -9.43 -6.95 4.27
CA GLY A 25 -10.63 -6.19 3.97
C GLY A 25 -10.58 -4.78 4.50
N GLU A 26 -9.56 -4.02 4.08
CA GLU A 26 -9.41 -2.64 4.52
C GLU A 26 -9.04 -1.72 3.35
N VAL A 27 -9.74 -0.59 3.25
CA VAL A 27 -9.49 0.37 2.19
C VAL A 27 -8.55 1.47 2.67
N VAL A 28 -7.59 1.84 1.84
CA VAL A 28 -6.63 2.88 2.17
C VAL A 28 -6.52 3.91 1.04
N GLU A 29 -6.37 5.17 1.41
CA GLU A 29 -6.24 6.22 0.42
C GLU A 29 -4.77 6.45 0.07
N VAL A 30 -4.40 6.08 -1.15
CA VAL A 30 -3.02 6.22 -1.59
C VAL A 30 -2.74 7.65 -2.04
N LEU A 31 -1.57 8.16 -1.64
CA LEU A 31 -1.18 9.52 -1.98
C LEU A 31 0.06 9.53 -2.88
N ASP A 32 0.53 8.35 -3.25
CA ASP A 32 1.71 8.23 -4.11
C ASP A 32 1.75 6.88 -4.81
N SER A 33 0.76 6.63 -5.68
CA SER A 33 0.70 5.38 -6.43
C SER A 33 1.78 5.33 -7.48
N SER A 34 2.47 6.45 -7.70
CA SER A 34 3.54 6.43 -8.67
C SER A 34 4.69 5.64 -8.11
N ASN A 35 4.95 4.50 -8.75
CA ASN A 35 6.01 3.57 -8.36
C ASN A 35 5.75 2.22 -9.01
N PRO A 36 6.75 1.33 -9.07
CA PRO A 36 6.60 0.03 -9.70
C PRO A 36 6.17 -1.09 -8.75
N SER A 37 6.05 -0.79 -7.46
CA SER A 37 5.65 -1.81 -6.49
C SER A 37 5.30 -1.21 -5.13
N TRP A 38 6.05 -0.21 -4.69
CA TRP A 38 5.81 0.41 -3.39
C TRP A 38 5.18 1.79 -3.55
N TRP A 39 3.94 1.94 -3.12
CA TRP A 39 3.26 3.23 -3.20
C TRP A 39 3.03 3.81 -1.80
N THR A 40 3.24 5.11 -1.65
CA THR A 40 3.05 5.77 -0.37
C THR A 40 1.60 6.20 -0.18
N GLY A 41 0.95 5.62 0.82
CA GLY A 41 -0.44 5.96 1.11
C GLY A 41 -0.68 6.09 2.60
N ARG A 42 -1.93 6.31 3.00
CA ARG A 42 -2.24 6.45 4.42
C ARG A 42 -3.56 5.78 4.79
N LEU A 43 -3.54 5.03 5.89
CA LEU A 43 -4.72 4.33 6.39
C LEU A 43 -5.35 5.11 7.53
N HIS A 44 -6.59 5.54 7.35
CA HIS A 44 -7.31 6.31 8.36
C HIS A 44 -6.62 7.65 8.59
N ASN A 45 -5.62 7.67 9.46
CA ASN A 45 -4.89 8.90 9.76
C ASN A 45 -3.39 8.63 9.91
N LYS A 46 -2.98 7.44 9.53
CA LYS A 46 -1.58 7.05 9.60
C LYS A 46 -0.97 7.01 8.21
N LEU A 47 0.19 7.62 8.04
CA LEU A 47 0.86 7.65 6.74
C LEU A 47 2.00 6.65 6.69
N GLY A 48 2.16 6.00 5.53
CA GLY A 48 3.22 5.02 5.38
C GLY A 48 3.11 4.27 4.06
N LEU A 49 4.22 3.70 3.62
CA LEU A 49 4.26 2.95 2.36
C LEU A 49 3.54 1.61 2.50
N PHE A 50 3.17 1.01 1.37
CA PHE A 50 2.48 -0.27 1.38
C PHE A 50 2.80 -1.08 0.12
N PRO A 51 2.56 -2.42 0.15
CA PRO A 51 2.83 -3.28 -0.99
C PRO A 51 1.71 -3.22 -2.03
N ALA A 52 2.02 -2.65 -3.19
CA ALA A 52 1.03 -2.52 -4.26
C ALA A 52 0.63 -3.88 -4.83
N ASN A 53 1.48 -4.90 -4.61
CA ASN A 53 1.20 -6.23 -5.12
C ASN A 53 0.34 -7.02 -4.14
N TYR A 54 0.45 -6.72 -2.85
CA TYR A 54 -0.33 -7.43 -1.84
C TYR A 54 -1.78 -6.98 -1.87
N VAL A 55 -2.00 -5.68 -2.04
CA VAL A 55 -3.36 -5.15 -2.07
C VAL A 55 -3.63 -4.40 -3.37
N ALA A 56 -4.89 -4.42 -3.81
CA ALA A 56 -5.29 -3.74 -5.05
C ALA A 56 -6.12 -2.50 -4.75
N PRO A 57 -6.02 -1.46 -5.59
CA PRO A 57 -6.76 -0.20 -5.38
C PRO A 57 -8.26 -0.37 -5.35
N MET A 58 -8.94 0.75 -5.17
CA MET A 58 -10.40 0.79 -5.11
C MET A 58 -10.92 2.08 -5.72
N MET A 59 -11.50 1.98 -6.91
CA MET A 59 -12.03 3.14 -7.59
C MET A 59 -13.27 3.68 -6.89
N ARG A 60 -13.10 4.79 -6.19
CA ARG A 60 -14.22 5.42 -5.47
C ARG A 60 -15.31 5.86 -6.43
N ALA B 1 1.08 -15.80 -2.00
CA ALA B 1 1.14 -14.48 -1.32
C ALA B 1 2.10 -13.53 -2.05
N PRO B 2 1.57 -12.48 -2.71
CA PRO B 2 2.39 -11.51 -3.45
C PRO B 2 3.50 -10.92 -2.59
N SER B 3 4.67 -11.54 -2.64
CA SER B 3 5.82 -11.05 -1.87
C SER B 3 6.28 -9.71 -2.41
N ILE B 4 6.54 -8.81 -1.50
CA ILE B 4 6.96 -7.47 -1.86
C ILE B 4 8.47 -7.29 -1.74
N ASP B 5 9.01 -6.55 -2.70
CA ASP B 5 10.45 -6.27 -2.73
C ASP B 5 10.74 -4.90 -2.12
N ARG B 6 11.29 -4.90 -0.92
CA ARG B 6 11.61 -3.66 -0.22
C ARG B 6 12.69 -2.86 -0.94
N SER B 7 13.25 -3.45 -2.00
CA SER B 7 14.29 -2.79 -2.78
C SER B 7 13.69 -1.90 -3.85
N THR B 8 12.36 -1.81 -3.86
CA THR B 8 11.65 -1.00 -4.85
C THR B 8 10.82 0.08 -4.19
N LYS B 9 11.15 0.40 -2.94
CA LYS B 9 10.43 1.43 -2.20
C LYS B 9 10.55 2.78 -2.89
N PRO B 10 9.62 3.73 -2.61
CA PRO B 10 9.64 5.06 -3.22
C PRO B 10 11.02 5.69 -3.23
N ALA B 11 11.67 5.63 -4.38
CA ALA B 11 13.02 6.20 -4.52
C ALA B 11 13.27 6.66 -5.95
N GLY A 1 -11.49 7.55 -13.21
CA GLY A 1 -10.07 7.17 -13.47
C GLY A 1 -9.15 7.54 -12.32
N ARG A 2 -7.85 7.50 -12.60
CA ARG A 2 -6.84 7.83 -11.59
C ARG A 2 -6.94 6.91 -10.38
N VAL A 3 -6.13 5.88 -10.40
CA VAL A 3 -6.09 4.90 -9.30
C VAL A 3 -5.15 5.36 -8.21
N ARG A 4 -5.67 5.51 -6.99
CA ARG A 4 -4.86 5.96 -5.86
C ARG A 4 -5.42 5.42 -4.54
N TRP A 5 -5.65 4.12 -4.48
CA TRP A 5 -6.19 3.49 -3.27
C TRP A 5 -5.51 2.17 -2.99
N ALA A 6 -5.54 1.73 -1.74
CA ALA A 6 -4.92 0.48 -1.35
C ALA A 6 -5.87 -0.31 -0.47
N ARG A 7 -6.48 -1.34 -1.05
CA ARG A 7 -7.39 -2.18 -0.29
C ARG A 7 -6.73 -3.52 -0.03
N ALA A 8 -6.37 -3.73 1.22
CA ALA A 8 -5.70 -4.96 1.62
C ALA A 8 -6.65 -6.14 1.69
N LEU A 9 -6.39 -7.14 0.85
CA LEU A 9 -7.20 -8.34 0.83
C LEU A 9 -6.65 -9.31 1.87
N TYR A 10 -5.41 -9.05 2.25
CA TYR A 10 -4.71 -9.84 3.25
C TYR A 10 -4.01 -8.90 4.23
N ASP A 11 -3.35 -9.46 5.23
CA ASP A 11 -2.64 -8.65 6.23
C ASP A 11 -1.68 -7.67 5.55
N PHE A 12 -0.95 -6.92 6.37
CA PHE A 12 0.00 -5.93 5.86
C PHE A 12 1.44 -6.44 5.92
N GLU A 13 2.24 -6.02 4.95
CA GLU A 13 3.64 -6.44 4.88
C GLU A 13 4.58 -5.35 5.41
N ALA A 14 4.02 -4.34 6.07
CA ALA A 14 4.85 -3.27 6.60
C ALA A 14 5.68 -3.75 7.78
N LEU A 15 6.96 -3.98 7.53
CA LEU A 15 7.87 -4.44 8.58
C LEU A 15 8.82 -3.32 8.97
N GLU A 16 8.82 -2.24 8.18
CA GLU A 16 9.69 -1.11 8.43
C GLU A 16 8.96 -0.02 9.22
N GLU A 17 9.67 1.06 9.54
CA GLU A 17 9.10 2.16 10.29
C GLU A 17 8.42 3.16 9.36
N ASP A 18 9.07 3.46 8.25
CA ASP A 18 8.53 4.41 7.27
C ASP A 18 7.46 3.74 6.41
N GLU A 19 6.90 2.65 6.92
CA GLU A 19 5.87 1.90 6.20
C GLU A 19 4.51 2.05 6.86
N LEU A 20 3.49 1.51 6.20
CA LEU A 20 2.12 1.57 6.71
C LEU A 20 1.53 0.17 6.77
N GLY A 21 0.82 -0.12 7.85
CA GLY A 21 0.22 -1.43 7.99
C GLY A 21 -1.29 -1.41 8.09
N PHE A 22 -1.93 -2.18 7.22
CA PHE A 22 -3.39 -2.28 7.20
C PHE A 22 -3.83 -3.71 7.51
N ARG A 23 -5.13 -3.95 7.38
CA ARG A 23 -5.68 -5.26 7.64
C ARG A 23 -6.56 -5.73 6.47
N SER A 24 -6.93 -7.01 6.50
CA SER A 24 -7.77 -7.59 5.44
C SER A 24 -9.05 -6.79 5.27
N GLY A 25 -9.53 -6.72 4.03
CA GLY A 25 -10.75 -5.99 3.73
C GLY A 25 -10.75 -4.58 4.28
N GLU A 26 -9.67 -3.84 4.01
CA GLU A 26 -9.56 -2.47 4.49
C GLU A 26 -9.25 -1.51 3.34
N VAL A 27 -9.96 -0.37 3.33
CA VAL A 27 -9.77 0.64 2.29
C VAL A 27 -8.76 1.70 2.74
N VAL A 28 -7.80 2.01 1.88
CA VAL A 28 -6.77 3.00 2.19
C VAL A 28 -6.62 4.03 1.07
N GLU A 29 -6.43 5.28 1.44
CA GLU A 29 -6.26 6.36 0.45
C GLU A 29 -4.78 6.54 0.12
N VAL A 30 -4.42 6.24 -1.12
CA VAL A 30 -3.03 6.36 -1.56
C VAL A 30 -2.68 7.80 -1.92
N LEU A 31 -1.49 8.24 -1.54
CA LEU A 31 -1.02 9.59 -1.82
C LEU A 31 -0.03 9.60 -2.98
N ASP A 32 0.51 8.43 -3.31
CA ASP A 32 1.47 8.31 -4.40
C ASP A 32 1.55 6.86 -4.90
N SER A 33 0.96 6.61 -6.06
CA SER A 33 0.97 5.27 -6.67
C SER A 33 2.07 5.16 -7.69
N SER A 34 2.87 6.21 -7.85
CA SER A 34 3.95 6.13 -8.80
C SER A 34 5.09 5.34 -8.17
N ASN A 35 5.34 4.18 -8.75
CA ASN A 35 6.37 3.26 -8.30
C ASN A 35 6.09 1.88 -8.90
N PRO A 36 7.11 1.01 -8.99
CA PRO A 36 6.93 -0.31 -9.57
C PRO A 36 6.59 -1.40 -8.55
N SER A 37 6.31 -1.00 -7.30
CA SER A 37 5.96 -1.98 -6.28
C SER A 37 5.49 -1.33 -4.98
N TRP A 38 6.31 -0.46 -4.41
CA TRP A 38 5.96 0.21 -3.16
C TRP A 38 5.42 1.61 -3.41
N TRP A 39 4.14 1.82 -3.09
CA TRP A 39 3.51 3.12 -3.25
C TRP A 39 3.30 3.79 -1.89
N THR A 40 3.36 5.11 -1.87
CA THR A 40 3.16 5.87 -0.63
C THR A 40 1.68 6.18 -0.41
N GLY A 41 1.13 5.68 0.69
CA GLY A 41 -0.28 5.91 1.01
C GLY A 41 -0.52 5.98 2.50
N ARG A 42 -1.75 6.30 2.90
CA ARG A 42 -2.07 6.38 4.32
C ARG A 42 -3.40 5.69 4.65
N LEU A 43 -3.39 4.90 5.72
CA LEU A 43 -4.57 4.17 6.16
C LEU A 43 -5.28 4.90 7.30
N HIS A 44 -6.51 5.33 7.05
CA HIS A 44 -7.30 6.04 8.06
C HIS A 44 -6.65 7.37 8.41
N ASN A 45 -5.61 7.33 9.25
CA ASN A 45 -4.90 8.54 9.65
C ASN A 45 -3.41 8.26 9.85
N LYS A 46 -2.96 7.12 9.33
CA LYS A 46 -1.56 6.74 9.43
C LYS A 46 -0.92 6.73 8.05
N LEU A 47 0.21 7.41 7.91
CA LEU A 47 0.89 7.48 6.61
C LEU A 47 2.09 6.55 6.57
N GLY A 48 2.34 5.98 5.39
CA GLY A 48 3.46 5.07 5.22
C GLY A 48 3.38 4.27 3.94
N LEU A 49 4.52 3.77 3.48
CA LEU A 49 4.58 2.98 2.25
C LEU A 49 3.85 1.65 2.41
N PHE A 50 3.20 1.18 1.35
CA PHE A 50 2.47 -0.07 1.38
C PHE A 50 2.81 -0.93 0.16
N PRO A 51 2.56 -2.25 0.24
CA PRO A 51 2.83 -3.18 -0.87
C PRO A 51 1.75 -3.14 -1.95
N ALA A 52 2.09 -2.60 -3.11
CA ALA A 52 1.13 -2.51 -4.22
C ALA A 52 0.89 -3.89 -4.82
N ASN A 53 1.68 -4.86 -4.38
CA ASN A 53 1.55 -6.23 -4.88
C ASN A 53 0.63 -7.05 -3.97
N TYR A 54 0.57 -6.66 -2.70
CA TYR A 54 -0.28 -7.35 -1.73
C TYR A 54 -1.73 -6.88 -1.82
N VAL A 55 -1.91 -5.58 -2.00
CA VAL A 55 -3.26 -5.02 -2.09
C VAL A 55 -3.48 -4.26 -3.41
N ALA A 56 -4.75 -4.13 -3.80
CA ALA A 56 -5.11 -3.44 -5.04
C ALA A 56 -5.99 -2.22 -4.76
N PRO A 57 -5.91 -1.18 -5.61
CA PRO A 57 -6.69 0.06 -5.42
C PRO A 57 -8.20 -0.14 -5.50
N MET A 58 -8.89 0.49 -4.57
CA MET A 58 -10.33 0.45 -4.49
C MET A 58 -10.95 1.42 -5.49
N MET A 59 -11.41 0.90 -6.62
CA MET A 59 -12.02 1.74 -7.65
C MET A 59 -13.50 2.02 -7.34
N ARG A 60 -13.80 3.26 -7.00
CA ARG A 60 -15.17 3.65 -6.68
C ARG A 60 -16.08 3.51 -7.90
N ALA B 1 0.30 -16.14 -2.59
CA ALA B 1 0.91 -15.18 -1.63
C ALA B 1 1.78 -14.15 -2.35
N PRO B 2 1.22 -12.97 -2.66
CA PRO B 2 1.96 -11.91 -3.35
C PRO B 2 3.27 -11.55 -2.65
N SER B 3 4.37 -11.58 -3.40
CA SER B 3 5.67 -11.25 -2.84
C SER B 3 6.08 -9.83 -3.19
N ILE B 4 6.46 -9.07 -2.17
CA ILE B 4 6.87 -7.69 -2.35
C ILE B 4 8.33 -7.49 -1.98
N ASP B 5 9.04 -6.75 -2.82
CA ASP B 5 10.46 -6.46 -2.61
C ASP B 5 10.64 -5.01 -2.13
N ARG B 6 11.14 -4.85 -0.92
CA ARG B 6 11.36 -3.54 -0.34
C ARG B 6 12.57 -2.85 -0.97
N SER B 7 13.28 -3.56 -1.82
CA SER B 7 14.46 -3.02 -2.50
C SER B 7 14.07 -2.00 -3.56
N THR B 8 12.78 -1.74 -3.71
CA THR B 8 12.30 -0.80 -4.71
C THR B 8 11.32 0.22 -4.10
N LYS B 9 11.46 0.46 -2.79
CA LYS B 9 10.60 1.41 -2.09
C LYS B 9 10.65 2.78 -2.77
N PRO B 10 9.63 3.64 -2.54
CA PRO B 10 9.57 4.98 -3.14
C PRO B 10 10.88 5.75 -2.99
N ALA B 11 11.63 5.83 -4.08
CA ALA B 11 12.91 6.53 -4.08
C ALA B 11 13.04 7.42 -5.31
N GLY A 1 -11.44 5.45 -13.43
CA GLY A 1 -10.12 5.27 -14.09
C GLY A 1 -8.97 5.81 -13.26
N ARG A 2 -9.17 5.89 -11.95
CA ARG A 2 -8.14 6.39 -11.06
C ARG A 2 -7.84 5.39 -9.95
N VAL A 3 -6.75 4.66 -10.12
CA VAL A 3 -6.32 3.66 -9.15
C VAL A 3 -5.31 4.23 -8.16
N ARG A 4 -5.81 4.96 -7.16
CA ARG A 4 -4.94 5.56 -6.15
C ARG A 4 -5.39 5.19 -4.74
N TRP A 5 -5.69 3.91 -4.53
CA TRP A 5 -6.15 3.42 -3.24
C TRP A 5 -5.51 2.08 -2.93
N ALA A 6 -5.45 1.72 -1.65
CA ALA A 6 -4.88 0.46 -1.25
C ALA A 6 -5.91 -0.36 -0.50
N ARG A 7 -6.48 -1.34 -1.16
CA ARG A 7 -7.47 -2.20 -0.53
C ARG A 7 -6.84 -3.55 -0.24
N ALA A 8 -6.62 -3.80 1.04
CA ALA A 8 -6.00 -5.03 1.48
C ALA A 8 -6.98 -6.20 1.47
N LEU A 9 -6.54 -7.30 0.87
CA LEU A 9 -7.34 -8.52 0.81
C LEU A 9 -6.75 -9.51 1.81
N TYR A 10 -5.53 -9.19 2.22
CA TYR A 10 -4.79 -9.99 3.18
C TYR A 10 -4.09 -9.05 4.17
N ASP A 11 -3.38 -9.62 5.14
CA ASP A 11 -2.66 -8.80 6.13
C ASP A 11 -1.76 -7.77 5.45
N PHE A 12 -0.93 -7.09 6.24
CA PHE A 12 -0.05 -6.07 5.70
C PHE A 12 1.39 -6.58 5.56
N GLU A 13 2.07 -6.09 4.53
CA GLU A 13 3.43 -6.47 4.22
C GLU A 13 4.44 -5.47 4.78
N ALA A 14 3.95 -4.48 5.51
CA ALA A 14 4.83 -3.47 6.08
C ALA A 14 5.72 -4.05 7.17
N LEU A 15 6.97 -4.30 6.83
CA LEU A 15 7.93 -4.86 7.78
C LEU A 15 8.81 -3.75 8.33
N GLU A 16 8.72 -2.57 7.72
CA GLU A 16 9.52 -1.43 8.16
C GLU A 16 8.68 -0.43 8.94
N GLU A 17 9.34 0.50 9.61
CA GLU A 17 8.66 1.51 10.40
C GLU A 17 8.23 2.70 9.54
N ASP A 18 9.00 2.97 8.49
CA ASP A 18 8.71 4.08 7.58
C ASP A 18 7.56 3.71 6.67
N GLU A 19 7.00 2.53 6.87
CA GLU A 19 5.89 2.04 6.06
C GLU A 19 4.57 2.09 6.83
N LEU A 20 3.53 1.52 6.23
CA LEU A 20 2.22 1.49 6.86
C LEU A 20 1.60 0.10 6.73
N GLY A 21 0.95 -0.35 7.80
CA GLY A 21 0.33 -1.66 7.78
C GLY A 21 -1.18 -1.63 7.91
N PHE A 22 -1.85 -2.39 7.06
CA PHE A 22 -3.31 -2.48 7.05
C PHE A 22 -3.76 -3.89 7.43
N ARG A 23 -5.07 -4.12 7.36
CA ARG A 23 -5.62 -5.43 7.67
C ARG A 23 -6.56 -5.89 6.56
N SER A 24 -6.88 -7.19 6.58
CA SER A 24 -7.76 -7.78 5.57
C SER A 24 -9.03 -6.96 5.40
N GLY A 25 -9.43 -6.76 4.15
CA GLY A 25 -10.63 -5.99 3.85
C GLY A 25 -10.59 -4.58 4.40
N GLU A 26 -9.66 -3.77 3.89
CA GLU A 26 -9.53 -2.39 4.34
C GLU A 26 -9.20 -1.45 3.19
N VAL A 27 -9.86 -0.28 3.20
CA VAL A 27 -9.65 0.72 2.16
C VAL A 27 -8.63 1.76 2.61
N VAL A 28 -7.67 2.07 1.73
CA VAL A 28 -6.63 3.04 2.02
C VAL A 28 -6.50 4.06 0.90
N GLU A 29 -6.21 5.32 1.25
CA GLU A 29 -6.04 6.37 0.25
C GLU A 29 -4.57 6.52 -0.10
N VAL A 30 -4.24 6.29 -1.38
CA VAL A 30 -2.86 6.39 -1.84
C VAL A 30 -2.47 7.84 -2.07
N LEU A 31 -1.31 8.22 -1.58
CA LEU A 31 -0.81 9.58 -1.71
C LEU A 31 0.10 9.73 -2.93
N ASP A 32 0.67 8.62 -3.37
CA ASP A 32 1.55 8.63 -4.53
C ASP A 32 1.76 7.23 -5.09
N SER A 33 0.93 6.86 -6.07
CA SER A 33 1.02 5.55 -6.71
C SER A 33 2.17 5.50 -7.68
N SER A 34 2.92 6.60 -7.78
CA SER A 34 4.06 6.61 -8.67
C SER A 34 5.17 5.80 -8.03
N ASN A 35 5.47 4.68 -8.67
CA ASN A 35 6.50 3.74 -8.23
C ASN A 35 6.22 2.39 -8.88
N PRO A 36 7.22 1.50 -8.99
CA PRO A 36 7.05 0.21 -9.62
C PRO A 36 6.63 -0.91 -8.65
N SER A 37 6.35 -0.56 -7.40
CA SER A 37 5.95 -1.57 -6.42
C SER A 37 5.47 -0.95 -5.10
N TRP A 38 6.34 -0.16 -4.47
CA TRP A 38 5.99 0.47 -3.20
C TRP A 38 5.50 1.89 -3.38
N TRP A 39 4.23 2.13 -3.08
CA TRP A 39 3.65 3.46 -3.19
C TRP A 39 3.45 4.08 -1.81
N THR A 40 3.55 5.40 -1.73
CA THR A 40 3.37 6.11 -0.47
C THR A 40 1.93 6.54 -0.27
N GLY A 41 1.32 6.07 0.81
CA GLY A 41 -0.06 6.41 1.11
C GLY A 41 -0.34 6.41 2.61
N ARG A 42 -1.62 6.45 2.98
CA ARG A 42 -1.99 6.46 4.41
C ARG A 42 -3.35 5.81 4.64
N LEU A 43 -3.43 5.00 5.70
CA LEU A 43 -4.66 4.33 6.07
C LEU A 43 -5.35 5.09 7.21
N HIS A 44 -6.52 5.65 6.92
CA HIS A 44 -7.27 6.42 7.90
C HIS A 44 -6.50 7.68 8.29
N ASN A 45 -5.60 7.55 9.27
CA ASN A 45 -4.81 8.69 9.71
C ASN A 45 -3.32 8.33 9.84
N LYS A 46 -2.99 7.07 9.58
CA LYS A 46 -1.61 6.62 9.66
C LYS A 46 -0.96 6.65 8.28
N LEU A 47 0.21 7.26 8.19
CA LEU A 47 0.92 7.37 6.91
C LEU A 47 2.06 6.38 6.84
N GLY A 48 2.48 6.05 5.62
CA GLY A 48 3.56 5.11 5.43
C GLY A 48 3.52 4.42 4.07
N LEU A 49 4.63 3.80 3.70
CA LEU A 49 4.72 3.10 2.41
C LEU A 49 4.04 1.73 2.51
N PHE A 50 3.38 1.33 1.43
CA PHE A 50 2.69 0.04 1.42
C PHE A 50 3.00 -0.74 0.14
N PRO A 51 2.79 -2.07 0.15
CA PRO A 51 3.04 -2.93 -1.01
C PRO A 51 1.89 -2.95 -2.00
N ALA A 52 2.12 -2.46 -3.22
CA ALA A 52 1.09 -2.45 -4.24
C ALA A 52 0.82 -3.86 -4.76
N ASN A 53 1.69 -4.79 -4.39
CA ASN A 53 1.54 -6.18 -4.81
C ASN A 53 0.62 -6.94 -3.86
N TYR A 54 0.65 -6.55 -2.58
CA TYR A 54 -0.18 -7.20 -1.57
C TYR A 54 -1.64 -6.76 -1.71
N VAL A 55 -1.84 -5.46 -1.90
CA VAL A 55 -3.20 -4.93 -2.03
C VAL A 55 -3.35 -4.15 -3.34
N ALA A 56 -4.59 -4.09 -3.84
CA ALA A 56 -4.87 -3.38 -5.10
C ALA A 56 -5.88 -2.25 -4.88
N PRO A 57 -5.80 -1.18 -5.70
CA PRO A 57 -6.70 -0.02 -5.59
C PRO A 57 -8.17 -0.36 -5.68
N MET A 58 -8.99 0.67 -5.58
CA MET A 58 -10.44 0.53 -5.64
C MET A 58 -11.09 1.82 -6.13
N MET A 59 -11.82 1.72 -7.24
CA MET A 59 -12.50 2.89 -7.81
C MET A 59 -13.85 3.11 -7.15
N ARG A 60 -13.95 4.17 -6.36
CA ARG A 60 -15.20 4.50 -5.67
C ARG A 60 -16.25 4.98 -6.66
N ALA B 1 0.68 -16.03 -1.11
CA ALA B 1 0.60 -14.61 -0.67
C ALA B 1 1.47 -13.72 -1.55
N PRO B 2 1.01 -12.49 -1.85
CA PRO B 2 1.74 -11.54 -2.69
C PRO B 2 3.16 -11.29 -2.17
N SER B 3 4.14 -11.38 -3.06
CA SER B 3 5.53 -11.17 -2.70
C SER B 3 6.00 -9.79 -3.13
N ILE B 4 6.37 -8.98 -2.15
CA ILE B 4 6.85 -7.63 -2.40
C ILE B 4 8.30 -7.46 -1.98
N ASP B 5 9.05 -6.71 -2.77
CA ASP B 5 10.46 -6.46 -2.49
C ASP B 5 10.65 -5.05 -1.95
N ARG B 6 11.27 -4.94 -0.78
CA ARG B 6 11.51 -3.64 -0.15
C ARG B 6 12.67 -2.91 -0.80
N SER B 7 13.35 -3.58 -1.73
CA SER B 7 14.49 -3.00 -2.42
C SER B 7 14.05 -2.00 -3.49
N THR B 8 12.74 -1.77 -3.59
CA THR B 8 12.20 -0.84 -4.57
C THR B 8 11.27 0.19 -3.93
N LYS B 9 11.47 0.46 -2.65
CA LYS B 9 10.64 1.42 -1.92
C LYS B 9 10.73 2.80 -2.59
N PRO B 10 9.74 3.69 -2.35
CA PRO B 10 9.74 5.03 -2.93
C PRO B 10 11.07 5.75 -2.74
N ALA B 11 11.87 5.78 -3.79
CA ALA B 11 13.17 6.44 -3.74
C ALA B 11 13.58 6.96 -5.11
N GLY A 1 -12.18 7.13 -12.54
CA GLY A 1 -11.11 7.86 -13.27
C GLY A 1 -9.96 8.26 -12.37
N ARG A 2 -9.94 7.72 -11.15
CA ARG A 2 -8.89 8.02 -10.19
C ARG A 2 -8.47 6.79 -9.42
N VAL A 3 -7.47 6.10 -9.92
CA VAL A 3 -6.96 4.89 -9.29
C VAL A 3 -5.80 5.20 -8.35
N ARG A 4 -6.09 5.25 -7.05
CA ARG A 4 -5.07 5.54 -6.04
C ARG A 4 -5.52 5.09 -4.66
N TRP A 5 -5.76 3.80 -4.51
CA TRP A 5 -6.21 3.24 -3.24
C TRP A 5 -5.53 1.89 -2.98
N ALA A 6 -5.45 1.51 -1.72
CA ALA A 6 -4.84 0.25 -1.37
C ALA A 6 -5.78 -0.57 -0.50
N ARG A 7 -6.40 -1.58 -1.11
CA ARG A 7 -7.29 -2.44 -0.37
C ARG A 7 -6.63 -3.79 -0.17
N ALA A 8 -6.23 -4.05 1.07
CA ALA A 8 -5.55 -5.29 1.41
C ALA A 8 -6.51 -6.46 1.52
N LEU A 9 -6.30 -7.46 0.67
CA LEU A 9 -7.11 -8.67 0.70
C LEU A 9 -6.53 -9.60 1.76
N TYR A 10 -5.32 -9.26 2.17
CA TYR A 10 -4.58 -10.00 3.19
C TYR A 10 -3.95 -9.01 4.17
N ASP A 11 -3.27 -9.52 5.18
CA ASP A 11 -2.63 -8.67 6.17
C ASP A 11 -1.68 -7.67 5.51
N PHE A 12 -0.93 -6.93 6.32
CA PHE A 12 0.00 -5.92 5.82
C PHE A 12 1.45 -6.42 5.81
N GLU A 13 2.21 -5.94 4.83
CA GLU A 13 3.62 -6.32 4.69
C GLU A 13 4.55 -5.22 5.22
N ALA A 14 3.98 -4.24 5.90
CA ALA A 14 4.78 -3.14 6.44
C ALA A 14 5.67 -3.61 7.58
N LEU A 15 6.95 -3.79 7.28
CA LEU A 15 7.92 -4.22 8.28
C LEU A 15 8.79 -3.06 8.73
N GLU A 16 8.70 -1.95 8.01
CA GLU A 16 9.48 -0.76 8.33
C GLU A 16 8.63 0.29 9.01
N GLU A 17 9.25 1.13 9.83
CA GLU A 17 8.54 2.18 10.55
C GLU A 17 8.13 3.29 9.60
N ASP A 18 8.80 3.37 8.45
CA ASP A 18 8.50 4.38 7.44
C ASP A 18 7.35 3.92 6.55
N GLU A 19 6.73 2.81 6.92
CA GLU A 19 5.62 2.27 6.14
C GLU A 19 4.33 2.29 6.94
N LEU A 20 3.27 1.74 6.34
CA LEU A 20 1.96 1.68 6.99
C LEU A 20 1.42 0.25 6.93
N GLY A 21 0.82 -0.18 8.03
CA GLY A 21 0.28 -1.53 8.08
C GLY A 21 -1.24 -1.58 8.16
N PHE A 22 -1.84 -2.29 7.20
CA PHE A 22 -3.27 -2.46 7.16
C PHE A 22 -3.64 -3.93 7.39
N ARG A 23 -4.91 -4.25 7.27
CA ARG A 23 -5.36 -5.62 7.47
C ARG A 23 -6.25 -6.09 6.32
N SER A 24 -6.72 -7.33 6.42
CA SER A 24 -7.57 -7.91 5.39
C SER A 24 -8.86 -7.11 5.22
N GLY A 25 -9.34 -7.04 3.99
CA GLY A 25 -10.57 -6.31 3.69
C GLY A 25 -10.52 -4.88 4.19
N GLU A 26 -9.38 -4.23 4.06
CA GLU A 26 -9.22 -2.84 4.51
C GLU A 26 -9.05 -1.90 3.32
N VAL A 27 -9.44 -0.64 3.51
CA VAL A 27 -9.33 0.36 2.46
C VAL A 27 -8.36 1.47 2.86
N VAL A 28 -7.45 1.80 1.93
CA VAL A 28 -6.46 2.84 2.17
C VAL A 28 -6.41 3.83 1.02
N GLU A 29 -6.18 5.10 1.35
CA GLU A 29 -6.12 6.15 0.34
C GLU A 29 -4.67 6.40 -0.08
N VAL A 30 -4.36 6.10 -1.34
CA VAL A 30 -3.01 6.30 -1.86
C VAL A 30 -2.80 7.77 -2.23
N LEU A 31 -1.63 8.30 -1.86
CA LEU A 31 -1.32 9.70 -2.13
C LEU A 31 -0.26 9.85 -3.22
N ASP A 32 0.24 8.75 -3.75
CA ASP A 32 1.27 8.81 -4.79
C ASP A 32 1.11 7.71 -5.83
N SER A 33 1.18 6.47 -5.37
CA SER A 33 1.08 5.29 -6.24
C SER A 33 2.15 5.28 -7.31
N SER A 34 2.98 6.32 -7.37
CA SER A 34 4.03 6.33 -8.35
C SER A 34 5.18 5.50 -7.81
N ASN A 35 5.43 4.39 -8.49
CA ASN A 35 6.48 3.44 -8.13
C ASN A 35 6.19 2.10 -8.81
N PRO A 36 7.19 1.22 -8.93
CA PRO A 36 7.01 -0.07 -9.58
C PRO A 36 6.64 -1.19 -8.60
N SER A 37 6.38 -0.85 -7.34
CA SER A 37 6.03 -1.86 -6.35
C SER A 37 5.56 -1.24 -5.02
N TRP A 38 6.42 -0.44 -4.42
CA TRP A 38 6.09 0.20 -3.14
C TRP A 38 5.56 1.61 -3.34
N TRP A 39 4.27 1.81 -3.03
CA TRP A 39 3.66 3.12 -3.17
C TRP A 39 3.48 3.79 -1.82
N THR A 40 3.62 5.11 -1.80
CA THR A 40 3.44 5.88 -0.58
C THR A 40 1.97 6.25 -0.39
N GLY A 41 1.35 5.73 0.68
CA GLY A 41 -0.04 6.03 0.94
C GLY A 41 -0.31 6.24 2.42
N ARG A 42 -1.58 6.35 2.80
CA ARG A 42 -1.92 6.56 4.20
C ARG A 42 -3.29 5.98 4.55
N LEU A 43 -3.37 5.31 5.69
CA LEU A 43 -4.61 4.71 6.16
C LEU A 43 -5.25 5.62 7.21
N HIS A 44 -6.41 6.19 6.87
CA HIS A 44 -7.12 7.08 7.77
C HIS A 44 -6.29 8.35 8.02
N ASN A 45 -5.38 8.29 8.98
CA ASN A 45 -4.52 9.43 9.30
C ASN A 45 -3.06 9.02 9.45
N LYS A 46 -2.79 7.73 9.28
CA LYS A 46 -1.42 7.22 9.39
C LYS A 46 -0.78 7.14 8.01
N LEU A 47 0.40 7.73 7.87
CA LEU A 47 1.10 7.73 6.58
C LEU A 47 2.24 6.72 6.57
N GLY A 48 2.38 6.02 5.45
CA GLY A 48 3.44 5.03 5.31
C GLY A 48 3.35 4.28 3.99
N LEU A 49 4.47 3.67 3.59
CA LEU A 49 4.54 2.91 2.34
C LEU A 49 3.81 1.57 2.48
N PHE A 50 3.34 1.03 1.36
CA PHE A 50 2.63 -0.25 1.37
C PHE A 50 2.97 -1.08 0.12
N PRO A 51 2.72 -2.40 0.18
CA PRO A 51 2.99 -3.31 -0.94
C PRO A 51 1.88 -3.27 -2.01
N ALA A 52 2.20 -2.74 -3.19
CA ALA A 52 1.23 -2.66 -4.26
C ALA A 52 0.94 -4.04 -4.85
N ASN A 53 1.78 -5.01 -4.49
CA ASN A 53 1.61 -6.38 -4.98
C ASN A 53 0.70 -7.16 -4.05
N TYR A 54 0.71 -6.80 -2.77
CA TYR A 54 -0.12 -7.48 -1.78
C TYR A 54 -1.56 -7.01 -1.88
N VAL A 55 -1.75 -5.71 -2.09
CA VAL A 55 -3.09 -5.15 -2.21
C VAL A 55 -3.27 -4.40 -3.54
N ALA A 56 -4.53 -4.18 -3.93
CA ALA A 56 -4.83 -3.48 -5.17
C ALA A 56 -5.86 -2.37 -4.95
N PRO A 57 -5.82 -1.31 -5.78
CA PRO A 57 -6.74 -0.16 -5.65
C PRO A 57 -8.20 -0.56 -5.72
N MET A 58 -9.05 0.46 -5.61
CA MET A 58 -10.49 0.28 -5.65
C MET A 58 -11.15 1.49 -6.29
N MET A 59 -11.50 1.38 -7.56
CA MET A 59 -12.14 2.47 -8.28
C MET A 59 -13.58 2.66 -7.81
N ARG A 60 -13.81 3.72 -7.04
CA ARG A 60 -15.15 4.02 -6.53
C ARG A 60 -16.14 4.23 -7.67
N ALA B 1 0.41 -16.40 -2.99
CA ALA B 1 0.76 -15.41 -1.94
C ALA B 1 1.66 -14.31 -2.51
N PRO B 2 1.07 -13.16 -2.87
CA PRO B 2 1.81 -12.03 -3.42
C PRO B 2 3.04 -11.67 -2.58
N SER B 3 4.19 -11.58 -3.23
CA SER B 3 5.43 -11.24 -2.54
C SER B 3 5.97 -9.90 -2.99
N ILE B 4 6.24 -9.03 -2.02
CA ILE B 4 6.75 -7.70 -2.30
C ILE B 4 8.16 -7.52 -1.73
N ASP B 5 9.04 -6.94 -2.54
CA ASP B 5 10.42 -6.71 -2.13
C ASP B 5 10.61 -5.28 -1.62
N ARG B 6 11.20 -5.15 -0.44
CA ARG B 6 11.43 -3.84 0.16
C ARG B 6 12.63 -3.14 -0.48
N SER B 7 13.32 -3.85 -1.37
CA SER B 7 14.49 -3.30 -2.04
C SER B 7 14.08 -2.33 -3.16
N THR B 8 12.78 -2.09 -3.29
CA THR B 8 12.27 -1.20 -4.32
C THR B 8 11.34 -0.13 -3.75
N LYS B 9 11.53 0.21 -2.47
CA LYS B 9 10.71 1.22 -1.82
C LYS B 9 10.85 2.56 -2.53
N PRO B 10 9.87 3.48 -2.34
CA PRO B 10 9.91 4.81 -2.97
C PRO B 10 11.27 5.48 -2.85
N ALA B 11 12.04 5.46 -3.93
CA ALA B 11 13.36 6.08 -3.94
C ALA B 11 13.76 6.49 -5.36
N GLY A 1 -10.31 3.50 -13.75
CA GLY A 1 -10.10 4.95 -13.97
C GLY A 1 -8.95 5.49 -13.17
N ARG A 2 -9.25 6.08 -12.01
CA ARG A 2 -8.22 6.64 -11.15
C ARG A 2 -7.96 5.75 -9.95
N VAL A 3 -6.98 4.86 -10.10
CA VAL A 3 -6.60 3.94 -9.04
C VAL A 3 -5.55 4.55 -8.12
N ARG A 4 -5.99 5.03 -6.96
CA ARG A 4 -5.08 5.64 -5.99
C ARG A 4 -5.48 5.27 -4.56
N TRP A 5 -5.77 3.99 -4.34
CA TRP A 5 -6.16 3.49 -3.03
C TRP A 5 -5.54 2.14 -2.78
N ALA A 6 -5.39 1.76 -1.52
CA ALA A 6 -4.81 0.47 -1.19
C ALA A 6 -5.83 -0.36 -0.42
N ARG A 7 -6.42 -1.33 -1.10
CA ARG A 7 -7.38 -2.21 -0.45
C ARG A 7 -6.74 -3.55 -0.18
N ALA A 8 -6.48 -3.80 1.10
CA ALA A 8 -5.84 -5.03 1.51
C ALA A 8 -6.81 -6.20 1.57
N LEU A 9 -6.54 -7.22 0.76
CA LEU A 9 -7.37 -8.42 0.75
C LEU A 9 -6.83 -9.38 1.80
N TYR A 10 -5.56 -9.18 2.13
CA TYR A 10 -4.87 -9.98 3.14
C TYR A 10 -4.13 -9.05 4.09
N ASP A 11 -3.47 -9.61 5.09
CA ASP A 11 -2.72 -8.83 6.06
C ASP A 11 -1.78 -7.82 5.38
N PHE A 12 -1.06 -7.06 6.20
CA PHE A 12 -0.13 -6.05 5.69
C PHE A 12 1.32 -6.52 5.69
N GLU A 13 2.08 -6.07 4.70
CA GLU A 13 3.50 -6.43 4.58
C GLU A 13 4.40 -5.33 5.14
N ALA A 14 3.81 -4.37 5.84
CA ALA A 14 4.60 -3.28 6.41
C ALA A 14 5.48 -3.78 7.54
N LEU A 15 6.76 -3.95 7.25
CA LEU A 15 7.72 -4.42 8.24
C LEU A 15 8.68 -3.31 8.65
N GLU A 16 8.60 -2.19 7.93
CA GLU A 16 9.47 -1.05 8.22
C GLU A 16 8.76 -0.01 9.09
N GLU A 17 9.54 0.88 9.68
CA GLU A 17 9.00 1.93 10.54
C GLU A 17 8.24 2.97 9.72
N ASP A 18 8.86 3.41 8.62
CA ASP A 18 8.23 4.41 7.74
C ASP A 18 7.21 3.74 6.83
N GLU A 19 6.64 2.63 7.28
CA GLU A 19 5.65 1.90 6.51
C GLU A 19 4.29 1.90 7.20
N LEU A 20 3.25 1.62 6.43
CA LEU A 20 1.89 1.58 6.96
C LEU A 20 1.32 0.18 6.82
N GLY A 21 0.61 -0.27 7.85
CA GLY A 21 0.04 -1.60 7.83
C GLY A 21 -1.48 -1.61 7.86
N PHE A 22 -2.07 -2.38 6.95
CA PHE A 22 -3.52 -2.51 6.87
C PHE A 22 -3.95 -3.95 7.13
N ARG A 23 -5.25 -4.20 7.04
CA ARG A 23 -5.78 -5.54 7.26
C ARG A 23 -6.73 -5.95 6.13
N SER A 24 -7.18 -7.20 6.17
CA SER A 24 -8.08 -7.72 5.15
C SER A 24 -9.35 -6.86 5.05
N GLY A 25 -9.83 -6.68 3.82
CA GLY A 25 -11.04 -5.89 3.60
C GLY A 25 -10.93 -4.48 4.15
N GLU A 26 -9.81 -3.82 3.86
CA GLU A 26 -9.60 -2.45 4.33
C GLU A 26 -9.18 -1.52 3.19
N VAL A 27 -9.76 -0.33 3.17
CA VAL A 27 -9.45 0.65 2.12
C VAL A 27 -8.47 1.71 2.64
N VAL A 28 -7.51 2.06 1.80
CA VAL A 28 -6.51 3.06 2.15
C VAL A 28 -6.39 4.12 1.06
N GLU A 29 -6.15 5.37 1.46
CA GLU A 29 -6.02 6.46 0.49
C GLU A 29 -4.56 6.62 0.07
N VAL A 30 -4.27 6.29 -1.18
CA VAL A 30 -2.91 6.41 -1.71
C VAL A 30 -2.60 7.85 -2.10
N LEU A 31 -1.43 8.32 -1.70
CA LEU A 31 -1.01 9.68 -2.01
C LEU A 31 0.15 9.70 -3.01
N ASP A 32 0.76 8.54 -3.22
CA ASP A 32 1.87 8.44 -4.16
C ASP A 32 1.93 7.06 -4.81
N SER A 33 0.95 6.77 -5.65
CA SER A 33 0.88 5.49 -6.36
C SER A 33 1.93 5.43 -7.45
N SER A 34 2.67 6.51 -7.64
CA SER A 34 3.71 6.49 -8.65
C SER A 34 4.88 5.68 -8.11
N ASN A 35 5.11 4.54 -8.77
CA ASN A 35 6.17 3.60 -8.42
C ASN A 35 5.85 2.25 -9.04
N PRO A 36 6.85 1.38 -9.23
CA PRO A 36 6.64 0.08 -9.84
C PRO A 36 6.39 -1.05 -8.82
N SER A 37 6.17 -0.69 -7.56
CA SER A 37 5.92 -1.70 -6.53
C SER A 37 5.50 -1.08 -5.20
N TRP A 38 6.36 -0.26 -4.63
CA TRP A 38 6.08 0.38 -3.34
C TRP A 38 5.54 1.78 -3.51
N TRP A 39 4.32 2.02 -3.03
CA TRP A 39 3.71 3.34 -3.11
C TRP A 39 3.56 3.94 -1.72
N THR A 40 3.70 5.26 -1.61
CA THR A 40 3.55 5.95 -0.33
C THR A 40 2.12 6.40 -0.12
N GLY A 41 1.46 5.85 0.91
CA GLY A 41 0.09 6.21 1.21
C GLY A 41 -0.20 6.23 2.69
N ARG A 42 -1.46 6.48 3.06
CA ARG A 42 -1.82 6.52 4.47
C ARG A 42 -3.26 6.02 4.69
N LEU A 43 -3.44 5.28 5.77
CA LEU A 43 -4.75 4.73 6.13
C LEU A 43 -5.39 5.59 7.21
N HIS A 44 -6.49 6.25 6.84
CA HIS A 44 -7.24 7.14 7.74
C HIS A 44 -6.36 8.25 8.33
N ASN A 45 -5.40 7.91 9.20
CA ASN A 45 -4.54 8.92 9.80
C ASN A 45 -3.12 8.39 10.03
N LYS A 46 -2.82 7.21 9.49
CA LYS A 46 -1.50 6.62 9.64
C LYS A 46 -0.77 6.66 8.30
N LEU A 47 0.42 7.23 8.29
CA LEU A 47 1.19 7.33 7.05
C LEU A 47 2.32 6.30 7.00
N GLY A 48 2.57 5.79 5.80
CA GLY A 48 3.61 4.80 5.61
C GLY A 48 3.52 4.10 4.28
N LEU A 49 4.65 3.56 3.83
CA LEU A 49 4.71 2.84 2.55
C LEU A 49 3.97 1.51 2.65
N PHE A 50 3.49 1.02 1.51
CA PHE A 50 2.76 -0.24 1.46
C PHE A 50 3.07 -1.02 0.18
N PRO A 51 2.79 -2.35 0.18
CA PRO A 51 3.04 -3.20 -0.99
C PRO A 51 1.91 -3.14 -2.01
N ALA A 52 2.14 -2.47 -3.13
CA ALA A 52 1.13 -2.37 -4.17
C ALA A 52 0.87 -3.72 -4.83
N ASN A 53 1.76 -4.68 -4.55
CA ASN A 53 1.64 -6.02 -5.09
C ASN A 53 0.76 -6.89 -4.20
N TYR A 54 0.68 -6.52 -2.92
CA TYR A 54 -0.13 -7.26 -1.95
C TYR A 54 -1.59 -6.82 -2.02
N VAL A 55 -1.81 -5.52 -2.12
CA VAL A 55 -3.17 -4.99 -2.17
C VAL A 55 -3.40 -4.15 -3.43
N ALA A 56 -4.65 -4.08 -3.87
CA ALA A 56 -5.01 -3.33 -5.07
C ALA A 56 -6.00 -2.19 -4.77
N PRO A 57 -5.98 -1.12 -5.58
CA PRO A 57 -6.86 0.04 -5.39
C PRO A 57 -8.34 -0.31 -5.39
N MET A 58 -9.16 0.72 -5.23
CA MET A 58 -10.60 0.57 -5.19
C MET A 58 -11.29 1.79 -5.77
N MET A 59 -11.73 1.70 -7.02
CA MET A 59 -12.41 2.80 -7.68
C MET A 59 -13.81 2.99 -7.10
N ARG A 60 -13.97 4.06 -6.32
CA ARG A 60 -15.26 4.36 -5.71
C ARG A 60 -16.31 4.66 -6.77
N ALA B 1 1.13 -16.07 -2.52
CA ALA B 1 1.25 -14.85 -1.68
C ALA B 1 2.16 -13.82 -2.34
N PRO B 2 1.57 -12.74 -2.87
CA PRO B 2 2.33 -11.68 -3.54
C PRO B 2 3.51 -11.21 -2.70
N SER B 3 4.71 -11.63 -3.10
CA SER B 3 5.93 -11.25 -2.38
C SER B 3 6.48 -9.93 -2.88
N ILE B 4 6.55 -8.96 -1.98
CA ILE B 4 7.05 -7.64 -2.32
C ILE B 4 8.45 -7.42 -1.75
N ASP B 5 9.32 -6.84 -2.56
CA ASP B 5 10.70 -6.56 -2.15
C ASP B 5 10.85 -5.12 -1.69
N ARG B 6 11.47 -4.93 -0.53
CA ARG B 6 11.68 -3.59 0.02
C ARG B 6 12.82 -2.87 -0.69
N SER B 7 13.51 -3.59 -1.57
CA SER B 7 14.64 -3.03 -2.30
C SER B 7 14.17 -2.15 -3.46
N THR B 8 12.86 -1.96 -3.57
CA THR B 8 12.30 -1.13 -4.63
C THR B 8 11.36 -0.07 -4.08
N LYS B 9 11.59 0.31 -2.82
CA LYS B 9 10.77 1.34 -2.16
C LYS B 9 10.84 2.66 -2.92
N PRO B 10 9.89 3.59 -2.66
CA PRO B 10 9.85 4.90 -3.33
C PRO B 10 11.21 5.59 -3.33
N ALA B 11 11.89 5.53 -4.46
CA ALA B 11 13.21 6.15 -4.59
C ALA B 11 13.50 6.55 -6.03
N GLY A 1 -7.02 7.59 -15.18
CA GLY A 1 -6.14 7.00 -14.13
C GLY A 1 -6.47 7.54 -12.75
N ARG A 2 -7.33 6.83 -12.02
CA ARG A 2 -7.73 7.24 -10.68
C ARG A 2 -7.62 6.07 -9.70
N VAL A 3 -6.56 5.29 -9.85
CA VAL A 3 -6.33 4.14 -8.98
C VAL A 3 -5.34 4.48 -7.88
N ARG A 4 -5.79 5.29 -6.92
CA ARG A 4 -4.94 5.70 -5.81
C ARG A 4 -5.53 5.23 -4.48
N TRP A 5 -5.77 3.93 -4.38
CA TRP A 5 -6.34 3.33 -3.19
C TRP A 5 -5.69 1.98 -2.90
N ALA A 6 -5.75 1.54 -1.65
CA ALA A 6 -5.16 0.28 -1.28
C ALA A 6 -6.13 -0.54 -0.45
N ARG A 7 -6.71 -1.57 -1.07
CA ARG A 7 -7.63 -2.44 -0.37
C ARG A 7 -6.94 -3.76 -0.08
N ALA A 8 -6.66 -3.98 1.19
CA ALA A 8 -5.97 -5.19 1.63
C ALA A 8 -6.91 -6.37 1.72
N LEU A 9 -6.52 -7.47 1.09
CA LEU A 9 -7.31 -8.69 1.11
C LEU A 9 -6.71 -9.64 2.16
N TYR A 10 -5.48 -9.31 2.55
CA TYR A 10 -4.76 -10.07 3.56
C TYR A 10 -3.98 -9.11 4.45
N ASP A 11 -3.28 -9.65 5.45
CA ASP A 11 -2.51 -8.83 6.38
C ASP A 11 -1.58 -7.86 5.63
N PHE A 12 -0.82 -7.08 6.38
CA PHE A 12 0.10 -6.10 5.80
C PHE A 12 1.54 -6.59 5.82
N GLU A 13 2.30 -6.21 4.80
CA GLU A 13 3.70 -6.60 4.68
C GLU A 13 4.65 -5.51 5.19
N ALA A 14 4.10 -4.50 5.84
CA ALA A 14 4.92 -3.41 6.35
C ALA A 14 5.79 -3.88 7.51
N LEU A 15 7.07 -4.11 7.22
CA LEU A 15 8.01 -4.55 8.23
C LEU A 15 8.85 -3.37 8.71
N GLU A 16 8.83 -2.29 7.95
CA GLU A 16 9.57 -1.09 8.29
C GLU A 16 8.67 -0.06 8.97
N GLU A 17 9.30 0.96 9.56
CA GLU A 17 8.55 2.01 10.25
C GLU A 17 8.09 3.09 9.27
N ASP A 18 8.86 3.28 8.21
CA ASP A 18 8.53 4.29 7.19
C ASP A 18 7.41 3.80 6.29
N GLU A 19 6.98 2.56 6.51
CA GLU A 19 5.91 1.97 5.72
C GLU A 19 4.58 2.08 6.45
N LEU A 20 3.56 1.45 5.88
CA LEU A 20 2.22 1.48 6.47
C LEU A 20 1.62 0.08 6.48
N GLY A 21 0.94 -0.25 7.58
CA GLY A 21 0.35 -1.57 7.70
C GLY A 21 -1.16 -1.54 7.89
N PHE A 22 -1.86 -2.35 7.10
CA PHE A 22 -3.30 -2.45 7.17
C PHE A 22 -3.73 -3.85 7.58
N ARG A 23 -5.03 -4.09 7.58
CA ARG A 23 -5.57 -5.40 7.94
C ARG A 23 -6.54 -5.89 6.88
N SER A 24 -6.85 -7.19 6.93
CA SER A 24 -7.77 -7.81 5.96
C SER A 24 -9.00 -6.94 5.72
N GLY A 25 -9.40 -6.84 4.46
CA GLY A 25 -10.57 -6.04 4.10
C GLY A 25 -10.50 -4.62 4.62
N GLU A 26 -9.55 -3.85 4.11
CA GLU A 26 -9.41 -2.46 4.54
C GLU A 26 -9.17 -1.51 3.36
N VAL A 27 -9.76 -0.33 3.44
CA VAL A 27 -9.61 0.67 2.38
C VAL A 27 -8.55 1.71 2.75
N VAL A 28 -7.68 2.03 1.80
CA VAL A 28 -6.62 3.00 2.03
C VAL A 28 -6.57 4.05 0.92
N GLU A 29 -6.35 5.30 1.29
CA GLU A 29 -6.28 6.38 0.31
C GLU A 29 -4.83 6.65 -0.07
N VAL A 30 -4.46 6.25 -1.27
CA VAL A 30 -3.10 6.46 -1.77
C VAL A 30 -2.92 7.88 -2.27
N LEU A 31 -1.77 8.48 -1.97
CA LEU A 31 -1.50 9.84 -2.37
C LEU A 31 -0.32 9.94 -3.34
N ASP A 32 0.10 8.80 -3.91
CA ASP A 32 1.22 8.79 -4.84
C ASP A 32 1.05 7.73 -5.91
N SER A 33 1.07 6.48 -5.47
CA SER A 33 0.92 5.32 -6.35
C SER A 33 1.98 5.30 -7.45
N SER A 34 2.84 6.30 -7.52
CA SER A 34 3.87 6.28 -8.52
C SER A 34 5.03 5.46 -7.99
N ASN A 35 5.27 4.33 -8.63
CA ASN A 35 6.33 3.39 -8.25
C ASN A 35 6.04 2.04 -8.88
N PRO A 36 7.04 1.14 -8.97
CA PRO A 36 6.85 -0.17 -9.56
C PRO A 36 6.54 -1.27 -8.54
N SER A 37 6.25 -0.87 -7.30
CA SER A 37 5.94 -1.85 -6.26
C SER A 37 5.40 -1.19 -4.99
N TRP A 38 6.23 -0.35 -4.36
CA TRP A 38 5.84 0.32 -3.13
C TRP A 38 5.32 1.73 -3.41
N TRP A 39 4.08 1.98 -3.01
CA TRP A 39 3.47 3.29 -3.21
C TRP A 39 3.29 4.02 -1.89
N THR A 40 3.36 5.34 -1.94
CA THR A 40 3.18 6.17 -0.74
C THR A 40 1.71 6.53 -0.55
N GLY A 41 1.13 6.06 0.55
CA GLY A 41 -0.26 6.34 0.85
C GLY A 41 -0.53 6.28 2.34
N ARG A 42 -1.76 6.57 2.75
CA ARG A 42 -2.10 6.54 4.17
C ARG A 42 -3.40 5.80 4.44
N LEU A 43 -3.38 4.96 5.47
CA LEU A 43 -4.55 4.17 5.87
C LEU A 43 -5.25 4.82 7.06
N HIS A 44 -6.49 5.27 6.83
CA HIS A 44 -7.27 5.90 7.88
C HIS A 44 -6.64 7.23 8.32
N ASN A 45 -5.59 7.14 9.15
CA ASN A 45 -4.92 8.33 9.63
C ASN A 45 -3.41 8.08 9.79
N LYS A 46 -2.94 6.99 9.21
CA LYS A 46 -1.53 6.64 9.28
C LYS A 46 -0.90 6.74 7.89
N LEU A 47 0.19 7.49 7.78
CA LEU A 47 0.86 7.67 6.50
C LEU A 47 2.11 6.81 6.39
N GLY A 48 2.40 6.34 5.18
CA GLY A 48 3.56 5.50 4.96
C GLY A 48 3.55 4.83 3.60
N LEU A 49 4.37 3.80 3.43
CA LEU A 49 4.44 3.07 2.17
C LEU A 49 3.84 1.67 2.30
N PHE A 50 2.97 1.30 1.37
CA PHE A 50 2.33 -0.01 1.40
C PHE A 50 2.68 -0.83 0.17
N PRO A 51 2.46 -2.17 0.21
CA PRO A 51 2.75 -3.07 -0.90
C PRO A 51 1.66 -3.04 -1.98
N ALA A 52 1.97 -2.45 -3.13
CA ALA A 52 1.01 -2.39 -4.23
C ALA A 52 0.80 -3.76 -4.84
N ASN A 53 1.66 -4.71 -4.46
CA ASN A 53 1.58 -6.07 -4.97
C ASN A 53 0.70 -6.93 -4.07
N TYR A 54 0.69 -6.63 -2.78
CA TYR A 54 -0.10 -7.39 -1.81
C TYR A 54 -1.57 -7.01 -1.89
N VAL A 55 -1.86 -5.71 -2.02
CA VAL A 55 -3.24 -5.26 -2.09
C VAL A 55 -3.51 -4.48 -3.39
N ALA A 56 -4.78 -4.41 -3.79
CA ALA A 56 -5.16 -3.72 -5.01
C ALA A 56 -6.06 -2.52 -4.71
N PRO A 57 -5.98 -1.45 -5.52
CA PRO A 57 -6.77 -0.24 -5.31
C PRO A 57 -8.27 -0.49 -5.23
N MET A 58 -9.00 0.58 -4.97
CA MET A 58 -10.45 0.51 -4.84
C MET A 58 -11.09 1.73 -5.48
N MET A 59 -11.59 1.58 -6.70
CA MET A 59 -12.23 2.68 -7.40
C MET A 59 -13.61 2.96 -6.81
N ARG A 60 -13.71 4.04 -6.06
CA ARG A 60 -14.98 4.43 -5.44
C ARG A 60 -15.84 5.25 -6.41
N ALA B 1 -0.04 -15.89 -2.48
CA ALA B 1 0.63 -14.87 -1.62
C ALA B 1 1.52 -13.96 -2.46
N PRO B 2 1.11 -12.68 -2.64
CA PRO B 2 1.88 -11.70 -3.42
C PRO B 2 3.23 -11.39 -2.79
N SER B 3 4.29 -11.51 -3.59
CA SER B 3 5.64 -11.23 -3.11
C SER B 3 6.01 -9.78 -3.34
N ILE B 4 6.45 -9.13 -2.27
CA ILE B 4 6.84 -7.73 -2.34
C ILE B 4 8.32 -7.54 -2.06
N ASP B 5 8.94 -6.66 -2.83
CA ASP B 5 10.36 -6.35 -2.67
C ASP B 5 10.55 -4.98 -2.05
N ARG B 6 11.02 -4.97 -0.80
CA ARG B 6 11.25 -3.72 -0.07
C ARG B 6 12.44 -2.95 -0.64
N SER B 7 13.13 -3.55 -1.60
CA SER B 7 14.28 -2.91 -2.23
C SER B 7 13.85 -1.93 -3.31
N THR B 8 12.54 -1.76 -3.45
CA THR B 8 11.99 -0.85 -4.46
C THR B 8 11.13 0.24 -3.85
N LYS B 9 11.34 0.53 -2.56
CA LYS B 9 10.58 1.56 -1.86
C LYS B 9 10.66 2.89 -2.60
N PRO B 10 9.63 3.76 -2.46
CA PRO B 10 9.60 5.07 -3.12
C PRO B 10 10.93 5.82 -3.00
N ALA B 11 11.70 5.80 -4.08
CA ALA B 11 12.98 6.49 -4.09
C ALA B 11 12.97 7.68 -5.04
N GLY A 1 -9.09 4.96 -14.59
CA GLY A 1 -8.09 5.98 -14.18
C GLY A 1 -8.30 6.45 -12.75
N ARG A 2 -7.57 7.49 -12.35
CA ARG A 2 -7.68 8.05 -11.01
C ARG A 2 -7.60 6.96 -9.97
N VAL A 3 -6.79 5.95 -10.27
CA VAL A 3 -6.60 4.82 -9.36
C VAL A 3 -5.48 5.09 -8.37
N ARG A 4 -5.86 5.35 -7.12
CA ARG A 4 -4.88 5.63 -6.07
C ARG A 4 -5.40 5.16 -4.71
N TRP A 5 -5.64 3.86 -4.58
CA TRP A 5 -6.15 3.29 -3.35
C TRP A 5 -5.48 1.96 -3.05
N ALA A 6 -5.47 1.55 -1.79
CA ALA A 6 -4.86 0.30 -1.42
C ALA A 6 -5.84 -0.52 -0.58
N ARG A 7 -6.43 -1.54 -1.20
CA ARG A 7 -7.37 -2.39 -0.50
C ARG A 7 -6.70 -3.72 -0.20
N ALA A 8 -6.42 -3.94 1.06
CA ALA A 8 -5.77 -5.16 1.50
C ALA A 8 -6.72 -6.34 1.54
N LEU A 9 -6.28 -7.46 1.00
CA LEU A 9 -7.06 -8.69 0.99
C LEU A 9 -6.49 -9.64 2.03
N TYR A 10 -5.32 -9.26 2.53
CA TYR A 10 -4.59 -10.00 3.54
C TYR A 10 -3.85 -9.03 4.45
N ASP A 11 -3.15 -9.56 5.45
CA ASP A 11 -2.40 -8.72 6.39
C ASP A 11 -1.50 -7.71 5.66
N PHE A 12 -0.74 -6.95 6.44
CA PHE A 12 0.14 -5.92 5.87
C PHE A 12 1.60 -6.38 5.81
N GLU A 13 2.30 -5.92 4.77
CA GLU A 13 3.71 -6.28 4.57
C GLU A 13 4.63 -5.15 5.03
N ALA A 14 4.08 -4.18 5.74
CA ALA A 14 4.87 -3.06 6.23
C ALA A 14 5.84 -3.49 7.33
N LEU A 15 7.11 -3.64 6.98
CA LEU A 15 8.13 -4.05 7.94
C LEU A 15 9.17 -2.95 8.15
N GLU A 16 8.99 -1.84 7.44
CA GLU A 16 9.91 -0.71 7.55
C GLU A 16 9.49 0.24 8.67
N GLU A 17 10.23 1.32 8.86
CA GLU A 17 9.93 2.29 9.91
C GLU A 17 9.21 3.52 9.36
N ASP A 18 9.19 3.65 8.03
CA ASP A 18 8.53 4.79 7.39
C ASP A 18 7.35 4.33 6.55
N GLU A 19 6.79 3.18 6.89
CA GLU A 19 5.67 2.62 6.16
C GLU A 19 4.39 2.62 7.00
N LEU A 20 3.38 1.94 6.51
CA LEU A 20 2.10 1.82 7.20
C LEU A 20 1.53 0.42 7.00
N GLY A 21 0.96 -0.14 8.06
CA GLY A 21 0.41 -1.47 7.97
C GLY A 21 -1.10 -1.51 8.12
N PHE A 22 -1.76 -2.19 7.18
CA PHE A 22 -3.21 -2.33 7.21
C PHE A 22 -3.61 -3.74 7.62
N ARG A 23 -4.89 -4.05 7.49
CA ARG A 23 -5.39 -5.37 7.83
C ARG A 23 -6.23 -5.94 6.71
N SER A 24 -6.61 -7.22 6.84
CA SER A 24 -7.41 -7.88 5.82
C SER A 24 -8.73 -7.14 5.59
N GLY A 25 -9.04 -6.89 4.32
CA GLY A 25 -10.27 -6.20 3.98
C GLY A 25 -10.30 -4.77 4.47
N GLU A 26 -9.39 -3.93 3.98
CA GLU A 26 -9.34 -2.53 4.39
C GLU A 26 -9.00 -1.62 3.21
N VAL A 27 -9.71 -0.50 3.13
CA VAL A 27 -9.50 0.48 2.06
C VAL A 27 -8.50 1.55 2.50
N VAL A 28 -7.58 1.89 1.61
CA VAL A 28 -6.56 2.91 1.91
C VAL A 28 -6.47 3.95 0.79
N GLU A 29 -6.27 5.20 1.18
CA GLU A 29 -6.15 6.29 0.20
C GLU A 29 -4.69 6.51 -0.16
N VAL A 30 -4.33 6.16 -1.39
CA VAL A 30 -2.96 6.32 -1.86
C VAL A 30 -2.68 7.76 -2.28
N LEU A 31 -1.53 8.28 -1.87
CA LEU A 31 -1.15 9.64 -2.19
C LEU A 31 0.05 9.67 -3.14
N ASP A 32 0.59 8.50 -3.45
CA ASP A 32 1.73 8.40 -4.35
C ASP A 32 1.83 7.02 -4.98
N SER A 33 0.96 6.74 -5.94
CA SER A 33 0.95 5.46 -6.64
C SER A 33 2.09 5.38 -7.63
N SER A 34 2.85 6.46 -7.77
CA SER A 34 3.96 6.42 -8.69
C SER A 34 5.07 5.59 -8.05
N ASN A 35 5.34 4.46 -8.68
CA ASN A 35 6.36 3.51 -8.24
C ASN A 35 6.07 2.16 -8.89
N PRO A 36 7.06 1.24 -8.93
CA PRO A 36 6.88 -0.06 -9.57
C PRO A 36 6.40 -1.16 -8.63
N SER A 37 6.25 -0.86 -7.34
CA SER A 37 5.80 -1.88 -6.39
C SER A 37 5.41 -1.29 -5.05
N TRP A 38 6.15 -0.30 -4.57
CA TRP A 38 5.86 0.31 -3.28
C TRP A 38 5.34 1.74 -3.43
N TRP A 39 4.08 1.95 -3.07
CA TRP A 39 3.49 3.28 -3.14
C TRP A 39 3.23 3.82 -1.74
N THR A 40 3.41 5.13 -1.57
CA THR A 40 3.19 5.77 -0.28
C THR A 40 1.75 6.26 -0.15
N GLY A 41 1.03 5.69 0.81
CA GLY A 41 -0.36 6.08 1.03
C GLY A 41 -0.71 6.13 2.51
N ARG A 42 -1.98 6.37 2.83
CA ARG A 42 -2.40 6.44 4.23
C ARG A 42 -3.73 5.74 4.46
N LEU A 43 -3.77 4.90 5.49
CA LEU A 43 -4.99 4.15 5.85
C LEU A 43 -5.70 4.82 7.02
N HIS A 44 -6.95 5.21 6.81
CA HIS A 44 -7.74 5.83 7.87
C HIS A 44 -7.13 7.17 8.29
N ASN A 45 -6.07 7.12 9.09
CA ASN A 45 -5.40 8.33 9.54
C ASN A 45 -3.91 8.07 9.78
N LYS A 46 -3.42 6.97 9.21
CA LYS A 46 -2.02 6.60 9.34
C LYS A 46 -1.34 6.67 7.98
N LEU A 47 -0.25 7.41 7.89
CA LEU A 47 0.47 7.56 6.63
C LEU A 47 1.74 6.72 6.61
N GLY A 48 1.97 6.06 5.48
CA GLY A 48 3.15 5.22 5.34
C GLY A 48 3.12 4.37 4.08
N LEU A 49 4.28 3.80 3.74
CA LEU A 49 4.42 2.96 2.54
C LEU A 49 3.56 1.70 2.65
N PHE A 50 3.31 1.09 1.50
CA PHE A 50 2.52 -0.15 1.44
C PHE A 50 2.86 -0.96 0.19
N PRO A 51 2.63 -2.28 0.22
CA PRO A 51 2.90 -3.17 -0.93
C PRO A 51 1.81 -3.10 -1.99
N ALA A 52 2.12 -2.47 -3.13
CA ALA A 52 1.16 -2.36 -4.22
C ALA A 52 0.88 -3.72 -4.85
N ASN A 53 1.69 -4.70 -4.49
CA ASN A 53 1.54 -6.05 -5.01
C ASN A 53 0.62 -6.87 -4.11
N TYR A 54 0.68 -6.61 -2.81
CA TYR A 54 -0.15 -7.33 -1.85
C TYR A 54 -1.60 -6.86 -1.93
N VAL A 55 -1.81 -5.56 -2.09
CA VAL A 55 -3.16 -5.01 -2.16
C VAL A 55 -3.38 -4.26 -3.47
N ALA A 56 -4.64 -4.21 -3.92
CA ALA A 56 -5.00 -3.53 -5.16
C ALA A 56 -5.93 -2.34 -4.90
N PRO A 57 -5.86 -1.29 -5.75
CA PRO A 57 -6.69 -0.09 -5.59
C PRO A 57 -8.18 -0.36 -5.49
N MET A 58 -8.93 0.70 -5.25
CA MET A 58 -10.38 0.61 -5.09
C MET A 58 -11.05 1.90 -5.50
N MET A 59 -11.67 1.91 -6.67
CA MET A 59 -12.35 3.10 -7.17
C MET A 59 -13.67 3.32 -6.42
N ARG A 60 -13.68 4.31 -5.54
CA ARG A 60 -14.87 4.62 -4.76
C ARG A 60 -15.73 5.65 -5.47
N ALA B 1 -0.48 -15.74 -3.56
CA ALA B 1 0.34 -15.15 -2.47
C ALA B 1 1.31 -14.10 -3.01
N PRO B 2 0.82 -12.86 -3.20
CA PRO B 2 1.66 -11.76 -3.71
C PRO B 2 2.89 -11.52 -2.85
N SER B 3 4.06 -11.47 -3.49
CA SER B 3 5.32 -11.24 -2.77
C SER B 3 5.87 -9.86 -3.07
N ILE B 4 6.10 -9.08 -2.02
CA ILE B 4 6.63 -7.74 -2.16
C ILE B 4 8.01 -7.62 -1.51
N ASP B 5 8.92 -6.97 -2.23
CA ASP B 5 10.28 -6.77 -1.75
C ASP B 5 10.49 -5.31 -1.35
N ARG B 6 11.11 -5.11 -0.19
CA ARG B 6 11.38 -3.76 0.31
C ARG B 6 12.52 -3.11 -0.45
N SER B 7 13.16 -3.88 -1.34
CA SER B 7 14.28 -3.38 -2.14
C SER B 7 13.81 -2.48 -3.27
N THR B 8 12.51 -2.23 -3.34
CA THR B 8 11.94 -1.39 -4.38
C THR B 8 11.04 -0.30 -3.79
N LYS B 9 11.31 0.07 -2.54
CA LYS B 9 10.53 1.10 -1.87
C LYS B 9 10.62 2.44 -2.60
N PRO B 10 9.67 3.37 -2.35
CA PRO B 10 9.67 4.68 -2.99
C PRO B 10 11.02 5.38 -2.92
N ALA B 11 11.77 5.30 -4.01
CA ALA B 11 13.09 5.92 -4.08
C ALA B 11 13.23 6.79 -5.32
#